data_3K63
# 
_entry.id   3K63 
# 
_audit_conform.dict_name       mmcif_pdbx.dic 
_audit_conform.dict_version    5.398 
_audit_conform.dict_location   http://mmcif.pdb.org/dictionaries/ascii/mmcif_pdbx.dic 
# 
loop_
_database_2.database_id 
_database_2.database_code 
_database_2.pdbx_database_accession 
_database_2.pdbx_DOI 
PDB   3K63         pdb_00003k63 10.2210/pdb3k63/pdb 
RCSB  RCSB055592   ?            ?                   
WWPDB D_1000055592 ?            ?                   
# 
loop_
_pdbx_audit_revision_history.ordinal 
_pdbx_audit_revision_history.data_content_type 
_pdbx_audit_revision_history.major_revision 
_pdbx_audit_revision_history.minor_revision 
_pdbx_audit_revision_history.revision_date 
1 'Structure model' 1 0 2009-10-20 
2 'Structure model' 1 1 2011-07-13 
3 'Structure model' 1 2 2017-10-25 
4 'Structure model' 1 3 2024-11-06 
# 
_pdbx_audit_revision_details.ordinal             1 
_pdbx_audit_revision_details.revision_ordinal    1 
_pdbx_audit_revision_details.data_content_type   'Structure model' 
_pdbx_audit_revision_details.provider            repository 
_pdbx_audit_revision_details.type                'Initial release' 
_pdbx_audit_revision_details.description         ? 
_pdbx_audit_revision_details.details             ? 
# 
loop_
_pdbx_audit_revision_group.ordinal 
_pdbx_audit_revision_group.revision_ordinal 
_pdbx_audit_revision_group.data_content_type 
_pdbx_audit_revision_group.group 
1 2 'Structure model' 'Version format compliance'  
2 3 'Structure model' 'Author supporting evidence' 
3 4 'Structure model' 'Data collection'            
4 4 'Structure model' 'Database references'        
5 4 'Structure model' 'Derived calculations'       
6 4 'Structure model' 'Structure summary'          
# 
loop_
_pdbx_audit_revision_category.ordinal 
_pdbx_audit_revision_category.revision_ordinal 
_pdbx_audit_revision_category.data_content_type 
_pdbx_audit_revision_category.category 
1 3 'Structure model' pdbx_struct_assembly_auth_evidence 
2 4 'Structure model' chem_comp_atom                     
3 4 'Structure model' chem_comp_bond                     
4 4 'Structure model' database_2                         
5 4 'Structure model' pdbx_entry_details                 
6 4 'Structure model' pdbx_modification_feature          
7 4 'Structure model' struct_conn                        
# 
loop_
_pdbx_audit_revision_item.ordinal 
_pdbx_audit_revision_item.revision_ordinal 
_pdbx_audit_revision_item.data_content_type 
_pdbx_audit_revision_item.item 
1 4 'Structure model' '_database_2.pdbx_DOI'                
2 4 'Structure model' '_database_2.pdbx_database_accession' 
3 4 'Structure model' '_struct_conn.pdbx_leaving_atom_flag' 
# 
_pdbx_database_status.status_code                     REL 
_pdbx_database_status.entry_id                        3K63 
_pdbx_database_status.recvd_initial_deposition_date   2009-10-08 
_pdbx_database_status.deposit_site                    RCSB 
_pdbx_database_status.process_site                    RCSB 
_pdbx_database_status.status_code_sf                  REL 
_pdbx_database_status.status_code_mr                  ? 
_pdbx_database_status.SG_entry                        Y 
_pdbx_database_status.pdb_format_compatible           Y 
_pdbx_database_status.status_code_cs                  ? 
_pdbx_database_status.methods_development_category    ? 
_pdbx_database_status.status_code_nmr_data            ? 
# 
loop_
_pdbx_database_related.db_name 
_pdbx_database_related.db_id 
_pdbx_database_related.details 
_pdbx_database_related.content_type 
PDB      3JVC   'The same protein crystallized in different space group w/ better resolution' unspecified 
TargetDB UuR17A .                                                                             unspecified 
# 
loop_
_audit_author.name 
_audit_author.pdbx_ordinal 
'Vorobiev, S.'                                    1  
'Neely, H.'                                       2  
'Seetharaman, J.'                                 3  
'Lee, D.'                                         4  
'Ciccosanti, C.'                                  5  
'Mao, L.'                                         6  
'Xiao, R.'                                        7  
'Acton, T.B.'                                     8  
'Montelione, G.T.'                                9  
'Tong, L.'                                        10 
'Hunt, J.F.'                                      11 
'Northeast Structural Genomics Consortium (NESG)' 12 
# 
_citation.id                        primary 
_citation.title                     'X-ray structure of the PF04200 domain from Q9PRA0_UREPA protein of Ureaplasma parvum.' 
_citation.journal_abbrev            'To be Published' 
_citation.journal_volume            ? 
_citation.page_first                ? 
_citation.page_last                 ? 
_citation.year                      ? 
_citation.journal_id_ASTM           ? 
_citation.country                   ? 
_citation.journal_id_ISSN           ? 
_citation.journal_id_CSD            0353 
_citation.book_publisher            ? 
_citation.pdbx_database_id_PubMed   ? 
_citation.pdbx_database_id_DOI      ? 
# 
loop_
_citation_author.citation_id 
_citation_author.name 
_citation_author.ordinal 
_citation_author.identifier_ORCID 
primary 'Vorobiev, S.'     1  ? 
primary 'Neely, H.'        2  ? 
primary 'Seetharaman, J.'  3  ? 
primary 'Lee, D.'          4  ? 
primary 'Ciccosanti, C.'   5  ? 
primary 'Mao, L.'          6  ? 
primary 'Xiao, R.'         7  ? 
primary 'Acton, T.B.'      8  ? 
primary 'Montelione, G.T.' 9  ? 
primary 'Tong, L.'         10 ? 
primary 'Hunt, J.F.'       11 ? 
# 
loop_
_entity.id 
_entity.type 
_entity.src_method 
_entity.pdbx_description 
_entity.formula_weight 
_entity.pdbx_number_of_molecules 
_entity.pdbx_ec 
_entity.pdbx_mutation 
_entity.pdbx_fragment 
_entity.details 
1 polymer man 'Conserved hypothetical membrane lipoprotein' 14876.400 1  ? ? 'Lipoprotein_17 domain' ? 
2 water   nat water                                         18.015    14 ? ? ?                       ? 
# 
_entity_poly.entity_id                      1 
_entity_poly.type                           'polypeptide(L)' 
_entity_poly.nstd_linkage                   no 
_entity_poly.nstd_monomer                   yes 
_entity_poly.pdbx_seq_one_letter_code       
;(MSE)EDFKKIVNNIRLKDTFDFKLAAFPNQNYDQLLPSQIYKNYYQGIEIQQHKYQNELDIKIINFLYPDGDFGSANKN
GTLKLSL(MSE)LTDKKNNQVYYKLLEVSGFKSNPYGVDENGTIPGLEHHHHHH
;
_entity_poly.pdbx_seq_one_letter_code_can   
;MEDFKKIVNNIRLKDTFDFKLAAFPNQNYDQLLPSQIYKNYYQGIEIQQHKYQNELDIKIINFLYPDGDFGSANKNGTLK
LSLMLTDKKNNQVYYKLLEVSGFKSNPYGVDENGTIPGLEHHHHHH
;
_entity_poly.pdbx_strand_id                 A 
_entity_poly.pdbx_target_identifier         UuR17A 
# 
_pdbx_entity_nonpoly.entity_id   2 
_pdbx_entity_nonpoly.name        water 
_pdbx_entity_nonpoly.comp_id     HOH 
# 
loop_
_entity_poly_seq.entity_id 
_entity_poly_seq.num 
_entity_poly_seq.mon_id 
_entity_poly_seq.hetero 
1 1   MSE n 
1 2   GLU n 
1 3   ASP n 
1 4   PHE n 
1 5   LYS n 
1 6   LYS n 
1 7   ILE n 
1 8   VAL n 
1 9   ASN n 
1 10  ASN n 
1 11  ILE n 
1 12  ARG n 
1 13  LEU n 
1 14  LYS n 
1 15  ASP n 
1 16  THR n 
1 17  PHE n 
1 18  ASP n 
1 19  PHE n 
1 20  LYS n 
1 21  LEU n 
1 22  ALA n 
1 23  ALA n 
1 24  PHE n 
1 25  PRO n 
1 26  ASN n 
1 27  GLN n 
1 28  ASN n 
1 29  TYR n 
1 30  ASP n 
1 31  GLN n 
1 32  LEU n 
1 33  LEU n 
1 34  PRO n 
1 35  SER n 
1 36  GLN n 
1 37  ILE n 
1 38  TYR n 
1 39  LYS n 
1 40  ASN n 
1 41  TYR n 
1 42  TYR n 
1 43  GLN n 
1 44  GLY n 
1 45  ILE n 
1 46  GLU n 
1 47  ILE n 
1 48  GLN n 
1 49  GLN n 
1 50  HIS n 
1 51  LYS n 
1 52  TYR n 
1 53  GLN n 
1 54  ASN n 
1 55  GLU n 
1 56  LEU n 
1 57  ASP n 
1 58  ILE n 
1 59  LYS n 
1 60  ILE n 
1 61  ILE n 
1 62  ASN n 
1 63  PHE n 
1 64  LEU n 
1 65  TYR n 
1 66  PRO n 
1 67  ASP n 
1 68  GLY n 
1 69  ASP n 
1 70  PHE n 
1 71  GLY n 
1 72  SER n 
1 73  ALA n 
1 74  ASN n 
1 75  LYS n 
1 76  ASN n 
1 77  GLY n 
1 78  THR n 
1 79  LEU n 
1 80  LYS n 
1 81  LEU n 
1 82  SER n 
1 83  LEU n 
1 84  MSE n 
1 85  LEU n 
1 86  THR n 
1 87  ASP n 
1 88  LYS n 
1 89  LYS n 
1 90  ASN n 
1 91  ASN n 
1 92  GLN n 
1 93  VAL n 
1 94  TYR n 
1 95  TYR n 
1 96  LYS n 
1 97  LEU n 
1 98  LEU n 
1 99  GLU n 
1 100 VAL n 
1 101 SER n 
1 102 GLY n 
1 103 PHE n 
1 104 LYS n 
1 105 SER n 
1 106 ASN n 
1 107 PRO n 
1 108 TYR n 
1 109 GLY n 
1 110 VAL n 
1 111 ASP n 
1 112 GLU n 
1 113 ASN n 
1 114 GLY n 
1 115 THR n 
1 116 ILE n 
1 117 PRO n 
1 118 GLY n 
1 119 LEU n 
1 120 GLU n 
1 121 HIS n 
1 122 HIS n 
1 123 HIS n 
1 124 HIS n 
1 125 HIS n 
1 126 HIS n 
# 
_entity_src_gen.entity_id                          1 
_entity_src_gen.pdbx_src_id                        1 
_entity_src_gen.pdbx_alt_source_flag               sample 
_entity_src_gen.pdbx_seq_type                      ? 
_entity_src_gen.pdbx_beg_seq_num                   ? 
_entity_src_gen.pdbx_end_seq_num                   ? 
_entity_src_gen.gene_src_common_name               'Ureaplasma urealyticum biotype 1' 
_entity_src_gen.gene_src_genus                     ? 
_entity_src_gen.pdbx_gene_src_gene                 UU045 
_entity_src_gen.gene_src_species                   ? 
_entity_src_gen.gene_src_strain                    'ATCC 700970 / SEROVAR 3' 
_entity_src_gen.gene_src_tissue                    ? 
_entity_src_gen.gene_src_tissue_fraction           ? 
_entity_src_gen.gene_src_details                   ? 
_entity_src_gen.pdbx_gene_src_fragment             ? 
_entity_src_gen.pdbx_gene_src_scientific_name      'Ureaplasma parvum' 
_entity_src_gen.pdbx_gene_src_ncbi_taxonomy_id     134821 
_entity_src_gen.pdbx_gene_src_variant              ? 
_entity_src_gen.pdbx_gene_src_cell_line            ? 
_entity_src_gen.pdbx_gene_src_atcc                 ? 
_entity_src_gen.pdbx_gene_src_organ                ? 
_entity_src_gen.pdbx_gene_src_organelle            ? 
_entity_src_gen.pdbx_gene_src_cell                 ? 
_entity_src_gen.pdbx_gene_src_cellular_location    ? 
_entity_src_gen.host_org_common_name               ? 
_entity_src_gen.pdbx_host_org_scientific_name      'Escherichia coli BL21(DE3)' 
_entity_src_gen.pdbx_host_org_ncbi_taxonomy_id     469008 
_entity_src_gen.host_org_genus                     ? 
_entity_src_gen.pdbx_host_org_gene                 ? 
_entity_src_gen.pdbx_host_org_organ                ? 
_entity_src_gen.host_org_species                   ? 
_entity_src_gen.pdbx_host_org_tissue               ? 
_entity_src_gen.pdbx_host_org_tissue_fraction      ? 
_entity_src_gen.pdbx_host_org_strain               'BL21 (DE3) +MAGIC' 
_entity_src_gen.pdbx_host_org_variant              ? 
_entity_src_gen.pdbx_host_org_cell_line            ? 
_entity_src_gen.pdbx_host_org_atcc                 ? 
_entity_src_gen.pdbx_host_org_culture_collection   ? 
_entity_src_gen.pdbx_host_org_cell                 ? 
_entity_src_gen.pdbx_host_org_organelle            ? 
_entity_src_gen.pdbx_host_org_cellular_location    ? 
_entity_src_gen.pdbx_host_org_vector_type          plasmid 
_entity_src_gen.pdbx_host_org_vector               ? 
_entity_src_gen.host_org_details                   ? 
_entity_src_gen.expression_system_id               ? 
_entity_src_gen.plasmid_name                       'PET 21-23C' 
_entity_src_gen.plasmid_details                    ? 
_entity_src_gen.pdbx_description                   ? 
# 
loop_
_chem_comp.id 
_chem_comp.type 
_chem_comp.mon_nstd_flag 
_chem_comp.name 
_chem_comp.pdbx_synonyms 
_chem_comp.formula 
_chem_comp.formula_weight 
ALA 'L-peptide linking' y ALANINE          ? 'C3 H7 N O2'     89.093  
ARG 'L-peptide linking' y ARGININE         ? 'C6 H15 N4 O2 1' 175.209 
ASN 'L-peptide linking' y ASPARAGINE       ? 'C4 H8 N2 O3'    132.118 
ASP 'L-peptide linking' y 'ASPARTIC ACID'  ? 'C4 H7 N O4'     133.103 
GLN 'L-peptide linking' y GLUTAMINE        ? 'C5 H10 N2 O3'   146.144 
GLU 'L-peptide linking' y 'GLUTAMIC ACID'  ? 'C5 H9 N O4'     147.129 
GLY 'peptide linking'   y GLYCINE          ? 'C2 H5 N O2'     75.067  
HIS 'L-peptide linking' y HISTIDINE        ? 'C6 H10 N3 O2 1' 156.162 
HOH non-polymer         . WATER            ? 'H2 O'           18.015  
ILE 'L-peptide linking' y ISOLEUCINE       ? 'C6 H13 N O2'    131.173 
LEU 'L-peptide linking' y LEUCINE          ? 'C6 H13 N O2'    131.173 
LYS 'L-peptide linking' y LYSINE           ? 'C6 H15 N2 O2 1' 147.195 
MSE 'L-peptide linking' n SELENOMETHIONINE ? 'C5 H11 N O2 Se' 196.106 
PHE 'L-peptide linking' y PHENYLALANINE    ? 'C9 H11 N O2'    165.189 
PRO 'L-peptide linking' y PROLINE          ? 'C5 H9 N O2'     115.130 
SER 'L-peptide linking' y SERINE           ? 'C3 H7 N O3'     105.093 
THR 'L-peptide linking' y THREONINE        ? 'C4 H9 N O3'     119.119 
TYR 'L-peptide linking' y TYROSINE         ? 'C9 H11 N O3'    181.189 
VAL 'L-peptide linking' y VALINE           ? 'C5 H11 N O2'    117.146 
# 
loop_
_pdbx_poly_seq_scheme.asym_id 
_pdbx_poly_seq_scheme.entity_id 
_pdbx_poly_seq_scheme.seq_id 
_pdbx_poly_seq_scheme.mon_id 
_pdbx_poly_seq_scheme.ndb_seq_num 
_pdbx_poly_seq_scheme.pdb_seq_num 
_pdbx_poly_seq_scheme.auth_seq_num 
_pdbx_poly_seq_scheme.pdb_mon_id 
_pdbx_poly_seq_scheme.auth_mon_id 
_pdbx_poly_seq_scheme.pdb_strand_id 
_pdbx_poly_seq_scheme.pdb_ins_code 
_pdbx_poly_seq_scheme.hetero 
A 1 1   MSE 1   132 132 MSE MSE A . n 
A 1 2   GLU 2   133 133 GLU GLU A . n 
A 1 3   ASP 3   134 134 ASP ASP A . n 
A 1 4   PHE 4   135 135 PHE PHE A . n 
A 1 5   LYS 5   136 136 LYS LYS A . n 
A 1 6   LYS 6   137 137 LYS LYS A . n 
A 1 7   ILE 7   138 138 ILE ILE A . n 
A 1 8   VAL 8   139 139 VAL VAL A . n 
A 1 9   ASN 9   140 140 ASN ASN A . n 
A 1 10  ASN 10  141 141 ASN ASN A . n 
A 1 11  ILE 11  142 142 ILE ILE A . n 
A 1 12  ARG 12  143 143 ARG ARG A . n 
A 1 13  LEU 13  144 144 LEU LEU A . n 
A 1 14  LYS 14  145 145 LYS LYS A . n 
A 1 15  ASP 15  146 146 ASP ASP A . n 
A 1 16  THR 16  147 147 THR THR A . n 
A 1 17  PHE 17  148 148 PHE PHE A . n 
A 1 18  ASP 18  149 149 ASP ASP A . n 
A 1 19  PHE 19  150 150 PHE PHE A . n 
A 1 20  LYS 20  151 151 LYS LYS A . n 
A 1 21  LEU 21  152 152 LEU LEU A . n 
A 1 22  ALA 22  153 153 ALA ALA A . n 
A 1 23  ALA 23  154 154 ALA ALA A . n 
A 1 24  PHE 24  155 155 PHE PHE A . n 
A 1 25  PRO 25  156 156 PRO PRO A . n 
A 1 26  ASN 26  157 157 ASN ASN A . n 
A 1 27  GLN 27  158 158 GLN GLN A . n 
A 1 28  ASN 28  159 159 ASN ASN A . n 
A 1 29  TYR 29  160 160 TYR TYR A . n 
A 1 30  ASP 30  161 161 ASP ASP A . n 
A 1 31  GLN 31  162 162 GLN GLN A . n 
A 1 32  LEU 32  163 163 LEU LEU A . n 
A 1 33  LEU 33  164 164 LEU LEU A . n 
A 1 34  PRO 34  165 165 PRO PRO A . n 
A 1 35  SER 35  166 166 SER SER A . n 
A 1 36  GLN 36  167 167 GLN GLN A . n 
A 1 37  ILE 37  168 168 ILE ILE A . n 
A 1 38  TYR 38  169 169 TYR TYR A . n 
A 1 39  LYS 39  170 170 LYS LYS A . n 
A 1 40  ASN 40  171 171 ASN ASN A . n 
A 1 41  TYR 41  172 172 TYR TYR A . n 
A 1 42  TYR 42  173 173 TYR TYR A . n 
A 1 43  GLN 43  174 174 GLN GLN A . n 
A 1 44  GLY 44  175 175 GLY GLY A . n 
A 1 45  ILE 45  176 176 ILE ILE A . n 
A 1 46  GLU 46  177 177 GLU GLU A . n 
A 1 47  ILE 47  178 178 ILE ILE A . n 
A 1 48  GLN 48  179 179 GLN GLN A . n 
A 1 49  GLN 49  180 180 GLN GLN A . n 
A 1 50  HIS 50  181 181 HIS HIS A . n 
A 1 51  LYS 51  182 182 LYS LYS A . n 
A 1 52  TYR 52  183 183 TYR TYR A . n 
A 1 53  GLN 53  184 184 GLN GLN A . n 
A 1 54  ASN 54  185 185 ASN ASN A . n 
A 1 55  GLU 55  186 186 GLU GLU A . n 
A 1 56  LEU 56  187 187 LEU LEU A . n 
A 1 57  ASP 57  188 188 ASP ASP A . n 
A 1 58  ILE 58  189 189 ILE ILE A . n 
A 1 59  LYS 59  190 190 LYS LYS A . n 
A 1 60  ILE 60  191 191 ILE ILE A . n 
A 1 61  ILE 61  192 192 ILE ILE A . n 
A 1 62  ASN 62  193 193 ASN ASN A . n 
A 1 63  PHE 63  194 194 PHE PHE A . n 
A 1 64  LEU 64  195 195 LEU LEU A . n 
A 1 65  TYR 65  196 196 TYR TYR A . n 
A 1 66  PRO 66  197 197 PRO PRO A . n 
A 1 67  ASP 67  198 198 ASP ASP A . n 
A 1 68  GLY 68  199 199 GLY GLY A . n 
A 1 69  ASP 69  200 200 ASP ASP A . n 
A 1 70  PHE 70  201 201 PHE PHE A . n 
A 1 71  GLY 71  202 202 GLY GLY A . n 
A 1 72  SER 72  203 203 SER SER A . n 
A 1 73  ALA 73  204 204 ALA ALA A . n 
A 1 74  ASN 74  205 205 ASN ASN A . n 
A 1 75  LYS 75  206 206 LYS LYS A . n 
A 1 76  ASN 76  207 207 ASN ASN A . n 
A 1 77  GLY 77  208 208 GLY GLY A . n 
A 1 78  THR 78  209 209 THR THR A . n 
A 1 79  LEU 79  210 210 LEU LEU A . n 
A 1 80  LYS 80  211 211 LYS LYS A . n 
A 1 81  LEU 81  212 212 LEU LEU A . n 
A 1 82  SER 82  213 213 SER SER A . n 
A 1 83  LEU 83  214 214 LEU LEU A . n 
A 1 84  MSE 84  215 215 MSE MSE A . n 
A 1 85  LEU 85  216 216 LEU LEU A . n 
A 1 86  THR 86  217 217 THR THR A . n 
A 1 87  ASP 87  218 218 ASP ASP A . n 
A 1 88  LYS 88  219 219 LYS LYS A . n 
A 1 89  LYS 89  220 220 LYS LYS A . n 
A 1 90  ASN 90  221 221 ASN ASN A . n 
A 1 91  ASN 91  222 222 ASN ASN A . n 
A 1 92  GLN 92  223 223 GLN GLN A . n 
A 1 93  VAL 93  224 224 VAL VAL A . n 
A 1 94  TYR 94  225 225 TYR TYR A . n 
A 1 95  TYR 95  226 226 TYR TYR A . n 
A 1 96  LYS 96  227 227 LYS LYS A . n 
A 1 97  LEU 97  228 228 LEU LEU A . n 
A 1 98  LEU 98  229 229 LEU LEU A . n 
A 1 99  GLU 99  230 230 GLU GLU A . n 
A 1 100 VAL 100 231 231 VAL VAL A . n 
A 1 101 SER 101 232 232 SER SER A . n 
A 1 102 GLY 102 233 233 GLY GLY A . n 
A 1 103 PHE 103 234 234 PHE PHE A . n 
A 1 104 LYS 104 235 235 LYS LYS A . n 
A 1 105 SER 105 236 236 SER SER A . n 
A 1 106 ASN 106 237 237 ASN ASN A . n 
A 1 107 PRO 107 238 238 PRO PRO A . n 
A 1 108 TYR 108 239 239 TYR TYR A . n 
A 1 109 GLY 109 240 240 GLY GLY A . n 
A 1 110 VAL 110 241 241 VAL VAL A . n 
A 1 111 ASP 111 242 242 ASP ASP A . n 
A 1 112 GLU 112 243 243 GLU GLU A . n 
A 1 113 ASN 113 244 244 ASN ASN A . n 
A 1 114 GLY 114 245 245 GLY GLY A . n 
A 1 115 THR 115 246 246 THR THR A . n 
A 1 116 ILE 116 247 247 ILE ILE A . n 
A 1 117 PRO 117 248 248 PRO PRO A . n 
A 1 118 GLY 118 249 249 GLY GLY A . n 
A 1 119 LEU 119 250 250 LEU LEU A . n 
A 1 120 GLU 120 251 251 GLU GLU A . n 
A 1 121 HIS 121 252 ?   ?   ?   A . n 
A 1 122 HIS 122 253 ?   ?   ?   A . n 
A 1 123 HIS 123 254 ?   ?   ?   A . n 
A 1 124 HIS 124 255 ?   ?   ?   A . n 
A 1 125 HIS 125 256 ?   ?   ?   A . n 
A 1 126 HIS 126 257 ?   ?   ?   A . n 
# 
loop_
_pdbx_nonpoly_scheme.asym_id 
_pdbx_nonpoly_scheme.entity_id 
_pdbx_nonpoly_scheme.mon_id 
_pdbx_nonpoly_scheme.ndb_seq_num 
_pdbx_nonpoly_scheme.pdb_seq_num 
_pdbx_nonpoly_scheme.auth_seq_num 
_pdbx_nonpoly_scheme.pdb_mon_id 
_pdbx_nonpoly_scheme.auth_mon_id 
_pdbx_nonpoly_scheme.pdb_strand_id 
_pdbx_nonpoly_scheme.pdb_ins_code 
B 2 HOH 1  301 301 HOH WAT A . 
B 2 HOH 2  302 302 HOH WAT A . 
B 2 HOH 3  303 303 HOH WAT A . 
B 2 HOH 4  305 305 HOH WAT A . 
B 2 HOH 5  306 306 HOH WAT A . 
B 2 HOH 6  307 307 HOH WAT A . 
B 2 HOH 7  308 308 HOH WAT A . 
B 2 HOH 8  310 310 HOH WAT A . 
B 2 HOH 9  311 311 HOH WAT A . 
B 2 HOH 10 312 312 HOH WAT A . 
B 2 HOH 11 313 313 HOH WAT A . 
B 2 HOH 12 314 314 HOH WAT A . 
B 2 HOH 13 315 315 HOH WAT A . 
B 2 HOH 14 316 316 HOH WAT A . 
# 
loop_
_software.name 
_software.classification 
_software.version 
_software.citation_id 
_software.pdbx_ordinal 
HKL-2000  'data collection' .                        ? 1 
SHELX     'model building'  D/E                      ? 2 
RESOLVE   'model building'  .                        ? 3 
PHENIX    refinement        '(phenix.refine: 1.5_2)' ? 4 
DENZO     'data reduction'  .                        ? 5 
SCALEPACK 'data scaling'    .                        ? 6 
SHELX     phasing           D/E                      ? 7 
RESOLVE   phasing           .                        ? 8 
# 
_cell.entry_id           3K63 
_cell.length_a           60.557 
_cell.length_b           60.557 
_cell.length_c           64.716 
_cell.angle_alpha        90.00 
_cell.angle_beta         90.00 
_cell.angle_gamma        120.00 
_cell.Z_PDB              6 
_cell.pdbx_unique_axis   ? 
_cell.length_a_esd       ? 
_cell.length_b_esd       ? 
_cell.length_c_esd       ? 
_cell.angle_alpha_esd    ? 
_cell.angle_beta_esd     ? 
_cell.angle_gamma_esd    ? 
# 
_symmetry.entry_id                         3K63 
_symmetry.space_group_name_H-M             'P 32 2 1' 
_symmetry.pdbx_full_space_group_name_H-M   ? 
_symmetry.cell_setting                     ? 
_symmetry.Int_Tables_number                154 
_symmetry.space_group_name_Hall            ? 
# 
_exptl.entry_id          3K63 
_exptl.method            'X-RAY DIFFRACTION' 
_exptl.crystals_number   1 
# 
_exptl_crystal.id                    1 
_exptl_crystal.density_meas          ? 
_exptl_crystal.density_Matthews      2.30 
_exptl_crystal.density_percent_sol   46.58 
_exptl_crystal.description           ? 
_exptl_crystal.F_000                 ? 
_exptl_crystal.preparation           ? 
# 
_exptl_crystal_grow.crystal_id      1 
_exptl_crystal_grow.method          'MICROBATCH UNDER PARAFFIN OIL' 
_exptl_crystal_grow.temp            291 
_exptl_crystal_grow.temp_details    ? 
_exptl_crystal_grow.pH              7.5 
_exptl_crystal_grow.pdbx_details    '40% PEG 8000, 0.1M KBr, 0.1M HEPES pH 7.5, MICROBATCH UNDER PARAFFIN OIL, temperature 291K' 
_exptl_crystal_grow.pdbx_pH_range   ? 
# 
_diffrn.id                     1 
_diffrn.ambient_temp           100 
_diffrn.ambient_temp_details   ? 
_diffrn.crystal_id             1 
# 
_diffrn_detector.diffrn_id              1 
_diffrn_detector.detector               CCD 
_diffrn_detector.type                   'ADSC QUANTUM 4' 
_diffrn_detector.pdbx_collection_date   2009-09-09 
_diffrn_detector.details                ? 
# 
_diffrn_radiation.diffrn_id                        1 
_diffrn_radiation.wavelength_id                    1 
_diffrn_radiation.pdbx_monochromatic_or_laue_m_l   M 
_diffrn_radiation.monochromator                    ? 
_diffrn_radiation.pdbx_diffrn_protocol             'SINGLE WAVELENGTH' 
_diffrn_radiation.pdbx_scattering_type             x-ray 
# 
_diffrn_radiation_wavelength.id           1 
_diffrn_radiation_wavelength.wavelength   0.97908 
_diffrn_radiation_wavelength.wt           1.0 
# 
_diffrn_source.diffrn_id                   1 
_diffrn_source.source                      SYNCHROTRON 
_diffrn_source.type                        'NSLS BEAMLINE X4A' 
_diffrn_source.pdbx_synchrotron_site       NSLS 
_diffrn_source.pdbx_synchrotron_beamline   X4A 
_diffrn_source.pdbx_wavelength             ? 
_diffrn_source.pdbx_wavelength_list        0.97908 
# 
_reflns.entry_id                     3K63 
_reflns.observed_criterion_sigma_I   0.0 
_reflns.observed_criterion_sigma_F   0.0 
_reflns.d_resolution_low             50.0 
_reflns.d_resolution_high            2.494 
_reflns.number_obs                   9252 
_reflns.number_all                   9299 
_reflns.percent_possible_obs         99.5 
_reflns.pdbx_Rmerge_I_obs            0.089 
_reflns.pdbx_Rsym_value              ? 
_reflns.pdbx_netI_over_sigmaI        36.8 
_reflns.B_iso_Wilson_estimate        ? 
_reflns.pdbx_redundancy              11.2 
_reflns.R_free_details               ? 
_reflns.limit_h_max                  ? 
_reflns.limit_h_min                  ? 
_reflns.limit_k_max                  ? 
_reflns.limit_k_min                  ? 
_reflns.limit_l_max                  ? 
_reflns.limit_l_min                  ? 
_reflns.observed_criterion_F_max     ? 
_reflns.observed_criterion_F_min     ? 
_reflns.pdbx_chi_squared             ? 
_reflns.pdbx_scaling_rejects         ? 
_reflns.pdbx_diffrn_id               1 
_reflns.pdbx_ordinal                 1 
# 
_reflns_shell.d_res_high             2.50 
_reflns_shell.d_res_low              2.59 
_reflns_shell.percent_possible_all   97.9 
_reflns_shell.Rmerge_I_obs           0.812 
_reflns_shell.pdbx_Rsym_value        ? 
_reflns_shell.meanI_over_sigI_obs    3.65 
_reflns_shell.pdbx_redundancy        10.6 
_reflns_shell.percent_possible_obs   ? 
_reflns_shell.number_unique_all      933 
_reflns_shell.number_measured_all    ? 
_reflns_shell.number_measured_obs    ? 
_reflns_shell.number_unique_obs      ? 
_reflns_shell.pdbx_chi_squared       ? 
_reflns_shell.pdbx_diffrn_id         ? 
_reflns_shell.pdbx_ordinal           1 
# 
_refine.entry_id                                 3K63 
_refine.ls_number_reflns_obs                     9232 
_refine.ls_number_reflns_all                     ? 
_refine.pdbx_ls_sigma_I                          ? 
_refine.pdbx_ls_sigma_F                          1.27 
_refine.pdbx_data_cutoff_high_absF               ? 
_refine.pdbx_data_cutoff_low_absF                ? 
_refine.pdbx_data_cutoff_high_rms_absF           ? 
_refine.ls_d_res_low                             27.538 
_refine.ls_d_res_high                            2.494 
_refine.ls_percent_reflns_obs                    99.50 
_refine.ls_R_factor_obs                          0.2147 
_refine.ls_R_factor_all                          ? 
_refine.ls_R_factor_R_work                       0.2131 
_refine.ls_R_factor_R_free                       0.2480 
_refine.ls_R_factor_R_free_error                 ? 
_refine.ls_R_factor_R_free_error_details         ? 
_refine.ls_percent_reflns_R_free                 4.61 
_refine.ls_number_reflns_R_free                  426 
_refine.ls_number_parameters                     ? 
_refine.ls_number_restraints                     ? 
_refine.occupancy_min                            ? 
_refine.occupancy_max                            ? 
_refine.correlation_coeff_Fo_to_Fc               ? 
_refine.correlation_coeff_Fo_to_Fc_free          ? 
_refine.B_iso_mean                               ? 
_refine.aniso_B[1][1]                            ? 
_refine.aniso_B[2][2]                            ? 
_refine.aniso_B[3][3]                            ? 
_refine.aniso_B[1][2]                            ? 
_refine.aniso_B[1][3]                            ? 
_refine.aniso_B[2][3]                            ? 
_refine.solvent_model_details                    'FLAT BULK SOLVENT MODEL' 
_refine.solvent_model_param_ksol                 0.289 
_refine.solvent_model_param_bsol                 27.652 
_refine.pdbx_solvent_vdw_probe_radii             1.11 
_refine.pdbx_solvent_ion_probe_radii             ? 
_refine.pdbx_solvent_shrinkage_radii             0.90 
_refine.pdbx_ls_cross_valid_method               THROUGHOUT 
_refine.details                                  ? 
_refine.pdbx_starting_model                      ? 
_refine.pdbx_method_to_determine_struct          SAD 
_refine.pdbx_isotropic_thermal_model             ? 
_refine.pdbx_stereochemistry_target_values       ML 
_refine.pdbx_stereochem_target_val_spec_case     ? 
_refine.pdbx_R_Free_selection_details            RANDOM 
_refine.pdbx_overall_ESU_R                       ? 
_refine.pdbx_overall_ESU_R_Free                  ? 
_refine.overall_SU_ML                            0.41 
_refine.overall_SU_B                             ? 
_refine.ls_redundancy_reflns_obs                 ? 
_refine.B_iso_min                                ? 
_refine.B_iso_max                                ? 
_refine.overall_SU_R_Cruickshank_DPI             ? 
_refine.overall_SU_R_free                        ? 
_refine.ls_wR_factor_R_free                      ? 
_refine.ls_wR_factor_R_work                      ? 
_refine.overall_FOM_free_R_set                   ? 
_refine.overall_FOM_work_R_set                   ? 
_refine.pdbx_overall_phase_error                 ? 
_refine.pdbx_refine_id                           'X-RAY DIFFRACTION' 
_refine.pdbx_diffrn_id                           1 
_refine.pdbx_TLS_residual_ADP_flag               ? 
_refine.pdbx_overall_SU_R_free_Cruickshank_DPI   ? 
_refine.pdbx_overall_SU_R_Blow_DPI               ? 
_refine.pdbx_overall_SU_R_free_Blow_DPI          ? 
# 
_refine_hist.pdbx_refine_id                   'X-RAY DIFFRACTION' 
_refine_hist.cycle_id                         LAST 
_refine_hist.pdbx_number_atoms_protein        985 
_refine_hist.pdbx_number_atoms_nucleic_acid   0 
_refine_hist.pdbx_number_atoms_ligand         0 
_refine_hist.number_atoms_solvent             14 
_refine_hist.number_atoms_total               999 
_refine_hist.d_res_high                       2.494 
_refine_hist.d_res_low                        27.538 
# 
loop_
_refine_ls_restr.type 
_refine_ls_restr.dev_ideal 
_refine_ls_restr.dev_ideal_target 
_refine_ls_restr.weight 
_refine_ls_restr.number 
_refine_ls_restr.pdbx_refine_id 
_refine_ls_restr.pdbx_restraint_function 
f_bond_d           0.008  ? ? 1006 'X-RAY DIFFRACTION' ? 
f_angle_d          1.639  ? ? 1357 'X-RAY DIFFRACTION' ? 
f_dihedral_angle_d 21.267 ? ? 374  'X-RAY DIFFRACTION' ? 
f_chiral_restr     0.112  ? ? 143  'X-RAY DIFFRACTION' ? 
f_plane_restr      0.009  ? ? 178  'X-RAY DIFFRACTION' ? 
# 
loop_
_refine_ls_shell.pdbx_total_number_of_bins_used 
_refine_ls_shell.d_res_high 
_refine_ls_shell.d_res_low 
_refine_ls_shell.number_reflns_R_work 
_refine_ls_shell.R_factor_R_work 
_refine_ls_shell.percent_reflns_obs 
_refine_ls_shell.R_factor_R_free 
_refine_ls_shell.R_factor_R_free_error 
_refine_ls_shell.percent_reflns_R_free 
_refine_ls_shell.number_reflns_R_free 
_refine_ls_shell.number_reflns_all 
_refine_ls_shell.R_factor_all 
_refine_ls_shell.number_reflns_obs 
_refine_ls_shell.redundancy_reflns_obs 
_refine_ls_shell.pdbx_refine_id 
. 2.4944 2.8550  2955 0.2851 99.00  0.3652 . . 141 . . . . 'X-RAY DIFFRACTION' 
. 2.8550 3.5958  2912 0.2322 100.00 0.3074 . . 152 . . . . 'X-RAY DIFFRACTION' 
. 3.5958 27.5397 2939 0.1852 99.00  0.1996 . . 133 . . . . 'X-RAY DIFFRACTION' 
# 
_struct.entry_id                  3K63 
_struct.title                     
'X-ray structure of the PF04200 domain from Q9PRA0_UREPA protein of Ureaplasma parvum. NESG target UuR17a.' 
_struct.pdbx_model_details        ? 
_struct.pdbx_CASP_flag            ? 
_struct.pdbx_model_type_details   ? 
# 
_struct_keywords.entry_id        3K63 
_struct_keywords.pdbx_keywords   'LIPID BINDING PROTEIN' 
_struct_keywords.text            
;LIPOPROTEIN-17, Q9PRA0, PF04200, DUF1976, UUR17A, NESG., Structural Genomics, PSI-2, Protein Structure Initiative, Northeast Structural Genomics Consortium, Lipoprotein, LIPID BINDING PROTEIN
;
# 
loop_
_struct_asym.id 
_struct_asym.pdbx_blank_PDB_chainid_flag 
_struct_asym.pdbx_modified 
_struct_asym.entity_id 
_struct_asym.details 
A N N 1 ? 
B N N 2 ? 
# 
_struct_ref.id                         1 
_struct_ref.db_name                    UNP 
_struct_ref.db_code                    Q9PRA0_UREPA 
_struct_ref.pdbx_db_accession          Q9PRA0 
_struct_ref.entity_id                  1 
_struct_ref.pdbx_seq_one_letter_code   
;EDFKKIVNNIRLKDTFDFKLAAFPNQNYDQLLPSQIYKNYYQGIEIQQHKYQNELDIKIINFLYPDGDFGSANKNGTLKL
SLMLTDKKNNQVYYKLLEVSGFKSNPYGVDENGTIPG
;
_struct_ref.pdbx_align_begin           133 
_struct_ref.pdbx_db_isoform            ? 
# 
_struct_ref_seq.align_id                      1 
_struct_ref_seq.ref_id                        1 
_struct_ref_seq.pdbx_PDB_id_code              3K63 
_struct_ref_seq.pdbx_strand_id                A 
_struct_ref_seq.seq_align_beg                 2 
_struct_ref_seq.pdbx_seq_align_beg_ins_code   ? 
_struct_ref_seq.seq_align_end                 118 
_struct_ref_seq.pdbx_seq_align_end_ins_code   ? 
_struct_ref_seq.pdbx_db_accession             Q9PRA0 
_struct_ref_seq.db_align_beg                  133 
_struct_ref_seq.pdbx_db_align_beg_ins_code    ? 
_struct_ref_seq.db_align_end                  249 
_struct_ref_seq.pdbx_db_align_end_ins_code    ? 
_struct_ref_seq.pdbx_auth_seq_align_beg       133 
_struct_ref_seq.pdbx_auth_seq_align_end       249 
# 
loop_
_struct_ref_seq_dif.align_id 
_struct_ref_seq_dif.pdbx_pdb_id_code 
_struct_ref_seq_dif.mon_id 
_struct_ref_seq_dif.pdbx_pdb_strand_id 
_struct_ref_seq_dif.seq_num 
_struct_ref_seq_dif.pdbx_pdb_ins_code 
_struct_ref_seq_dif.pdbx_seq_db_name 
_struct_ref_seq_dif.pdbx_seq_db_accession_code 
_struct_ref_seq_dif.db_mon_id 
_struct_ref_seq_dif.pdbx_seq_db_seq_num 
_struct_ref_seq_dif.details 
_struct_ref_seq_dif.pdbx_auth_seq_num 
_struct_ref_seq_dif.pdbx_ordinal 
1 3K63 MSE A 1   ? UNP Q9PRA0 ? ? 'expression tag' 132 1 
1 3K63 LEU A 119 ? UNP Q9PRA0 ? ? 'expression tag' 250 2 
1 3K63 GLU A 120 ? UNP Q9PRA0 ? ? 'expression tag' 251 3 
1 3K63 HIS A 121 ? UNP Q9PRA0 ? ? 'expression tag' 252 4 
1 3K63 HIS A 122 ? UNP Q9PRA0 ? ? 'expression tag' 253 5 
1 3K63 HIS A 123 ? UNP Q9PRA0 ? ? 'expression tag' 254 6 
1 3K63 HIS A 124 ? UNP Q9PRA0 ? ? 'expression tag' 255 7 
1 3K63 HIS A 125 ? UNP Q9PRA0 ? ? 'expression tag' 256 8 
1 3K63 HIS A 126 ? UNP Q9PRA0 ? ? 'expression tag' 257 9 
# 
_pdbx_struct_assembly.id                   1 
_pdbx_struct_assembly.details              author_and_software_defined_assembly 
_pdbx_struct_assembly.method_details       PISA 
_pdbx_struct_assembly.oligomeric_details   monomeric 
_pdbx_struct_assembly.oligomeric_count     1 
# 
_pdbx_struct_assembly_gen.assembly_id       1 
_pdbx_struct_assembly_gen.oper_expression   1 
_pdbx_struct_assembly_gen.asym_id_list      A,B 
# 
_pdbx_struct_assembly_auth_evidence.id                     1 
_pdbx_struct_assembly_auth_evidence.assembly_id            1 
_pdbx_struct_assembly_auth_evidence.experimental_support   'gel filtration' 
_pdbx_struct_assembly_auth_evidence.details                ? 
# 
_pdbx_struct_oper_list.id                   1 
_pdbx_struct_oper_list.type                 'identity operation' 
_pdbx_struct_oper_list.name                 1_555 
_pdbx_struct_oper_list.symmetry_operation   x,y,z 
_pdbx_struct_oper_list.matrix[1][1]         1.0000000000 
_pdbx_struct_oper_list.matrix[1][2]         0.0000000000 
_pdbx_struct_oper_list.matrix[1][3]         0.0000000000 
_pdbx_struct_oper_list.vector[1]            0.0000000000 
_pdbx_struct_oper_list.matrix[2][1]         0.0000000000 
_pdbx_struct_oper_list.matrix[2][2]         1.0000000000 
_pdbx_struct_oper_list.matrix[2][3]         0.0000000000 
_pdbx_struct_oper_list.vector[2]            0.0000000000 
_pdbx_struct_oper_list.matrix[3][1]         0.0000000000 
_pdbx_struct_oper_list.matrix[3][2]         0.0000000000 
_pdbx_struct_oper_list.matrix[3][3]         1.0000000000 
_pdbx_struct_oper_list.vector[3]            0.0000000000 
# 
_struct_biol.id        1 
_struct_biol.details   'monomer according to gel-filtration' 
# 
loop_
_struct_conf.conf_type_id 
_struct_conf.id 
_struct_conf.pdbx_PDB_helix_id 
_struct_conf.beg_label_comp_id 
_struct_conf.beg_label_asym_id 
_struct_conf.beg_label_seq_id 
_struct_conf.pdbx_beg_PDB_ins_code 
_struct_conf.end_label_comp_id 
_struct_conf.end_label_asym_id 
_struct_conf.end_label_seq_id 
_struct_conf.pdbx_end_PDB_ins_code 
_struct_conf.beg_auth_comp_id 
_struct_conf.beg_auth_asym_id 
_struct_conf.beg_auth_seq_id 
_struct_conf.end_auth_comp_id 
_struct_conf.end_auth_asym_id 
_struct_conf.end_auth_seq_id 
_struct_conf.pdbx_PDB_helix_class 
_struct_conf.details 
_struct_conf.pdbx_PDB_helix_length 
HELX_P HELX_P1 1 ASP A 3  ? VAL A 8  ? ASP A 134 VAL A 139 1 ? 6 
HELX_P HELX_P2 2 ASN A 9  ? ILE A 11 ? ASN A 140 ILE A 142 5 ? 3 
HELX_P HELX_P3 3 ASN A 28 ? LEU A 32 ? ASN A 159 LEU A 163 5 ? 5 
HELX_P HELX_P4 4 LEU A 33 ? TYR A 41 ? LEU A 164 TYR A 172 1 ? 9 
HELX_P HELX_P5 5 ASP A 69 ? GLY A 77 ? ASP A 200 GLY A 208 1 ? 9 
# 
_struct_conf_type.id          HELX_P 
_struct_conf_type.criteria    ? 
_struct_conf_type.reference   ? 
# 
loop_
_struct_conn.id 
_struct_conn.conn_type_id 
_struct_conn.pdbx_leaving_atom_flag 
_struct_conn.pdbx_PDB_id 
_struct_conn.ptnr1_label_asym_id 
_struct_conn.ptnr1_label_comp_id 
_struct_conn.ptnr1_label_seq_id 
_struct_conn.ptnr1_label_atom_id 
_struct_conn.pdbx_ptnr1_label_alt_id 
_struct_conn.pdbx_ptnr1_PDB_ins_code 
_struct_conn.pdbx_ptnr1_standard_comp_id 
_struct_conn.ptnr1_symmetry 
_struct_conn.ptnr2_label_asym_id 
_struct_conn.ptnr2_label_comp_id 
_struct_conn.ptnr2_label_seq_id 
_struct_conn.ptnr2_label_atom_id 
_struct_conn.pdbx_ptnr2_label_alt_id 
_struct_conn.pdbx_ptnr2_PDB_ins_code 
_struct_conn.ptnr1_auth_asym_id 
_struct_conn.ptnr1_auth_comp_id 
_struct_conn.ptnr1_auth_seq_id 
_struct_conn.ptnr2_auth_asym_id 
_struct_conn.ptnr2_auth_comp_id 
_struct_conn.ptnr2_auth_seq_id 
_struct_conn.ptnr2_symmetry 
_struct_conn.pdbx_ptnr3_label_atom_id 
_struct_conn.pdbx_ptnr3_label_seq_id 
_struct_conn.pdbx_ptnr3_label_comp_id 
_struct_conn.pdbx_ptnr3_label_asym_id 
_struct_conn.pdbx_ptnr3_label_alt_id 
_struct_conn.pdbx_ptnr3_PDB_ins_code 
_struct_conn.details 
_struct_conn.pdbx_dist_value 
_struct_conn.pdbx_value_order 
_struct_conn.pdbx_role 
covale1 covale both ? A MSE 1  C ? ? ? 1_555 A GLU 2  N ? ? A MSE 132 A GLU 133 1_555 ? ? ? ? ? ? ? 1.320 ? ? 
covale2 covale both ? A LEU 83 C ? ? ? 1_555 A MSE 84 N ? ? A LEU 214 A MSE 215 1_555 ? ? ? ? ? ? ? 1.327 ? ? 
covale3 covale both ? A MSE 84 C ? ? ? 1_555 A LEU 85 N ? ? A MSE 215 A LEU 216 1_555 ? ? ? ? ? ? ? 1.326 ? ? 
# 
_struct_conn_type.id          covale 
_struct_conn_type.criteria    ? 
_struct_conn_type.reference   ? 
# 
loop_
_pdbx_modification_feature.ordinal 
_pdbx_modification_feature.label_comp_id 
_pdbx_modification_feature.label_asym_id 
_pdbx_modification_feature.label_seq_id 
_pdbx_modification_feature.label_alt_id 
_pdbx_modification_feature.modified_residue_label_comp_id 
_pdbx_modification_feature.modified_residue_label_asym_id 
_pdbx_modification_feature.modified_residue_label_seq_id 
_pdbx_modification_feature.modified_residue_label_alt_id 
_pdbx_modification_feature.auth_comp_id 
_pdbx_modification_feature.auth_asym_id 
_pdbx_modification_feature.auth_seq_id 
_pdbx_modification_feature.PDB_ins_code 
_pdbx_modification_feature.symmetry 
_pdbx_modification_feature.modified_residue_auth_comp_id 
_pdbx_modification_feature.modified_residue_auth_asym_id 
_pdbx_modification_feature.modified_residue_auth_seq_id 
_pdbx_modification_feature.modified_residue_PDB_ins_code 
_pdbx_modification_feature.modified_residue_symmetry 
_pdbx_modification_feature.comp_id_linking_atom 
_pdbx_modification_feature.modified_residue_id_linking_atom 
_pdbx_modification_feature.modified_residue_id 
_pdbx_modification_feature.ref_pcm_id 
_pdbx_modification_feature.ref_comp_id 
_pdbx_modification_feature.type 
_pdbx_modification_feature.category 
1 MSE A 1  ? . . . . MSE A 132 ? 1_555 . . . . . . . MET 1 MSE Selenomethionine 'Named protein modification' 
2 MSE A 84 ? . . . . MSE A 215 ? 1_555 . . . . . . . MET 1 MSE Selenomethionine 'Named protein modification' 
# 
loop_
_struct_sheet.id 
_struct_sheet.type 
_struct_sheet.number_strands 
_struct_sheet.details 
A ? 2 ? 
B ? 3 ? 
# 
loop_
_struct_sheet_order.sheet_id 
_struct_sheet_order.range_id_1 
_struct_sheet_order.range_id_2 
_struct_sheet_order.offset 
_struct_sheet_order.sense 
A 1 2 ? anti-parallel 
B 1 2 ? anti-parallel 
B 2 3 ? anti-parallel 
# 
loop_
_struct_sheet_range.sheet_id 
_struct_sheet_range.id 
_struct_sheet_range.beg_label_comp_id 
_struct_sheet_range.beg_label_asym_id 
_struct_sheet_range.beg_label_seq_id 
_struct_sheet_range.pdbx_beg_PDB_ins_code 
_struct_sheet_range.end_label_comp_id 
_struct_sheet_range.end_label_asym_id 
_struct_sheet_range.end_label_seq_id 
_struct_sheet_range.pdbx_end_PDB_ins_code 
_struct_sheet_range.beg_auth_comp_id 
_struct_sheet_range.beg_auth_asym_id 
_struct_sheet_range.beg_auth_seq_id 
_struct_sheet_range.end_auth_comp_id 
_struct_sheet_range.end_auth_asym_id 
_struct_sheet_range.end_auth_seq_id 
A 1 PHE A 17 ? LEU A 21  ? PHE A 148 LEU A 152 
A 2 ILE A 45 ? GLN A 49  ? ILE A 176 GLN A 180 
B 1 LEU A 56 ? LEU A 64  ? LEU A 187 LEU A 195 
B 2 LEU A 79 ? ASP A 87  ? LEU A 210 ASP A 218 
B 3 VAL A 93 ? VAL A 100 ? VAL A 224 VAL A 231 
# 
loop_
_pdbx_struct_sheet_hbond.sheet_id 
_pdbx_struct_sheet_hbond.range_id_1 
_pdbx_struct_sheet_hbond.range_id_2 
_pdbx_struct_sheet_hbond.range_1_label_atom_id 
_pdbx_struct_sheet_hbond.range_1_label_comp_id 
_pdbx_struct_sheet_hbond.range_1_label_asym_id 
_pdbx_struct_sheet_hbond.range_1_label_seq_id 
_pdbx_struct_sheet_hbond.range_1_PDB_ins_code 
_pdbx_struct_sheet_hbond.range_1_auth_atom_id 
_pdbx_struct_sheet_hbond.range_1_auth_comp_id 
_pdbx_struct_sheet_hbond.range_1_auth_asym_id 
_pdbx_struct_sheet_hbond.range_1_auth_seq_id 
_pdbx_struct_sheet_hbond.range_2_label_atom_id 
_pdbx_struct_sheet_hbond.range_2_label_comp_id 
_pdbx_struct_sheet_hbond.range_2_label_asym_id 
_pdbx_struct_sheet_hbond.range_2_label_seq_id 
_pdbx_struct_sheet_hbond.range_2_PDB_ins_code 
_pdbx_struct_sheet_hbond.range_2_auth_atom_id 
_pdbx_struct_sheet_hbond.range_2_auth_comp_id 
_pdbx_struct_sheet_hbond.range_2_auth_asym_id 
_pdbx_struct_sheet_hbond.range_2_auth_seq_id 
A 1 2 N LYS A 20 ? N LYS A 151 O GLU A 46 ? O GLU A 177 
B 1 2 N LEU A 64 ? N LEU A 195 O LYS A 80 ? O LYS A 211 
B 2 3 N LEU A 85 ? N LEU A 216 O TYR A 94 ? O TYR A 225 
# 
_pdbx_entry_details.entry_id                   3K63 
_pdbx_entry_details.compound_details           ? 
_pdbx_entry_details.source_details             ? 
_pdbx_entry_details.nonpolymer_details         ? 
_pdbx_entry_details.sequence_details           ? 
_pdbx_entry_details.has_ligand_of_interest     ? 
_pdbx_entry_details.has_protein_modification   Y 
# 
loop_
_pdbx_validate_torsion.id 
_pdbx_validate_torsion.PDB_model_num 
_pdbx_validate_torsion.auth_comp_id 
_pdbx_validate_torsion.auth_asym_id 
_pdbx_validate_torsion.auth_seq_id 
_pdbx_validate_torsion.PDB_ins_code 
_pdbx_validate_torsion.label_alt_id 
_pdbx_validate_torsion.phi 
_pdbx_validate_torsion.psi 
1 1 GLU A 133 ? ? -179.91 134.27 
2 1 LYS A 136 ? ? -54.59  -5.83  
3 1 LYS A 145 ? ? 70.91   -6.96  
4 1 ASP A 146 ? ? -114.06 -80.12 
# 
_pdbx_SG_project.id                    1 
_pdbx_SG_project.project_name          'PSI, Protein Structure Initiative' 
_pdbx_SG_project.full_name_of_center   'Northeast Structural Genomics Consortium' 
_pdbx_SG_project.initial_of_center     NESG 
# 
loop_
_pdbx_struct_mod_residue.id 
_pdbx_struct_mod_residue.label_asym_id 
_pdbx_struct_mod_residue.label_comp_id 
_pdbx_struct_mod_residue.label_seq_id 
_pdbx_struct_mod_residue.auth_asym_id 
_pdbx_struct_mod_residue.auth_comp_id 
_pdbx_struct_mod_residue.auth_seq_id 
_pdbx_struct_mod_residue.PDB_ins_code 
_pdbx_struct_mod_residue.parent_comp_id 
_pdbx_struct_mod_residue.details 
1 A MSE 1  A MSE 132 ? MET SELENOMETHIONINE 
2 A MSE 84 A MSE 215 ? MET SELENOMETHIONINE 
# 
loop_
_pdbx_unobs_or_zero_occ_residues.id 
_pdbx_unobs_or_zero_occ_residues.PDB_model_num 
_pdbx_unobs_or_zero_occ_residues.polymer_flag 
_pdbx_unobs_or_zero_occ_residues.occupancy_flag 
_pdbx_unobs_or_zero_occ_residues.auth_asym_id 
_pdbx_unobs_or_zero_occ_residues.auth_comp_id 
_pdbx_unobs_or_zero_occ_residues.auth_seq_id 
_pdbx_unobs_or_zero_occ_residues.PDB_ins_code 
_pdbx_unobs_or_zero_occ_residues.label_asym_id 
_pdbx_unobs_or_zero_occ_residues.label_comp_id 
_pdbx_unobs_or_zero_occ_residues.label_seq_id 
1 1 Y 1 A HIS 252 ? A HIS 121 
2 1 Y 1 A HIS 253 ? A HIS 122 
3 1 Y 1 A HIS 254 ? A HIS 123 
4 1 Y 1 A HIS 255 ? A HIS 124 
5 1 Y 1 A HIS 256 ? A HIS 125 
6 1 Y 1 A HIS 257 ? A HIS 126 
# 
loop_
_chem_comp_atom.comp_id 
_chem_comp_atom.atom_id 
_chem_comp_atom.type_symbol 
_chem_comp_atom.pdbx_aromatic_flag 
_chem_comp_atom.pdbx_stereo_config 
_chem_comp_atom.pdbx_ordinal 
ALA N    N  N N 1   
ALA CA   C  N S 2   
ALA C    C  N N 3   
ALA O    O  N N 4   
ALA CB   C  N N 5   
ALA OXT  O  N N 6   
ALA H    H  N N 7   
ALA H2   H  N N 8   
ALA HA   H  N N 9   
ALA HB1  H  N N 10  
ALA HB2  H  N N 11  
ALA HB3  H  N N 12  
ALA HXT  H  N N 13  
ARG N    N  N N 14  
ARG CA   C  N S 15  
ARG C    C  N N 16  
ARG O    O  N N 17  
ARG CB   C  N N 18  
ARG CG   C  N N 19  
ARG CD   C  N N 20  
ARG NE   N  N N 21  
ARG CZ   C  N N 22  
ARG NH1  N  N N 23  
ARG NH2  N  N N 24  
ARG OXT  O  N N 25  
ARG H    H  N N 26  
ARG H2   H  N N 27  
ARG HA   H  N N 28  
ARG HB2  H  N N 29  
ARG HB3  H  N N 30  
ARG HG2  H  N N 31  
ARG HG3  H  N N 32  
ARG HD2  H  N N 33  
ARG HD3  H  N N 34  
ARG HE   H  N N 35  
ARG HH11 H  N N 36  
ARG HH12 H  N N 37  
ARG HH21 H  N N 38  
ARG HH22 H  N N 39  
ARG HXT  H  N N 40  
ASN N    N  N N 41  
ASN CA   C  N S 42  
ASN C    C  N N 43  
ASN O    O  N N 44  
ASN CB   C  N N 45  
ASN CG   C  N N 46  
ASN OD1  O  N N 47  
ASN ND2  N  N N 48  
ASN OXT  O  N N 49  
ASN H    H  N N 50  
ASN H2   H  N N 51  
ASN HA   H  N N 52  
ASN HB2  H  N N 53  
ASN HB3  H  N N 54  
ASN HD21 H  N N 55  
ASN HD22 H  N N 56  
ASN HXT  H  N N 57  
ASP N    N  N N 58  
ASP CA   C  N S 59  
ASP C    C  N N 60  
ASP O    O  N N 61  
ASP CB   C  N N 62  
ASP CG   C  N N 63  
ASP OD1  O  N N 64  
ASP OD2  O  N N 65  
ASP OXT  O  N N 66  
ASP H    H  N N 67  
ASP H2   H  N N 68  
ASP HA   H  N N 69  
ASP HB2  H  N N 70  
ASP HB3  H  N N 71  
ASP HD2  H  N N 72  
ASP HXT  H  N N 73  
GLN N    N  N N 74  
GLN CA   C  N S 75  
GLN C    C  N N 76  
GLN O    O  N N 77  
GLN CB   C  N N 78  
GLN CG   C  N N 79  
GLN CD   C  N N 80  
GLN OE1  O  N N 81  
GLN NE2  N  N N 82  
GLN OXT  O  N N 83  
GLN H    H  N N 84  
GLN H2   H  N N 85  
GLN HA   H  N N 86  
GLN HB2  H  N N 87  
GLN HB3  H  N N 88  
GLN HG2  H  N N 89  
GLN HG3  H  N N 90  
GLN HE21 H  N N 91  
GLN HE22 H  N N 92  
GLN HXT  H  N N 93  
GLU N    N  N N 94  
GLU CA   C  N S 95  
GLU C    C  N N 96  
GLU O    O  N N 97  
GLU CB   C  N N 98  
GLU CG   C  N N 99  
GLU CD   C  N N 100 
GLU OE1  O  N N 101 
GLU OE2  O  N N 102 
GLU OXT  O  N N 103 
GLU H    H  N N 104 
GLU H2   H  N N 105 
GLU HA   H  N N 106 
GLU HB2  H  N N 107 
GLU HB3  H  N N 108 
GLU HG2  H  N N 109 
GLU HG3  H  N N 110 
GLU HE2  H  N N 111 
GLU HXT  H  N N 112 
GLY N    N  N N 113 
GLY CA   C  N N 114 
GLY C    C  N N 115 
GLY O    O  N N 116 
GLY OXT  O  N N 117 
GLY H    H  N N 118 
GLY H2   H  N N 119 
GLY HA2  H  N N 120 
GLY HA3  H  N N 121 
GLY HXT  H  N N 122 
HIS N    N  N N 123 
HIS CA   C  N S 124 
HIS C    C  N N 125 
HIS O    O  N N 126 
HIS CB   C  N N 127 
HIS CG   C  Y N 128 
HIS ND1  N  Y N 129 
HIS CD2  C  Y N 130 
HIS CE1  C  Y N 131 
HIS NE2  N  Y N 132 
HIS OXT  O  N N 133 
HIS H    H  N N 134 
HIS H2   H  N N 135 
HIS HA   H  N N 136 
HIS HB2  H  N N 137 
HIS HB3  H  N N 138 
HIS HD1  H  N N 139 
HIS HD2  H  N N 140 
HIS HE1  H  N N 141 
HIS HE2  H  N N 142 
HIS HXT  H  N N 143 
HOH O    O  N N 144 
HOH H1   H  N N 145 
HOH H2   H  N N 146 
ILE N    N  N N 147 
ILE CA   C  N S 148 
ILE C    C  N N 149 
ILE O    O  N N 150 
ILE CB   C  N S 151 
ILE CG1  C  N N 152 
ILE CG2  C  N N 153 
ILE CD1  C  N N 154 
ILE OXT  O  N N 155 
ILE H    H  N N 156 
ILE H2   H  N N 157 
ILE HA   H  N N 158 
ILE HB   H  N N 159 
ILE HG12 H  N N 160 
ILE HG13 H  N N 161 
ILE HG21 H  N N 162 
ILE HG22 H  N N 163 
ILE HG23 H  N N 164 
ILE HD11 H  N N 165 
ILE HD12 H  N N 166 
ILE HD13 H  N N 167 
ILE HXT  H  N N 168 
LEU N    N  N N 169 
LEU CA   C  N S 170 
LEU C    C  N N 171 
LEU O    O  N N 172 
LEU CB   C  N N 173 
LEU CG   C  N N 174 
LEU CD1  C  N N 175 
LEU CD2  C  N N 176 
LEU OXT  O  N N 177 
LEU H    H  N N 178 
LEU H2   H  N N 179 
LEU HA   H  N N 180 
LEU HB2  H  N N 181 
LEU HB3  H  N N 182 
LEU HG   H  N N 183 
LEU HD11 H  N N 184 
LEU HD12 H  N N 185 
LEU HD13 H  N N 186 
LEU HD21 H  N N 187 
LEU HD22 H  N N 188 
LEU HD23 H  N N 189 
LEU HXT  H  N N 190 
LYS N    N  N N 191 
LYS CA   C  N S 192 
LYS C    C  N N 193 
LYS O    O  N N 194 
LYS CB   C  N N 195 
LYS CG   C  N N 196 
LYS CD   C  N N 197 
LYS CE   C  N N 198 
LYS NZ   N  N N 199 
LYS OXT  O  N N 200 
LYS H    H  N N 201 
LYS H2   H  N N 202 
LYS HA   H  N N 203 
LYS HB2  H  N N 204 
LYS HB3  H  N N 205 
LYS HG2  H  N N 206 
LYS HG3  H  N N 207 
LYS HD2  H  N N 208 
LYS HD3  H  N N 209 
LYS HE2  H  N N 210 
LYS HE3  H  N N 211 
LYS HZ1  H  N N 212 
LYS HZ2  H  N N 213 
LYS HZ3  H  N N 214 
LYS HXT  H  N N 215 
MSE N    N  N N 216 
MSE CA   C  N S 217 
MSE C    C  N N 218 
MSE O    O  N N 219 
MSE OXT  O  N N 220 
MSE CB   C  N N 221 
MSE CG   C  N N 222 
MSE SE   SE N N 223 
MSE CE   C  N N 224 
MSE H    H  N N 225 
MSE H2   H  N N 226 
MSE HA   H  N N 227 
MSE HXT  H  N N 228 
MSE HB2  H  N N 229 
MSE HB3  H  N N 230 
MSE HG2  H  N N 231 
MSE HG3  H  N N 232 
MSE HE1  H  N N 233 
MSE HE2  H  N N 234 
MSE HE3  H  N N 235 
PHE N    N  N N 236 
PHE CA   C  N S 237 
PHE C    C  N N 238 
PHE O    O  N N 239 
PHE CB   C  N N 240 
PHE CG   C  Y N 241 
PHE CD1  C  Y N 242 
PHE CD2  C  Y N 243 
PHE CE1  C  Y N 244 
PHE CE2  C  Y N 245 
PHE CZ   C  Y N 246 
PHE OXT  O  N N 247 
PHE H    H  N N 248 
PHE H2   H  N N 249 
PHE HA   H  N N 250 
PHE HB2  H  N N 251 
PHE HB3  H  N N 252 
PHE HD1  H  N N 253 
PHE HD2  H  N N 254 
PHE HE1  H  N N 255 
PHE HE2  H  N N 256 
PHE HZ   H  N N 257 
PHE HXT  H  N N 258 
PRO N    N  N N 259 
PRO CA   C  N S 260 
PRO C    C  N N 261 
PRO O    O  N N 262 
PRO CB   C  N N 263 
PRO CG   C  N N 264 
PRO CD   C  N N 265 
PRO OXT  O  N N 266 
PRO H    H  N N 267 
PRO HA   H  N N 268 
PRO HB2  H  N N 269 
PRO HB3  H  N N 270 
PRO HG2  H  N N 271 
PRO HG3  H  N N 272 
PRO HD2  H  N N 273 
PRO HD3  H  N N 274 
PRO HXT  H  N N 275 
SER N    N  N N 276 
SER CA   C  N S 277 
SER C    C  N N 278 
SER O    O  N N 279 
SER CB   C  N N 280 
SER OG   O  N N 281 
SER OXT  O  N N 282 
SER H    H  N N 283 
SER H2   H  N N 284 
SER HA   H  N N 285 
SER HB2  H  N N 286 
SER HB3  H  N N 287 
SER HG   H  N N 288 
SER HXT  H  N N 289 
THR N    N  N N 290 
THR CA   C  N S 291 
THR C    C  N N 292 
THR O    O  N N 293 
THR CB   C  N R 294 
THR OG1  O  N N 295 
THR CG2  C  N N 296 
THR OXT  O  N N 297 
THR H    H  N N 298 
THR H2   H  N N 299 
THR HA   H  N N 300 
THR HB   H  N N 301 
THR HG1  H  N N 302 
THR HG21 H  N N 303 
THR HG22 H  N N 304 
THR HG23 H  N N 305 
THR HXT  H  N N 306 
TYR N    N  N N 307 
TYR CA   C  N S 308 
TYR C    C  N N 309 
TYR O    O  N N 310 
TYR CB   C  N N 311 
TYR CG   C  Y N 312 
TYR CD1  C  Y N 313 
TYR CD2  C  Y N 314 
TYR CE1  C  Y N 315 
TYR CE2  C  Y N 316 
TYR CZ   C  Y N 317 
TYR OH   O  N N 318 
TYR OXT  O  N N 319 
TYR H    H  N N 320 
TYR H2   H  N N 321 
TYR HA   H  N N 322 
TYR HB2  H  N N 323 
TYR HB3  H  N N 324 
TYR HD1  H  N N 325 
TYR HD2  H  N N 326 
TYR HE1  H  N N 327 
TYR HE2  H  N N 328 
TYR HH   H  N N 329 
TYR HXT  H  N N 330 
VAL N    N  N N 331 
VAL CA   C  N S 332 
VAL C    C  N N 333 
VAL O    O  N N 334 
VAL CB   C  N N 335 
VAL CG1  C  N N 336 
VAL CG2  C  N N 337 
VAL OXT  O  N N 338 
VAL H    H  N N 339 
VAL H2   H  N N 340 
VAL HA   H  N N 341 
VAL HB   H  N N 342 
VAL HG11 H  N N 343 
VAL HG12 H  N N 344 
VAL HG13 H  N N 345 
VAL HG21 H  N N 346 
VAL HG22 H  N N 347 
VAL HG23 H  N N 348 
VAL HXT  H  N N 349 
# 
loop_
_chem_comp_bond.comp_id 
_chem_comp_bond.atom_id_1 
_chem_comp_bond.atom_id_2 
_chem_comp_bond.value_order 
_chem_comp_bond.pdbx_aromatic_flag 
_chem_comp_bond.pdbx_stereo_config 
_chem_comp_bond.pdbx_ordinal 
ALA N   CA   sing N N 1   
ALA N   H    sing N N 2   
ALA N   H2   sing N N 3   
ALA CA  C    sing N N 4   
ALA CA  CB   sing N N 5   
ALA CA  HA   sing N N 6   
ALA C   O    doub N N 7   
ALA C   OXT  sing N N 8   
ALA CB  HB1  sing N N 9   
ALA CB  HB2  sing N N 10  
ALA CB  HB3  sing N N 11  
ALA OXT HXT  sing N N 12  
ARG N   CA   sing N N 13  
ARG N   H    sing N N 14  
ARG N   H2   sing N N 15  
ARG CA  C    sing N N 16  
ARG CA  CB   sing N N 17  
ARG CA  HA   sing N N 18  
ARG C   O    doub N N 19  
ARG C   OXT  sing N N 20  
ARG CB  CG   sing N N 21  
ARG CB  HB2  sing N N 22  
ARG CB  HB3  sing N N 23  
ARG CG  CD   sing N N 24  
ARG CG  HG2  sing N N 25  
ARG CG  HG3  sing N N 26  
ARG CD  NE   sing N N 27  
ARG CD  HD2  sing N N 28  
ARG CD  HD3  sing N N 29  
ARG NE  CZ   sing N N 30  
ARG NE  HE   sing N N 31  
ARG CZ  NH1  sing N N 32  
ARG CZ  NH2  doub N N 33  
ARG NH1 HH11 sing N N 34  
ARG NH1 HH12 sing N N 35  
ARG NH2 HH21 sing N N 36  
ARG NH2 HH22 sing N N 37  
ARG OXT HXT  sing N N 38  
ASN N   CA   sing N N 39  
ASN N   H    sing N N 40  
ASN N   H2   sing N N 41  
ASN CA  C    sing N N 42  
ASN CA  CB   sing N N 43  
ASN CA  HA   sing N N 44  
ASN C   O    doub N N 45  
ASN C   OXT  sing N N 46  
ASN CB  CG   sing N N 47  
ASN CB  HB2  sing N N 48  
ASN CB  HB3  sing N N 49  
ASN CG  OD1  doub N N 50  
ASN CG  ND2  sing N N 51  
ASN ND2 HD21 sing N N 52  
ASN ND2 HD22 sing N N 53  
ASN OXT HXT  sing N N 54  
ASP N   CA   sing N N 55  
ASP N   H    sing N N 56  
ASP N   H2   sing N N 57  
ASP CA  C    sing N N 58  
ASP CA  CB   sing N N 59  
ASP CA  HA   sing N N 60  
ASP C   O    doub N N 61  
ASP C   OXT  sing N N 62  
ASP CB  CG   sing N N 63  
ASP CB  HB2  sing N N 64  
ASP CB  HB3  sing N N 65  
ASP CG  OD1  doub N N 66  
ASP CG  OD2  sing N N 67  
ASP OD2 HD2  sing N N 68  
ASP OXT HXT  sing N N 69  
GLN N   CA   sing N N 70  
GLN N   H    sing N N 71  
GLN N   H2   sing N N 72  
GLN CA  C    sing N N 73  
GLN CA  CB   sing N N 74  
GLN CA  HA   sing N N 75  
GLN C   O    doub N N 76  
GLN C   OXT  sing N N 77  
GLN CB  CG   sing N N 78  
GLN CB  HB2  sing N N 79  
GLN CB  HB3  sing N N 80  
GLN CG  CD   sing N N 81  
GLN CG  HG2  sing N N 82  
GLN CG  HG3  sing N N 83  
GLN CD  OE1  doub N N 84  
GLN CD  NE2  sing N N 85  
GLN NE2 HE21 sing N N 86  
GLN NE2 HE22 sing N N 87  
GLN OXT HXT  sing N N 88  
GLU N   CA   sing N N 89  
GLU N   H    sing N N 90  
GLU N   H2   sing N N 91  
GLU CA  C    sing N N 92  
GLU CA  CB   sing N N 93  
GLU CA  HA   sing N N 94  
GLU C   O    doub N N 95  
GLU C   OXT  sing N N 96  
GLU CB  CG   sing N N 97  
GLU CB  HB2  sing N N 98  
GLU CB  HB3  sing N N 99  
GLU CG  CD   sing N N 100 
GLU CG  HG2  sing N N 101 
GLU CG  HG3  sing N N 102 
GLU CD  OE1  doub N N 103 
GLU CD  OE2  sing N N 104 
GLU OE2 HE2  sing N N 105 
GLU OXT HXT  sing N N 106 
GLY N   CA   sing N N 107 
GLY N   H    sing N N 108 
GLY N   H2   sing N N 109 
GLY CA  C    sing N N 110 
GLY CA  HA2  sing N N 111 
GLY CA  HA3  sing N N 112 
GLY C   O    doub N N 113 
GLY C   OXT  sing N N 114 
GLY OXT HXT  sing N N 115 
HIS N   CA   sing N N 116 
HIS N   H    sing N N 117 
HIS N   H2   sing N N 118 
HIS CA  C    sing N N 119 
HIS CA  CB   sing N N 120 
HIS CA  HA   sing N N 121 
HIS C   O    doub N N 122 
HIS C   OXT  sing N N 123 
HIS CB  CG   sing N N 124 
HIS CB  HB2  sing N N 125 
HIS CB  HB3  sing N N 126 
HIS CG  ND1  sing Y N 127 
HIS CG  CD2  doub Y N 128 
HIS ND1 CE1  doub Y N 129 
HIS ND1 HD1  sing N N 130 
HIS CD2 NE2  sing Y N 131 
HIS CD2 HD2  sing N N 132 
HIS CE1 NE2  sing Y N 133 
HIS CE1 HE1  sing N N 134 
HIS NE2 HE2  sing N N 135 
HIS OXT HXT  sing N N 136 
HOH O   H1   sing N N 137 
HOH O   H2   sing N N 138 
ILE N   CA   sing N N 139 
ILE N   H    sing N N 140 
ILE N   H2   sing N N 141 
ILE CA  C    sing N N 142 
ILE CA  CB   sing N N 143 
ILE CA  HA   sing N N 144 
ILE C   O    doub N N 145 
ILE C   OXT  sing N N 146 
ILE CB  CG1  sing N N 147 
ILE CB  CG2  sing N N 148 
ILE CB  HB   sing N N 149 
ILE CG1 CD1  sing N N 150 
ILE CG1 HG12 sing N N 151 
ILE CG1 HG13 sing N N 152 
ILE CG2 HG21 sing N N 153 
ILE CG2 HG22 sing N N 154 
ILE CG2 HG23 sing N N 155 
ILE CD1 HD11 sing N N 156 
ILE CD1 HD12 sing N N 157 
ILE CD1 HD13 sing N N 158 
ILE OXT HXT  sing N N 159 
LEU N   CA   sing N N 160 
LEU N   H    sing N N 161 
LEU N   H2   sing N N 162 
LEU CA  C    sing N N 163 
LEU CA  CB   sing N N 164 
LEU CA  HA   sing N N 165 
LEU C   O    doub N N 166 
LEU C   OXT  sing N N 167 
LEU CB  CG   sing N N 168 
LEU CB  HB2  sing N N 169 
LEU CB  HB3  sing N N 170 
LEU CG  CD1  sing N N 171 
LEU CG  CD2  sing N N 172 
LEU CG  HG   sing N N 173 
LEU CD1 HD11 sing N N 174 
LEU CD1 HD12 sing N N 175 
LEU CD1 HD13 sing N N 176 
LEU CD2 HD21 sing N N 177 
LEU CD2 HD22 sing N N 178 
LEU CD2 HD23 sing N N 179 
LEU OXT HXT  sing N N 180 
LYS N   CA   sing N N 181 
LYS N   H    sing N N 182 
LYS N   H2   sing N N 183 
LYS CA  C    sing N N 184 
LYS CA  CB   sing N N 185 
LYS CA  HA   sing N N 186 
LYS C   O    doub N N 187 
LYS C   OXT  sing N N 188 
LYS CB  CG   sing N N 189 
LYS CB  HB2  sing N N 190 
LYS CB  HB3  sing N N 191 
LYS CG  CD   sing N N 192 
LYS CG  HG2  sing N N 193 
LYS CG  HG3  sing N N 194 
LYS CD  CE   sing N N 195 
LYS CD  HD2  sing N N 196 
LYS CD  HD3  sing N N 197 
LYS CE  NZ   sing N N 198 
LYS CE  HE2  sing N N 199 
LYS CE  HE3  sing N N 200 
LYS NZ  HZ1  sing N N 201 
LYS NZ  HZ2  sing N N 202 
LYS NZ  HZ3  sing N N 203 
LYS OXT HXT  sing N N 204 
MSE N   CA   sing N N 205 
MSE N   H    sing N N 206 
MSE N   H2   sing N N 207 
MSE CA  C    sing N N 208 
MSE CA  CB   sing N N 209 
MSE CA  HA   sing N N 210 
MSE C   O    doub N N 211 
MSE C   OXT  sing N N 212 
MSE OXT HXT  sing N N 213 
MSE CB  CG   sing N N 214 
MSE CB  HB2  sing N N 215 
MSE CB  HB3  sing N N 216 
MSE CG  SE   sing N N 217 
MSE CG  HG2  sing N N 218 
MSE CG  HG3  sing N N 219 
MSE SE  CE   sing N N 220 
MSE CE  HE1  sing N N 221 
MSE CE  HE2  sing N N 222 
MSE CE  HE3  sing N N 223 
PHE N   CA   sing N N 224 
PHE N   H    sing N N 225 
PHE N   H2   sing N N 226 
PHE CA  C    sing N N 227 
PHE CA  CB   sing N N 228 
PHE CA  HA   sing N N 229 
PHE C   O    doub N N 230 
PHE C   OXT  sing N N 231 
PHE CB  CG   sing N N 232 
PHE CB  HB2  sing N N 233 
PHE CB  HB3  sing N N 234 
PHE CG  CD1  doub Y N 235 
PHE CG  CD2  sing Y N 236 
PHE CD1 CE1  sing Y N 237 
PHE CD1 HD1  sing N N 238 
PHE CD2 CE2  doub Y N 239 
PHE CD2 HD2  sing N N 240 
PHE CE1 CZ   doub Y N 241 
PHE CE1 HE1  sing N N 242 
PHE CE2 CZ   sing Y N 243 
PHE CE2 HE2  sing N N 244 
PHE CZ  HZ   sing N N 245 
PHE OXT HXT  sing N N 246 
PRO N   CA   sing N N 247 
PRO N   CD   sing N N 248 
PRO N   H    sing N N 249 
PRO CA  C    sing N N 250 
PRO CA  CB   sing N N 251 
PRO CA  HA   sing N N 252 
PRO C   O    doub N N 253 
PRO C   OXT  sing N N 254 
PRO CB  CG   sing N N 255 
PRO CB  HB2  sing N N 256 
PRO CB  HB3  sing N N 257 
PRO CG  CD   sing N N 258 
PRO CG  HG2  sing N N 259 
PRO CG  HG3  sing N N 260 
PRO CD  HD2  sing N N 261 
PRO CD  HD3  sing N N 262 
PRO OXT HXT  sing N N 263 
SER N   CA   sing N N 264 
SER N   H    sing N N 265 
SER N   H2   sing N N 266 
SER CA  C    sing N N 267 
SER CA  CB   sing N N 268 
SER CA  HA   sing N N 269 
SER C   O    doub N N 270 
SER C   OXT  sing N N 271 
SER CB  OG   sing N N 272 
SER CB  HB2  sing N N 273 
SER CB  HB3  sing N N 274 
SER OG  HG   sing N N 275 
SER OXT HXT  sing N N 276 
THR N   CA   sing N N 277 
THR N   H    sing N N 278 
THR N   H2   sing N N 279 
THR CA  C    sing N N 280 
THR CA  CB   sing N N 281 
THR CA  HA   sing N N 282 
THR C   O    doub N N 283 
THR C   OXT  sing N N 284 
THR CB  OG1  sing N N 285 
THR CB  CG2  sing N N 286 
THR CB  HB   sing N N 287 
THR OG1 HG1  sing N N 288 
THR CG2 HG21 sing N N 289 
THR CG2 HG22 sing N N 290 
THR CG2 HG23 sing N N 291 
THR OXT HXT  sing N N 292 
TYR N   CA   sing N N 293 
TYR N   H    sing N N 294 
TYR N   H2   sing N N 295 
TYR CA  C    sing N N 296 
TYR CA  CB   sing N N 297 
TYR CA  HA   sing N N 298 
TYR C   O    doub N N 299 
TYR C   OXT  sing N N 300 
TYR CB  CG   sing N N 301 
TYR CB  HB2  sing N N 302 
TYR CB  HB3  sing N N 303 
TYR CG  CD1  doub Y N 304 
TYR CG  CD2  sing Y N 305 
TYR CD1 CE1  sing Y N 306 
TYR CD1 HD1  sing N N 307 
TYR CD2 CE2  doub Y N 308 
TYR CD2 HD2  sing N N 309 
TYR CE1 CZ   doub Y N 310 
TYR CE1 HE1  sing N N 311 
TYR CE2 CZ   sing Y N 312 
TYR CE2 HE2  sing N N 313 
TYR CZ  OH   sing N N 314 
TYR OH  HH   sing N N 315 
TYR OXT HXT  sing N N 316 
VAL N   CA   sing N N 317 
VAL N   H    sing N N 318 
VAL N   H2   sing N N 319 
VAL CA  C    sing N N 320 
VAL CA  CB   sing N N 321 
VAL CA  HA   sing N N 322 
VAL C   O    doub N N 323 
VAL C   OXT  sing N N 324 
VAL CB  CG1  sing N N 325 
VAL CB  CG2  sing N N 326 
VAL CB  HB   sing N N 327 
VAL CG1 HG11 sing N N 328 
VAL CG1 HG12 sing N N 329 
VAL CG1 HG13 sing N N 330 
VAL CG2 HG21 sing N N 331 
VAL CG2 HG22 sing N N 332 
VAL CG2 HG23 sing N N 333 
VAL OXT HXT  sing N N 334 
# 
_atom_sites.entry_id                    3K63 
_atom_sites.fract_transf_matrix[1][1]   0.01690862 
_atom_sites.fract_transf_matrix[1][2]   0.00066421 
_atom_sites.fract_transf_matrix[1][3]   -0.00878827 
_atom_sites.fract_transf_matrix[2][1]   0.01494993 
_atom_sites.fract_transf_matrix[2][2]   -0.00925480 
_atom_sites.fract_transf_matrix[2][3]   0.00737814 
_atom_sites.fract_transf_matrix[3][1]   -0.00375089 
_atom_sites.fract_transf_matrix[3][2]   -0.01256979 
_atom_sites.fract_transf_matrix[3][3]   -0.00816673 
_atom_sites.fract_transf_vector[1]      -0.347057 
_atom_sites.fract_transf_vector[2]      -0.296328 
_atom_sites.fract_transf_vector[3]      -0.166256 
# 
loop_
_atom_type.symbol 
C  
N  
O  
SE 
# 
loop_
_atom_site.group_PDB 
_atom_site.id 
_atom_site.type_symbol 
_atom_site.label_atom_id 
_atom_site.label_alt_id 
_atom_site.label_comp_id 
_atom_site.label_asym_id 
_atom_site.label_entity_id 
_atom_site.label_seq_id 
_atom_site.pdbx_PDB_ins_code 
_atom_site.Cartn_x 
_atom_site.Cartn_y 
_atom_site.Cartn_z 
_atom_site.occupancy 
_atom_site.B_iso_or_equiv 
_atom_site.pdbx_formal_charge 
_atom_site.auth_seq_id 
_atom_site.auth_comp_id 
_atom_site.auth_asym_id 
_atom_site.auth_atom_id 
_atom_site.pdbx_PDB_model_num 
HETATM 1   N  N   . MSE A 1 1   ? -3.670  26.412  -7.056  1.00 96.27  ? 132 MSE A N   1 
HETATM 2   C  CA  . MSE A 1 1   ? -4.045  25.777  -5.760  1.00 94.10  ? 132 MSE A CA  1 
HETATM 3   C  C   . MSE A 1 1   ? -2.809  25.388  -4.971  1.00 90.99  ? 132 MSE A C   1 
HETATM 4   O  O   . MSE A 1 1   ? -2.662  25.734  -3.798  1.00 90.60  ? 132 MSE A O   1 
HETATM 5   C  CB  . MSE A 1 1   ? -4.936  24.557  -6.027  1.00 89.86  ? 132 MSE A CB  1 
HETATM 6   C  CG  . MSE A 1 1   ? -4.657  23.855  -7.352  1.00 93.80  ? 132 MSE A CG  1 
HETATM 7   SE SE  . MSE A 1 1   ? -6.223  22.915  -8.029  1.00 117.21 ? 132 MSE A SE  1 
HETATM 8   C  CE  . MSE A 1 1   ? -5.514  22.344  -9.756  1.00 80.38  ? 132 MSE A CE  1 
ATOM   9   N  N   . GLU A 1 2   ? -1.914  24.678  -5.631  1.00 89.07  ? 133 GLU A N   1 
ATOM   10  C  CA  . GLU A 1 2   ? -0.664  24.262  -5.024  1.00 90.49  ? 133 GLU A CA  1 
ATOM   11  C  C   . GLU A 1 2   ? 0.018   23.490  -6.150  1.00 89.35  ? 133 GLU A C   1 
ATOM   12  O  O   . GLU A 1 2   ? -0.625  22.734  -6.879  1.00 91.39  ? 133 GLU A O   1 
ATOM   13  C  CB  . GLU A 1 2   ? -0.916  23.445  -3.741  1.00 89.03  ? 133 GLU A CB  1 
ATOM   14  C  CG  . GLU A 1 2   ? -0.688  24.259  -2.439  1.00 91.77  ? 133 GLU A CG  1 
ATOM   15  C  CD  . GLU A 1 2   ? -0.717  23.422  -1.172  1.00 90.17  ? 133 GLU A CD  1 
ATOM   16  O  OE1 . GLU A 1 2   ? -0.159  22.310  -1.194  1.00 92.59  ? 133 GLU A OE1 1 
ATOM   17  O  OE2 . GLU A 1 2   ? -1.278  23.887  -0.152  1.00 89.44  ? 133 GLU A OE2 1 
ATOM   18  N  N   . ASP A 1 3   ? 1.304   23.776  -6.343  1.00 91.55  ? 134 ASP A N   1 
ATOM   19  C  CA  . ASP A 1 3   ? 2.138   23.104  -7.338  1.00 92.12  ? 134 ASP A CA  1 
ATOM   20  C  C   . ASP A 1 3   ? 2.205   21.620  -7.019  1.00 87.47  ? 134 ASP A C   1 
ATOM   21  O  O   . ASP A 1 3   ? 2.404   21.238  -5.863  1.00 84.31  ? 134 ASP A O   1 
ATOM   22  C  CB  . ASP A 1 3   ? 3.562   23.662  -7.291  1.00 92.09  ? 134 ASP A CB  1 
ATOM   23  C  CG  . ASP A 1 3   ? 3.653   25.065  -7.829  1.00 99.82  ? 134 ASP A CG  1 
ATOM   24  O  OD1 . ASP A 1 3   ? 3.354   25.274  -9.009  1.00 101.77 ? 134 ASP A OD1 1 
ATOM   25  O  OD2 . ASP A 1 3   ? 4.023   25.980  -7.084  1.00 103.55 ? 134 ASP A OD2 1 
ATOM   26  N  N   . PHE A 1 4   ? 2.073   20.790  -8.047  1.00 84.10  ? 135 PHE A N   1 
ATOM   27  C  CA  . PHE A 1 4   ? 2.096   19.342  -7.867  1.00 79.83  ? 135 PHE A CA  1 
ATOM   28  C  C   . PHE A 1 4   ? 3.447   18.844  -7.368  1.00 81.44  ? 135 PHE A C   1 
ATOM   29  O  O   . PHE A 1 4   ? 3.524   18.079  -6.404  1.00 80.82  ? 135 PHE A O   1 
ATOM   30  C  CB  . PHE A 1 4   ? 1.748   18.652  -9.186  1.00 77.68  ? 135 PHE A CB  1 
ATOM   31  C  CG  . PHE A 1 4   ? 1.597   17.164  -9.071  1.00 79.92  ? 135 PHE A CG  1 
ATOM   32  C  CD1 . PHE A 1 4   ? 0.482   16.606  -8.452  1.00 73.98  ? 135 PHE A CD1 1 
ATOM   33  C  CD2 . PHE A 1 4   ? 2.569   16.316  -9.589  1.00 75.83  ? 135 PHE A CD2 1 
ATOM   34  C  CE1 . PHE A 1 4   ? 0.339   15.230  -8.351  1.00 69.31  ? 135 PHE A CE1 1 
ATOM   35  C  CE2 . PHE A 1 4   ? 2.435   14.939  -9.495  1.00 70.85  ? 135 PHE A CE2 1 
ATOM   36  C  CZ  . PHE A 1 4   ? 1.311   14.393  -8.874  1.00 67.27  ? 135 PHE A CZ  1 
ATOM   37  N  N   . LYS A 1 5   ? 4.516   19.279  -8.027  1.00 83.28  ? 136 LYS A N   1 
ATOM   38  C  CA  . LYS A 1 5   ? 5.858   18.886  -7.651  1.00 79.48  ? 136 LYS A CA  1 
ATOM   39  C  C   . LYS A 1 5   ? 6.227   19.152  -6.196  1.00 77.58  ? 136 LYS A C   1 
ATOM   40  O  O   . LYS A 1 5   ? 7.296   18.752  -5.744  1.00 81.20  ? 136 LYS A O   1 
ATOM   41  C  CB  . LYS A 1 5   ? 6.846   19.544  -8.611  1.00 73.82  ? 136 LYS A CB  1 
ATOM   42  C  CG  . LYS A 1 5   ? 6.736   18.931  -10.003 1.00 67.59  ? 136 LYS A CG  1 
ATOM   43  C  CD  . LYS A 1 5   ? 7.617   19.591  -11.042 1.00 73.94  ? 136 LYS A CD  1 
ATOM   44  C  CE  . LYS A 1 5   ? 6.900   20.734  -11.742 1.00 74.60  ? 136 LYS A CE  1 
ATOM   45  N  NZ  . LYS A 1 5   ? 7.601   21.123  -13.003 1.00 69.85  ? 136 LYS A NZ  1 
ATOM   46  N  N   . LYS A 1 6   ? 5.343   19.817  -5.459  1.00 80.52  ? 137 LYS A N   1 
ATOM   47  C  CA  . LYS A 1 6   ? 5.607   20.097  -4.053  1.00 84.91  ? 137 LYS A CA  1 
ATOM   48  C  C   . LYS A 1 6   ? 4.753   19.194  -3.166  1.00 83.16  ? 137 LYS A C   1 
ATOM   49  O  O   . LYS A 1 6   ? 5.118   18.902  -2.024  1.00 86.15  ? 137 LYS A O   1 
ATOM   50  C  CB  . LYS A 1 6   ? 5.341   21.571  -3.722  1.00 85.82  ? 137 LYS A CB  1 
ATOM   51  C  CG  . LYS A 1 6   ? 6.595   22.445  -3.717  1.00 87.18  ? 137 LYS A CG  1 
ATOM   52  C  CD  . LYS A 1 6   ? 6.259   23.906  -3.421  1.00 94.86  ? 137 LYS A CD  1 
ATOM   53  C  CE  . LYS A 1 6   ? 7.494   24.816  -3.477  1.00 97.93  ? 137 LYS A CE  1 
ATOM   54  N  NZ  . LYS A 1 6   ? 8.448   24.616  -2.342  1.00 96.10  ? 137 LYS A NZ  1 
ATOM   55  N  N   . ILE A 1 7   ? 3.625   18.727  -3.688  1.00 78.70  ? 138 ILE A N   1 
ATOM   56  C  CA  . ILE A 1 7   ? 2.784   17.851  -2.889  1.00 82.28  ? 138 ILE A CA  1 
ATOM   57  C  C   . ILE A 1 7   ? 3.046   16.359  -3.120  1.00 78.31  ? 138 ILE A C   1 
ATOM   58  O  O   . ILE A 1 7   ? 2.695   15.538  -2.280  1.00 76.01  ? 138 ILE A O   1 
ATOM   59  C  CB  . ILE A 1 7   ? 1.274   18.161  -3.086  1.00 81.95  ? 138 ILE A CB  1 
ATOM   60  C  CG1 . ILE A 1 7   ? 0.868   17.996  -4.550  1.00 77.00  ? 138 ILE A CG1 1 
ATOM   61  C  CG2 . ILE A 1 7   ? 0.980   19.574  -2.640  1.00 83.48  ? 138 ILE A CG2 1 
ATOM   62  C  CD1 . ILE A 1 7   ? -0.631  18.143  -4.778  1.00 75.98  ? 138 ILE A CD1 1 
ATOM   63  N  N   . VAL A 1 8   ? 3.676   16.000  -4.235  1.00 77.57  ? 139 VAL A N   1 
ATOM   64  C  CA  . VAL A 1 8   ? 3.962   14.587  -4.501  1.00 80.03  ? 139 VAL A CA  1 
ATOM   65  C  C   . VAL A 1 8   ? 5.034   14.041  -3.551  1.00 78.53  ? 139 VAL A C   1 
ATOM   66  O  O   . VAL A 1 8   ? 4.987   12.882  -3.135  1.00 72.59  ? 139 VAL A O   1 
ATOM   67  C  CB  . VAL A 1 8   ? 4.440   14.359  -5.943  1.00 74.46  ? 139 VAL A CB  1 
ATOM   68  C  CG1 . VAL A 1 8   ? 3.276   14.479  -6.910  1.00 69.81  ? 139 VAL A CG1 1 
ATOM   69  C  CG2 . VAL A 1 8   ? 5.519   15.349  -6.279  1.00 73.73  ? 139 VAL A CG2 1 
ATOM   70  N  N   . ASN A 1 9   ? 6.004   14.884  -3.217  1.00 79.38  ? 140 ASN A N   1 
ATOM   71  C  CA  . ASN A 1 9   ? 7.072   14.493  -2.311  1.00 80.33  ? 140 ASN A CA  1 
ATOM   72  C  C   . ASN A 1 9   ? 6.570   14.464  -0.875  1.00 77.77  ? 140 ASN A C   1 
ATOM   73  O  O   . ASN A 1 9   ? 7.352   14.274  0.053   1.00 80.70  ? 140 ASN A O   1 
ATOM   74  C  CB  . ASN A 1 9   ? 8.239   15.472  -2.425  1.00 84.61  ? 140 ASN A CB  1 
ATOM   75  C  CG  . ASN A 1 9   ? 9.269   15.030  -3.447  1.00 90.54  ? 140 ASN A CG  1 
ATOM   76  O  OD1 . ASN A 1 9   ? 9.984   15.856  -4.027  1.00 91.39  ? 140 ASN A OD1 1 
ATOM   77  N  ND2 . ASN A 1 9   ? 9.361   13.717  -3.666  1.00 85.97  ? 140 ASN A ND2 1 
ATOM   78  N  N   . ASN A 1 10  ? 5.265   14.642  -0.693  1.00 78.37  ? 141 ASN A N   1 
ATOM   79  C  CA  . ASN A 1 10  ? 4.679   14.639  0.644   1.00 78.65  ? 141 ASN A CA  1 
ATOM   80  C  C   . ASN A 1 10  ? 3.612   13.582  0.833   1.00 76.13  ? 141 ASN A C   1 
ATOM   81  O  O   . ASN A 1 10  ? 2.914   13.568  1.845   1.00 73.07  ? 141 ASN A O   1 
ATOM   82  C  CB  . ASN A 1 10  ? 4.081   16.007  0.964   1.00 83.06  ? 141 ASN A CB  1 
ATOM   83  C  CG  . ASN A 1 10  ? 5.025   16.876  1.759   1.00 87.32  ? 141 ASN A CG  1 
ATOM   84  O  OD1 . ASN A 1 10  ? 4.780   17.164  2.932   1.00 96.36  ? 141 ASN A OD1 1 
ATOM   85  N  ND2 . ASN A 1 10  ? 6.118   17.290  1.130   1.00 87.92  ? 141 ASN A ND2 1 
ATOM   86  N  N   . ILE A 1 11  ? 3.472   12.703  -0.149  1.00 76.93  ? 142 ILE A N   1 
ATOM   87  C  CA  . ILE A 1 11  ? 2.469   11.657  -0.061  1.00 71.37  ? 142 ILE A CA  1 
ATOM   88  C  C   . ILE A 1 11  ? 2.948   10.603  0.924   1.00 67.45  ? 142 ILE A C   1 
ATOM   89  O  O   . ILE A 1 11  ? 4.020   10.031  0.758   1.00 66.90  ? 142 ILE A O   1 
ATOM   90  C  CB  . ILE A 1 11  ? 2.221   11.011  -1.436  1.00 70.11  ? 142 ILE A CB  1 
ATOM   91  C  CG1 . ILE A 1 11  ? 1.766   12.084  -2.434  1.00 66.33  ? 142 ILE A CG1 1 
ATOM   92  C  CG2 . ILE A 1 11  ? 1.191   9.913   -1.303  1.00 60.24  ? 142 ILE A CG2 1 
ATOM   93  C  CD1 . ILE A 1 11  ? 1.399   11.562  -3.809  1.00 67.72  ? 142 ILE A CD1 1 
ATOM   94  N  N   . ARG A 1 12  ? 2.157   10.370  1.963   1.00 65.55  ? 143 ARG A N   1 
ATOM   95  C  CA  . ARG A 1 12  ? 2.499   9.396   2.989   1.00 62.55  ? 143 ARG A CA  1 
ATOM   96  C  C   . ARG A 1 12  ? 1.224   8.776   3.543   1.00 62.76  ? 143 ARG A C   1 
ATOM   97  O  O   . ARG A 1 12  ? 0.249   9.472   3.825   1.00 66.53  ? 143 ARG A O   1 
ATOM   98  C  CB  . ARG A 1 12  ? 3.306   10.072  4.096   1.00 61.41  ? 143 ARG A CB  1 
ATOM   99  C  CG  . ARG A 1 12  ? 4.787   9.702   4.082   1.00 71.12  ? 143 ARG A CG  1 
ATOM   100 C  CD  . ARG A 1 12  ? 5.682   10.901  4.354   1.00 78.37  ? 143 ARG A CD  1 
ATOM   101 N  NE  . ARG A 1 12  ? 6.069   11.607  3.131   1.00 82.43  ? 143 ARG A NE  1 
ATOM   102 C  CZ  . ARG A 1 12  ? 6.901   11.123  2.209   1.00 85.35  ? 143 ARG A CZ  1 
ATOM   103 N  NH1 . ARG A 1 12  ? 7.437   9.921   2.367   1.00 81.86  ? 143 ARG A NH1 1 
ATOM   104 N  NH2 . ARG A 1 12  ? 7.209   11.846  1.135   1.00 81.81  ? 143 ARG A NH2 1 
ATOM   105 N  N   . LEU A 1 13  ? 1.231   7.455   3.676   1.00 60.67  ? 144 LEU A N   1 
ATOM   106 C  CA  . LEU A 1 13  ? 0.069   6.730   4.160   1.00 58.09  ? 144 LEU A CA  1 
ATOM   107 C  C   . LEU A 1 13  ? -0.318  7.201   5.555   1.00 58.62  ? 144 LEU A C   1 
ATOM   108 O  O   . LEU A 1 13  ? 0.521   7.658   6.326   1.00 62.17  ? 144 LEU A O   1 
ATOM   109 C  CB  . LEU A 1 13  ? 0.362   5.229   4.171   1.00 53.31  ? 144 LEU A CB  1 
ATOM   110 C  CG  . LEU A 1 13  ? -0.829  4.271   4.256   1.00 54.28  ? 144 LEU A CG  1 
ATOM   111 C  CD1 . LEU A 1 13  ? -1.757  4.469   3.066   1.00 49.74  ? 144 LEU A CD1 1 
ATOM   112 C  CD2 . LEU A 1 13  ? -0.311  2.843   4.293   1.00 54.30  ? 144 LEU A CD2 1 
ATOM   113 N  N   . LYS A 1 14  ? -1.604  7.098   5.864   1.00 57.32  ? 145 LYS A N   1 
ATOM   114 C  CA  . LYS A 1 14  ? -2.122  7.508   7.156   1.00 59.99  ? 145 LYS A CA  1 
ATOM   115 C  C   . LYS A 1 14  ? -2.119  9.030   7.338   1.00 68.09  ? 145 LYS A C   1 
ATOM   116 O  O   . LYS A 1 14  ? -2.655  9.550   8.319   1.00 75.25  ? 145 LYS A O   1 
ATOM   117 C  CB  . LYS A 1 14  ? -1.337  6.809   8.276   1.00 60.80  ? 145 LYS A CB  1 
ATOM   118 C  CG  . LYS A 1 14  ? -1.960  5.468   8.688   1.00 65.91  ? 145 LYS A CG  1 
ATOM   119 C  CD  . LYS A 1 14  ? -1.111  4.659   9.669   1.00 67.52  ? 145 LYS A CD  1 
ATOM   120 C  CE  . LYS A 1 14  ? -0.065  3.817   8.948   1.00 69.69  ? 145 LYS A CE  1 
ATOM   121 N  NZ  . LYS A 1 14  ? 0.733   2.977   9.893   1.00 65.08  ? 145 LYS A NZ  1 
ATOM   122 N  N   . ASP A 1 15  ? -1.528  9.741   6.383   1.00 63.14  ? 146 ASP A N   1 
ATOM   123 C  CA  . ASP A 1 15  ? -1.482  11.197  6.425   1.00 63.43  ? 146 ASP A CA  1 
ATOM   124 C  C   . ASP A 1 15  ? -2.316  11.714  5.256   1.00 65.90  ? 146 ASP A C   1 
ATOM   125 O  O   . ASP A 1 15  ? -3.484  12.091  5.423   1.00 62.59  ? 146 ASP A O   1 
ATOM   126 C  CB  . ASP A 1 15  ? -0.035  11.689  6.296   1.00 66.85  ? 146 ASP A CB  1 
ATOM   127 C  CG  . ASP A 1 15  ? 0.072   13.210  6.258   1.00 74.13  ? 146 ASP A CG  1 
ATOM   128 O  OD1 . ASP A 1 15  ? -0.857  13.891  6.747   1.00 72.50  ? 146 ASP A OD1 1 
ATOM   129 O  OD2 . ASP A 1 15  ? 1.098   13.725  5.754   1.00 74.87  ? 146 ASP A OD2 1 
ATOM   130 N  N   . THR A 1 16  ? -1.706  11.701  4.072   1.00 63.69  ? 147 THR A N   1 
ATOM   131 C  CA  . THR A 1 16  ? -2.359  12.148  2.848   1.00 61.77  ? 147 THR A CA  1 
ATOM   132 C  C   . THR A 1 16  ? -3.539  11.269  2.478   1.00 59.07  ? 147 THR A C   1 
ATOM   133 O  O   . THR A 1 16  ? -4.558  11.765  1.999   1.00 59.88  ? 147 THR A O   1 
ATOM   134 C  CB  . THR A 1 16  ? -1.404  12.126  1.669   1.00 61.29  ? 147 THR A CB  1 
ATOM   135 O  OG1 . THR A 1 16  ? -0.152  12.704  2.062   1.00 67.15  ? 147 THR A OG1 1 
ATOM   136 C  CG2 . THR A 1 16  ? -2.000  12.920  0.505   1.00 59.04  ? 147 THR A CG2 1 
ATOM   137 N  N   . PHE A 1 17  ? -3.396  9.963   2.671   1.00 52.97  ? 148 PHE A N   1 
ATOM   138 C  CA  . PHE A 1 17  ? -4.474  9.045   2.343   1.00 55.12  ? 148 PHE A CA  1 
ATOM   139 C  C   . PHE A 1 17  ? -4.367  7.736   3.102   1.00 55.10  ? 148 PHE A C   1 
ATOM   140 O  O   . PHE A 1 17  ? -3.358  7.428   3.737   1.00 52.48  ? 148 PHE A O   1 
ATOM   141 C  CB  . PHE A 1 17  ? -4.478  8.716   0.847   1.00 52.96  ? 148 PHE A CB  1 
ATOM   142 C  CG  . PHE A 1 17  ? -3.356  7.794   0.425   1.00 53.54  ? 148 PHE A CG  1 
ATOM   143 C  CD1 . PHE A 1 17  ? -2.034  8.229   0.458   1.00 50.47  ? 148 PHE A CD1 1 
ATOM   144 C  CD2 . PHE A 1 17  ? -3.620  6.486   0.007   1.00 49.31  ? 148 PHE A CD2 1 
ATOM   145 C  CE1 . PHE A 1 17  ? -0.990  7.383   0.084   1.00 48.49  ? 148 PHE A CE1 1 
ATOM   146 C  CE2 . PHE A 1 17  ? -2.578  5.630   -0.371  1.00 48.38  ? 148 PHE A CE2 1 
ATOM   147 C  CZ  . PHE A 1 17  ? -1.258  6.085   -0.332  1.00 49.76  ? 148 PHE A CZ  1 
ATOM   148 N  N   . ASP A 1 18  ? -5.434  6.965   3.008   1.00 53.04  ? 149 ASP A N   1 
ATOM   149 C  CA  . ASP A 1 18  ? -5.504  5.660   3.615   1.00 51.80  ? 149 ASP A CA  1 
ATOM   150 C  C   . ASP A 1 18  ? -6.229  4.806   2.594   1.00 51.47  ? 149 ASP A C   1 
ATOM   151 O  O   . ASP A 1 18  ? -6.858  5.330   1.666   1.00 49.14  ? 149 ASP A O   1 
ATOM   152 C  CB  . ASP A 1 18  ? -6.305  5.704   4.910   1.00 52.58  ? 149 ASP A CB  1 
ATOM   153 C  CG  . ASP A 1 18  ? -5.486  6.207   6.089   1.00 61.52  ? 149 ASP A CG  1 
ATOM   154 O  OD1 . ASP A 1 18  ? -4.334  5.743   6.265   1.00 61.70  ? 149 ASP A OD1 1 
ATOM   155 O  OD2 . ASP A 1 18  ? -5.999  7.056   6.857   1.00 63.98  ? 149 ASP A OD2 1 
ATOM   156 N  N   . PHE A 1 19  ? -6.122  3.494   2.738   1.00 51.55  ? 150 PHE A N   1 
ATOM   157 C  CA  . PHE A 1 19  ? -6.807  2.607   1.821   1.00 46.32  ? 150 PHE A CA  1 
ATOM   158 C  C   . PHE A 1 19  ? -7.496  1.545   2.643   1.00 47.78  ? 150 PHE A C   1 
ATOM   159 O  O   . PHE A 1 19  ? -7.161  1.302   3.804   1.00 45.36  ? 150 PHE A O   1 
ATOM   160 C  CB  . PHE A 1 19  ? -5.835  1.949   0.832   1.00 41.49  ? 150 PHE A CB  1 
ATOM   161 C  CG  . PHE A 1 19  ? -4.837  1.029   1.474   1.00 40.35  ? 150 PHE A CG  1 
ATOM   162 C  CD1 . PHE A 1 19  ? -3.547  1.471   1.763   1.00 42.19  ? 150 PHE A CD1 1 
ATOM   163 C  CD2 . PHE A 1 19  ? -5.183  -0.281  1.794   1.00 40.39  ? 150 PHE A CD2 1 
ATOM   164 C  CE1 . PHE A 1 19  ? -2.612  0.624   2.359   1.00 40.84  ? 150 PHE A CE1 1 
ATOM   165 C  CE2 . PHE A 1 19  ? -4.263  -1.144  2.391   1.00 38.08  ? 150 PHE A CE2 1 
ATOM   166 C  CZ  . PHE A 1 19  ? -2.970  -0.690  2.675   1.00 39.04  ? 150 PHE A CZ  1 
ATOM   167 N  N   . LYS A 1 20  ? -8.483  0.920   2.033   1.00 48.39  ? 151 LYS A N   1 
ATOM   168 C  CA  . LYS A 1 20  ? -9.202  -0.128  2.690   1.00 48.96  ? 151 LYS A CA  1 
ATOM   169 C  C   . LYS A 1 20  ? -9.428  -1.100  1.549   1.00 50.16  ? 151 LYS A C   1 
ATOM   170 O  O   . LYS A 1 20  ? -9.709  -0.692  0.424   1.00 43.66  ? 151 LYS A O   1 
ATOM   171 C  CB  . LYS A 1 20  ? -10.515 0.420   3.250   1.00 59.13  ? 151 LYS A CB  1 
ATOM   172 C  CG  . LYS A 1 20  ? -10.923 -0.244  4.561   1.00 65.57  ? 151 LYS A CG  1 
ATOM   173 C  CD  . LYS A 1 20  ? -12.137 0.396   5.248   1.00 69.92  ? 151 LYS A CD  1 
ATOM   174 C  CE  . LYS A 1 20  ? -13.448 -0.031  4.588   1.00 71.95  ? 151 LYS A CE  1 
ATOM   175 N  NZ  . LYS A 1 20  ? -14.615 0.612   5.263   1.00 78.00  ? 151 LYS A NZ  1 
ATOM   176 N  N   . LEU A 1 21  ? -9.258  -2.383  1.838   1.00 48.39  ? 152 LEU A N   1 
ATOM   177 C  CA  . LEU A 1 21  ? -9.430  -3.420  0.835   1.00 43.96  ? 152 LEU A CA  1 
ATOM   178 C  C   . LEU A 1 21  ? -10.824 -4.022  0.881   1.00 44.33  ? 152 LEU A C   1 
ATOM   179 O  O   . LEU A 1 21  ? -11.334 -4.386  1.946   1.00 43.13  ? 152 LEU A O   1 
ATOM   180 C  CB  . LEU A 1 21  ? -8.402  -4.529  1.038   1.00 41.98  ? 152 LEU A CB  1 
ATOM   181 C  CG  . LEU A 1 21  ? -7.101  -4.481  0.236   1.00 43.94  ? 152 LEU A CG  1 
ATOM   182 C  CD1 . LEU A 1 21  ? -6.267  -3.284  0.627   1.00 42.61  ? 152 LEU A CD1 1 
ATOM   183 C  CD2 . LEU A 1 21  ? -6.334  -5.795  0.478   1.00 45.76  ? 152 LEU A CD2 1 
ATOM   184 N  N   . ALA A 1 22  ? -11.439 -4.129  -0.286  1.00 41.28  ? 153 ALA A N   1 
ATOM   185 C  CA  . ALA A 1 22  ? -12.773 -4.696  -0.393  1.00 40.53  ? 153 ALA A CA  1 
ATOM   186 C  C   . ALA A 1 22  ? -12.891 -6.064  0.288   1.00 49.63  ? 153 ALA A C   1 
ATOM   187 O  O   . ALA A 1 22  ? -13.988 -6.490  0.661   1.00 52.58  ? 153 ALA A O   1 
ATOM   188 C  CB  . ALA A 1 22  ? -13.165 -4.820  -1.863  1.00 35.53  ? 153 ALA A CB  1 
ATOM   189 N  N   . ALA A 1 23  ? -11.761 -6.744  0.455   1.00 47.36  ? 154 ALA A N   1 
ATOM   190 C  CA  . ALA A 1 23  ? -11.749 -8.068  1.061   1.00 48.14  ? 154 ALA A CA  1 
ATOM   191 C  C   . ALA A 1 23  ? -11.701 -8.029  2.589   1.00 48.99  ? 154 ALA A C   1 
ATOM   192 O  O   . ALA A 1 23  ? -12.148 -8.958  3.247   1.00 50.84  ? 154 ALA A O   1 
ATOM   193 C  CB  . ALA A 1 23  ? -10.584 -8.869  0.509   1.00 42.87  ? 154 ALA A CB  1 
ATOM   194 N  N   . PHE A 1 24  ? -11.171 -6.947  3.148   1.00 49.27  ? 155 PHE A N   1 
ATOM   195 C  CA  . PHE A 1 24  ? -11.098 -6.833  4.597   1.00 50.81  ? 155 PHE A CA  1 
ATOM   196 C  C   . PHE A 1 24  ? -11.621 -5.495  5.094   1.00 56.05  ? 155 PHE A C   1 
ATOM   197 O  O   . PHE A 1 24  ? -10.955 -4.803  5.853   1.00 59.53  ? 155 PHE A O   1 
ATOM   198 C  CB  . PHE A 1 24  ? -9.657  -7.013  5.072   1.00 50.83  ? 155 PHE A CB  1 
ATOM   199 C  CG  . PHE A 1 24  ? -8.988  -8.238  4.526   1.00 52.58  ? 155 PHE A CG  1 
ATOM   200 C  CD1 . PHE A 1 24  ? -7.876  -8.122  3.697   1.00 46.99  ? 155 PHE A CD1 1 
ATOM   201 C  CD2 . PHE A 1 24  ? -9.478  -9.507  4.824   1.00 47.30  ? 155 PHE A CD2 1 
ATOM   202 C  CE1 . PHE A 1 24  ? -7.268  -9.247  3.175   1.00 45.91  ? 155 PHE A CE1 1 
ATOM   203 C  CE2 . PHE A 1 24  ? -8.878  -10.639 4.309   1.00 39.94  ? 155 PHE A CE2 1 
ATOM   204 C  CZ  . PHE A 1 24  ? -7.768  -10.511 3.480   1.00 47.53  ? 155 PHE A CZ  1 
ATOM   205 N  N   . PRO A 1 25  ? -12.848 -5.133  4.705   1.00 57.93  ? 156 PRO A N   1 
ATOM   206 C  CA  . PRO A 1 25  ? -13.444 -3.859  5.122   1.00 62.48  ? 156 PRO A CA  1 
ATOM   207 C  C   . PRO A 1 25  ? -13.278 -3.379  6.572   1.00 62.41  ? 156 PRO A C   1 
ATOM   208 O  O   . PRO A 1 25  ? -13.088 -2.183  6.795   1.00 62.83  ? 156 PRO A O   1 
ATOM   209 C  CB  . PRO A 1 25  ? -14.916 -4.027  4.737   1.00 64.54  ? 156 PRO A CB  1 
ATOM   210 C  CG  . PRO A 1 25  ? -15.121 -5.521  4.831   1.00 62.55  ? 156 PRO A CG  1 
ATOM   211 C  CD  . PRO A 1 25  ? -13.880 -6.019  4.140   1.00 57.05  ? 156 PRO A CD  1 
ATOM   212 N  N   . ASN A 1 26  ? -13.327 -4.280  7.552   1.00 59.84  ? 157 ASN A N   1 
ATOM   213 C  CA  . ASN A 1 26  ? -13.218 -3.841  8.944   1.00 62.49  ? 157 ASN A CA  1 
ATOM   214 C  C   . ASN A 1 26  ? -11.940 -4.196  9.697   1.00 62.14  ? 157 ASN A C   1 
ATOM   215 O  O   . ASN A 1 26  ? -11.984 -4.451  10.904  1.00 67.89  ? 157 ASN A O   1 
ATOM   216 C  CB  . ASN A 1 26  ? -14.415 -4.354  9.749   1.00 68.04  ? 157 ASN A CB  1 
ATOM   217 C  CG  . ASN A 1 26  ? -15.688 -4.378  8.938   1.00 67.99  ? 157 ASN A CG  1 
ATOM   218 O  OD1 . ASN A 1 26  ? -16.080 -5.423  8.413   1.00 69.96  ? 157 ASN A OD1 1 
ATOM   219 N  ND2 . ASN A 1 26  ? -16.329 -3.221  8.804   1.00 63.77  ? 157 ASN A ND2 1 
ATOM   220 N  N   . GLN A 1 27  ? -10.805 -4.205  9.009   1.00 58.62  ? 158 GLN A N   1 
ATOM   221 C  CA  . GLN A 1 27  ? -9.544  -4.539  9.669   1.00 58.40  ? 158 GLN A CA  1 
ATOM   222 C  C   . GLN A 1 27  ? -8.469  -3.488  9.427   1.00 56.76  ? 158 GLN A C   1 
ATOM   223 O  O   . GLN A 1 27  ? -8.277  -3.041  8.299   1.00 59.01  ? 158 GLN A O   1 
ATOM   224 C  CB  . GLN A 1 27  ? -9.034  -5.906  9.195   1.00 59.90  ? 158 GLN A CB  1 
ATOM   225 C  CG  . GLN A 1 27  ? -9.937  -7.077  9.533   1.00 60.67  ? 158 GLN A CG  1 
ATOM   226 C  CD  . GLN A 1 27  ? -9.323  -8.402  9.130   1.00 59.16  ? 158 GLN A CD  1 
ATOM   227 O  OE1 . GLN A 1 27  ? -8.326  -8.841  9.709   1.00 62.04  ? 158 GLN A OE1 1 
ATOM   228 N  NE2 . GLN A 1 27  ? -9.907  -9.044  8.123   1.00 54.51  ? 158 GLN A NE2 1 
ATOM   229 N  N   . ASN A 1 28  ? -7.764  -3.098  10.486  1.00 53.40  ? 159 ASN A N   1 
ATOM   230 C  CA  . ASN A 1 28  ? -6.707  -2.098  10.367  1.00 56.51  ? 159 ASN A CA  1 
ATOM   231 C  C   . ASN A 1 28  ? -5.456  -2.684  9.733   1.00 54.92  ? 159 ASN A C   1 
ATOM   232 O  O   . ASN A 1 28  ? -5.335  -3.894  9.560   1.00 58.18  ? 159 ASN A O   1 
ATOM   233 C  CB  . ASN A 1 28  ? -6.317  -1.541  11.734  1.00 61.05  ? 159 ASN A CB  1 
ATOM   234 C  CG  . ASN A 1 28  ? -7.465  -0.875  12.444  1.00 65.83  ? 159 ASN A CG  1 
ATOM   235 O  OD1 . ASN A 1 28  ? -7.369  -0.573  13.638  1.00 70.60  ? 159 ASN A OD1 1 
ATOM   236 N  ND2 . ASN A 1 28  ? -8.562  -0.630  11.722  1.00 60.09  ? 159 ASN A ND2 1 
ATOM   237 N  N   . TYR A 1 29  ? -4.516  -1.804  9.414   1.00 49.96  ? 160 TYR A N   1 
ATOM   238 C  CA  . TYR A 1 29  ? -3.269  -2.206  8.799   1.00 49.64  ? 160 TYR A CA  1 
ATOM   239 C  C   . TYR A 1 29  ? -2.496  -3.163  9.678   1.00 53.87  ? 160 TYR A C   1 
ATOM   240 O  O   . TYR A 1 29  ? -1.943  -4.144  9.186   1.00 50.72  ? 160 TYR A O   1 
ATOM   241 C  CB  . TYR A 1 29  ? -2.386  -0.998  8.536   1.00 50.62  ? 160 TYR A CB  1 
ATOM   242 C  CG  . TYR A 1 29  ? -3.014  0.058   7.670   1.00 56.07  ? 160 TYR A CG  1 
ATOM   243 C  CD1 . TYR A 1 29  ? -3.717  -0.289  6.517   1.00 48.25  ? 160 TYR A CD1 1 
ATOM   244 C  CD2 . TYR A 1 29  ? -2.877  1.410   7.978   1.00 53.83  ? 160 TYR A CD2 1 
ATOM   245 C  CE1 . TYR A 1 29  ? -4.272  0.682   5.690   1.00 44.84  ? 160 TYR A CE1 1 
ATOM   246 C  CE2 . TYR A 1 29  ? -3.424  2.383   7.157   1.00 54.66  ? 160 TYR A CE2 1 
ATOM   247 C  CZ  . TYR A 1 29  ? -4.119  2.008   6.016   1.00 47.82  ? 160 TYR A CZ  1 
ATOM   248 O  OH  . TYR A 1 29  ? -4.660  2.951   5.188   1.00 52.96  ? 160 TYR A OH  1 
ATOM   249 N  N   . ASP A 1 30  ? -2.453  -2.884  10.980  1.00 53.93  ? 161 ASP A N   1 
ATOM   250 C  CA  . ASP A 1 30  ? -1.684  -3.737  11.875  1.00 54.40  ? 161 ASP A CA  1 
ATOM   251 C  C   . ASP A 1 30  ? -2.304  -5.091  12.210  1.00 52.64  ? 161 ASP A C   1 
ATOM   252 O  O   . ASP A 1 30  ? -1.750  -5.835  13.004  1.00 50.49  ? 161 ASP A O   1 
ATOM   253 C  CB  . ASP A 1 30  ? -1.316  -2.981  13.167  1.00 57.95  ? 161 ASP A CB  1 
ATOM   254 C  CG  . ASP A 1 30  ? -2.531  -2.497  13.955  1.00 63.00  ? 161 ASP A CG  1 
ATOM   255 O  OD1 . ASP A 1 30  ? -3.680  -2.810  13.570  1.00 58.90  ? 161 ASP A OD1 1 
ATOM   256 O  OD2 . ASP A 1 30  ? -2.315  -1.801  14.974  1.00 66.54  ? 161 ASP A OD2 1 
ATOM   257 N  N   . GLN A 1 31  ? -3.455  -5.401  11.620  1.00 54.01  ? 162 GLN A N   1 
ATOM   258 C  CA  . GLN A 1 31  ? -4.119  -6.685  11.847  1.00 53.74  ? 162 GLN A CA  1 
ATOM   259 C  C   . GLN A 1 31  ? -4.016  -7.503  10.547  1.00 52.78  ? 162 GLN A C   1 
ATOM   260 O  O   . GLN A 1 31  ? -4.533  -8.622  10.444  1.00 51.58  ? 162 GLN A O   1 
ATOM   261 C  CB  . GLN A 1 31  ? -5.595  -6.479  12.219  1.00 51.82  ? 162 GLN A CB  1 
ATOM   262 C  CG  . GLN A 1 31  ? -5.805  -5.842  13.593  1.00 55.69  ? 162 GLN A CG  1 
ATOM   263 C  CD  . GLN A 1 31  ? -7.248  -5.390  13.825  1.00 68.88  ? 162 GLN A CD  1 
ATOM   264 O  OE1 . GLN A 1 31  ? -8.070  -5.382  12.900  1.00 64.33  ? 162 GLN A OE1 1 
ATOM   265 N  NE2 . GLN A 1 31  ? -7.559  -5.000  15.063  1.00 74.21  ? 162 GLN A NE2 1 
ATOM   266 N  N   . LEU A 1 32  ? -3.319  -6.940  9.560   1.00 50.44  ? 163 LEU A N   1 
ATOM   267 C  CA  . LEU A 1 32  ? -3.162  -7.594  8.259   1.00 47.98  ? 163 LEU A CA  1 
ATOM   268 C  C   . LEU A 1 32  ? -1.731  -7.872  7.849   1.00 44.51  ? 163 LEU A C   1 
ATOM   269 O  O   . LEU A 1 32  ? -0.905  -6.973  7.763   1.00 43.29  ? 163 LEU A O   1 
ATOM   270 C  CB  . LEU A 1 32  ? -3.819  -6.762  7.167   1.00 46.14  ? 163 LEU A CB  1 
ATOM   271 C  CG  . LEU A 1 32  ? -5.338  -6.688  7.182   1.00 45.33  ? 163 LEU A CG  1 
ATOM   272 C  CD1 . LEU A 1 32  ? -5.764  -5.601  6.229   1.00 45.79  ? 163 LEU A CD1 1 
ATOM   273 C  CD2 . LEU A 1 32  ? -5.944  -8.031  6.797   1.00 41.68  ? 163 LEU A CD2 1 
ATOM   274 N  N   . LEU A 1 33  ? -1.445  -9.136  7.584   1.00 41.87  ? 164 LEU A N   1 
ATOM   275 C  CA  . LEU A 1 33  ? -0.111  -9.519  7.151   1.00 45.02  ? 164 LEU A CA  1 
ATOM   276 C  C   . LEU A 1 33  ? 0.098   -9.013  5.723   1.00 44.12  ? 164 LEU A C   1 
ATOM   277 O  O   . LEU A 1 33  ? -0.847  -8.966  4.929   1.00 41.21  ? 164 LEU A O   1 
ATOM   278 C  CB  . LEU A 1 33  ? 0.026   -11.036 7.163   1.00 47.40  ? 164 LEU A CB  1 
ATOM   279 C  CG  . LEU A 1 33  ? 0.160   -11.744 8.513   1.00 49.67  ? 164 LEU A CG  1 
ATOM   280 C  CD1 . LEU A 1 33  ? -0.182  -13.222 8.347   1.00 44.38  ? 164 LEU A CD1 1 
ATOM   281 C  CD2 . LEU A 1 33  ? 1.581   -11.558 9.068   1.00 43.22  ? 164 LEU A CD2 1 
ATOM   282 N  N   . PRO A 1 34  ? 1.324   -8.594  5.387   1.00 42.85  ? 165 PRO A N   1 
ATOM   283 C  CA  . PRO A 1 34  ? 1.512   -8.124  4.019   1.00 44.60  ? 165 PRO A CA  1 
ATOM   284 C  C   . PRO A 1 34  ? 1.010   -9.144  3.007   1.00 44.38  ? 165 PRO A C   1 
ATOM   285 O  O   . PRO A 1 34  ? 0.382   -8.768  2.017   1.00 44.18  ? 165 PRO A O   1 
ATOM   286 C  CB  . PRO A 1 34  ? 3.013   -7.900  3.938   1.00 44.53  ? 165 PRO A CB  1 
ATOM   287 C  CG  . PRO A 1 34  ? 3.295   -7.317  5.302   1.00 45.40  ? 165 PRO A CG  1 
ATOM   288 C  CD  . PRO A 1 34  ? 2.457   -8.196  6.241   1.00 43.35  ? 165 PRO A CD  1 
ATOM   289 N  N   . SER A 1 35  ? 1.253   -10.430 3.267   1.00 46.01  ? 166 SER A N   1 
ATOM   290 C  CA  . SER A 1 35  ? 0.832   -11.487 2.347   1.00 39.87  ? 166 SER A CA  1 
ATOM   291 C  C   . SER A 1 35  ? -0.676  -11.523 2.133   1.00 40.97  ? 166 SER A C   1 
ATOM   292 O  O   . SER A 1 35  ? -1.126  -11.785 1.025   1.00 43.10  ? 166 SER A O   1 
ATOM   293 C  CB  . SER A 1 35  ? 1.352   -12.853 2.819   1.00 39.67  ? 166 SER A CB  1 
ATOM   294 O  OG  . SER A 1 35  ? 0.842   -13.203 4.094   1.00 45.05  ? 166 SER A OG  1 
ATOM   295 N  N   . GLN A 1 36  ? -1.455  -11.260 3.176   1.00 41.61  ? 167 GLN A N   1 
ATOM   296 C  CA  . GLN A 1 36  ? -2.914  -11.237 3.046   1.00 40.03  ? 167 GLN A CA  1 
ATOM   297 C  C   . GLN A 1 36  ? -3.342  -10.127 2.075   1.00 38.33  ? 167 GLN A C   1 
ATOM   298 O  O   . GLN A 1 36  ? -4.198  -10.332 1.215   1.00 37.11  ? 167 GLN A O   1 
ATOM   299 C  CB  . GLN A 1 36  ? -3.580  -10.983 4.406   1.00 43.22  ? 167 GLN A CB  1 
ATOM   300 C  CG  . GLN A 1 36  ? -3.397  -12.086 5.443   1.00 39.45  ? 167 GLN A CG  1 
ATOM   301 C  CD  . GLN A 1 36  ? -3.939  -11.683 6.792   1.00 40.31  ? 167 GLN A CD  1 
ATOM   302 O  OE1 . GLN A 1 36  ? -3.282  -10.965 7.560   1.00 44.34  ? 167 GLN A OE1 1 
ATOM   303 N  NE2 . GLN A 1 36  ? -5.160  -12.118 7.080   1.00 42.22  ? 167 GLN A NE2 1 
ATOM   304 N  N   . ILE A 1 37  ? -2.743  -8.949  2.219   1.00 37.89  ? 168 ILE A N   1 
ATOM   305 C  CA  . ILE A 1 37  ? -3.077  -7.816  1.361   1.00 38.20  ? 168 ILE A CA  1 
ATOM   306 C  C   . ILE A 1 37  ? -2.691  -8.089  -0.097  1.00 35.61  ? 168 ILE A C   1 
ATOM   307 O  O   . ILE A 1 37  ? -3.456  -7.820  -1.020  1.00 34.95  ? 168 ILE A O   1 
ATOM   308 C  CB  . ILE A 1 37  ? -2.382  -6.523  1.876   1.00 41.80  ? 168 ILE A CB  1 
ATOM   309 C  CG1 . ILE A 1 37  ? -3.016  -6.107  3.212   1.00 38.90  ? 168 ILE A CG1 1 
ATOM   310 C  CG2 . ILE A 1 37  ? -2.503  -5.405  0.833   1.00 34.31  ? 168 ILE A CG2 1 
ATOM   311 C  CD1 . ILE A 1 37  ? -2.261  -5.012  3.972   1.00 43.25  ? 168 ILE A CD1 1 
ATOM   312 N  N   . TYR A 1 38  ? -1.499  -8.638  -0.284  1.00 39.13  ? 169 TYR A N   1 
ATOM   313 C  CA  . TYR A 1 38  ? -0.980  -8.972  -1.602  1.00 36.05  ? 169 TYR A CA  1 
ATOM   314 C  C   . TYR A 1 38  ? -1.868  -9.981  -2.360  1.00 39.63  ? 169 TYR A C   1 
ATOM   315 O  O   . TYR A 1 38  ? -1.997  -9.917  -3.577  1.00 35.13  ? 169 TYR A O   1 
ATOM   316 C  CB  . TYR A 1 38  ? 0.413   -9.562  -1.432  1.00 37.64  ? 169 TYR A CB  1 
ATOM   317 C  CG  . TYR A 1 38  ? 1.057   -10.067 -2.707  1.00 37.05  ? 169 TYR A CG  1 
ATOM   318 C  CD1 . TYR A 1 38  ? 1.810   -9.222  -3.511  1.00 37.53  ? 169 TYR A CD1 1 
ATOM   319 C  CD2 . TYR A 1 38  ? 0.927   -11.394 -3.091  1.00 35.55  ? 169 TYR A CD2 1 
ATOM   320 C  CE1 . TYR A 1 38  ? 2.424   -9.692  -4.670  1.00 41.78  ? 169 TYR A CE1 1 
ATOM   321 C  CE2 . TYR A 1 38  ? 1.529   -11.873 -4.238  1.00 38.70  ? 169 TYR A CE2 1 
ATOM   322 C  CZ  . TYR A 1 38  ? 2.278   -11.021 -5.029  1.00 43.32  ? 169 TYR A CZ  1 
ATOM   323 O  OH  . TYR A 1 38  ? 2.882   -11.487 -6.187  1.00 52.59  ? 169 TYR A OH  1 
ATOM   324 N  N   . LYS A 1 39  ? -2.480  -10.908 -1.626  1.00 37.79  ? 170 LYS A N   1 
ATOM   325 C  CA  . LYS A 1 39  ? -3.318  -11.944 -2.225  1.00 37.09  ? 170 LYS A CA  1 
ATOM   326 C  C   . LYS A 1 39  ? -4.796  -11.598 -2.318  1.00 36.62  ? 170 LYS A C   1 
ATOM   327 O  O   . LYS A 1 39  ? -5.596  -12.372 -2.855  1.00 33.87  ? 170 LYS A O   1 
ATOM   328 C  CB  . LYS A 1 39  ? -3.150  -13.252 -1.436  1.00 39.17  ? 170 LYS A CB  1 
ATOM   329 C  CG  . LYS A 1 39  ? -1.773  -13.851 -1.589  1.00 45.09  ? 170 LYS A CG  1 
ATOM   330 C  CD  . LYS A 1 39  ? -1.577  -15.131 -0.814  1.00 47.15  ? 170 LYS A CD  1 
ATOM   331 C  CE  . LYS A 1 39  ? -0.285  -15.811 -1.301  1.00 65.63  ? 170 LYS A CE  1 
ATOM   332 N  NZ  . LYS A 1 39  ? 0.042   -17.126 -0.650  1.00 80.89  ? 170 LYS A NZ  1 
ATOM   333 N  N   . ASN A 1 40  ? -5.161  -10.427 -1.812  1.00 37.63  ? 171 ASN A N   1 
ATOM   334 C  CA  . ASN A 1 40  ? -6.562  -10.053 -1.822  1.00 37.16  ? 171 ASN A CA  1 
ATOM   335 C  C   . ASN A 1 40  ? -6.920  -8.696  -2.357  1.00 35.95  ? 171 ASN A C   1 
ATOM   336 O  O   . ASN A 1 40  ? -8.086  -8.346  -2.332  1.00 35.99  ? 171 ASN A O   1 
ATOM   337 C  CB  . ASN A 1 40  ? -7.145  -10.201 -0.415  1.00 40.02  ? 171 ASN A CB  1 
ATOM   338 C  CG  . ASN A 1 40  ? -7.147  -11.630 0.050   1.00 37.91  ? 171 ASN A CG  1 
ATOM   339 O  OD1 . ASN A 1 40  ? -7.954  -12.448 -0.402  1.00 36.52  ? 171 ASN A OD1 1 
ATOM   340 N  ND2 . ASN A 1 40  ? -6.224  -11.952 0.938   1.00 36.87  ? 171 ASN A ND2 1 
ATOM   341 N  N   . TYR A 1 41  ? -5.955  -7.930  -2.848  1.00 35.26  ? 172 TYR A N   1 
ATOM   342 C  CA  . TYR A 1 41  ? -6.312  -6.615  -3.351  1.00 35.22  ? 172 TYR A CA  1 
ATOM   343 C  C   . TYR A 1 41  ? -7.009  -6.687  -4.711  1.00 35.24  ? 172 TYR A C   1 
ATOM   344 O  O   . TYR A 1 41  ? -7.594  -5.701  -5.173  1.00 38.02  ? 172 TYR A O   1 
ATOM   345 C  CB  . TYR A 1 41  ? -5.081  -5.697  -3.393  1.00 34.15  ? 172 TYR A CB  1 
ATOM   346 C  CG  . TYR A 1 41  ? -4.062  -5.970  -4.469  1.00 31.75  ? 172 TYR A CG  1 
ATOM   347 C  CD1 . TYR A 1 41  ? -4.220  -5.456  -5.745  1.00 30.92  ? 172 TYR A CD1 1 
ATOM   348 C  CD2 . TYR A 1 41  ? -2.901  -6.686  -4.188  1.00 31.43  ? 172 TYR A CD2 1 
ATOM   349 C  CE1 . TYR A 1 41  ? -3.237  -5.635  -6.724  1.00 30.12  ? 172 TYR A CE1 1 
ATOM   350 C  CE2 . TYR A 1 41  ? -1.913  -6.873  -5.151  1.00 28.99  ? 172 TYR A CE2 1 
ATOM   351 C  CZ  . TYR A 1 41  ? -2.079  -6.344  -6.416  1.00 32.10  ? 172 TYR A CZ  1 
ATOM   352 O  OH  . TYR A 1 41  ? -1.081  -6.501  -7.363  1.00 33.28  ? 172 TYR A OH  1 
ATOM   353 N  N   . TYR A 1 42  ? -6.981  -7.863  -5.330  1.00 32.29  ? 173 TYR A N   1 
ATOM   354 C  CA  . TYR A 1 42  ? -7.615  -8.047  -6.625  1.00 36.24  ? 173 TYR A CA  1 
ATOM   355 C  C   . TYR A 1 42  ? -9.128  -7.908  -6.445  1.00 39.69  ? 173 TYR A C   1 
ATOM   356 O  O   . TYR A 1 42  ? -9.871  -7.769  -7.416  1.00 41.10  ? 173 TYR A O   1 
ATOM   357 C  CB  . TYR A 1 42  ? -7.290  -9.429  -7.190  1.00 35.72  ? 173 TYR A CB  1 
ATOM   358 C  CG  . TYR A 1 42  ? -8.025  -10.557 -6.500  1.00 35.96  ? 173 TYR A CG  1 
ATOM   359 C  CD1 . TYR A 1 42  ? -9.263  -11.008 -6.972  1.00 39.56  ? 173 TYR A CD1 1 
ATOM   360 C  CD2 . TYR A 1 42  ? -7.522  -11.124 -5.334  1.00 32.66  ? 173 TYR A CD2 1 
ATOM   361 C  CE1 . TYR A 1 42  ? -9.979  -11.991 -6.293  1.00 38.21  ? 173 TYR A CE1 1 
ATOM   362 C  CE2 . TYR A 1 42  ? -8.229  -12.108 -4.646  1.00 32.00  ? 173 TYR A CE2 1 
ATOM   363 C  CZ  . TYR A 1 42  ? -9.459  -12.534 -5.128  1.00 38.78  ? 173 TYR A CZ  1 
ATOM   364 O  OH  . TYR A 1 42  ? -10.186 -13.470 -4.427  1.00 45.74  ? 173 TYR A OH  1 
ATOM   365 N  N   . GLN A 1 43  ? -9.583  -7.953  -5.200  1.00 36.24  ? 174 GLN A N   1 
ATOM   366 C  CA  . GLN A 1 43  ? -10.999 -7.807  -4.914  1.00 41.24  ? 174 GLN A CA  1 
ATOM   367 C  C   . GLN A 1 43  ? -11.407 -6.349  -4.880  1.00 42.21  ? 174 GLN A C   1 
ATOM   368 O  O   . GLN A 1 43  ? -12.588 -6.042  -4.912  1.00 42.29  ? 174 GLN A O   1 
ATOM   369 C  CB  . GLN A 1 43  ? -11.331 -8.471  -3.580  1.00 40.67  ? 174 GLN A CB  1 
ATOM   370 C  CG  . GLN A 1 43  ? -11.366 -9.982  -3.659  1.00 39.36  ? 174 GLN A CG  1 
ATOM   371 C  CD  . GLN A 1 43  ? -11.839 -10.599 -2.372  1.00 46.50  ? 174 GLN A CD  1 
ATOM   372 O  OE1 . GLN A 1 43  ? -12.944 -10.306 -1.900  1.00 51.35  ? 174 GLN A OE1 1 
ATOM   373 N  NE2 . GLN A 1 43  ? -11.008 -11.463 -1.789  1.00 40.38  ? 174 GLN A NE2 1 
ATOM   374 N  N   . GLY A 1 44  ? -10.426 -5.452  -4.803  1.00 44.01  ? 175 GLY A N   1 
ATOM   375 C  CA  . GLY A 1 44  ? -10.732 -4.034  -4.781  1.00 38.91  ? 175 GLY A CA  1 
ATOM   376 C  C   . GLY A 1 44  ? -10.026 -3.240  -3.705  1.00 40.54  ? 175 GLY A C   1 
ATOM   377 O  O   . GLY A 1 44  ? -9.756  -3.728  -2.604  1.00 38.87  ? 175 GLY A O   1 
ATOM   378 N  N   . ILE A 1 45  ? -9.715  -2.000  -4.041  1.00 39.08  ? 176 ILE A N   1 
ATOM   379 C  CA  . ILE A 1 45  ? -9.048  -1.105  -3.119  1.00 38.94  ? 176 ILE A CA  1 
ATOM   380 C  C   . ILE A 1 45  ? -9.885  0.166   -3.083  1.00 42.25  ? 176 ILE A C   1 
ATOM   381 O  O   . ILE A 1 45  ? -10.229 0.719   -4.126  1.00 41.54  ? 176 ILE A O   1 
ATOM   382 C  CB  . ILE A 1 45  ? -7.639  -0.751  -3.612  1.00 35.70  ? 176 ILE A CB  1 
ATOM   383 C  CG1 . ILE A 1 45  ? -6.793  -2.021  -3.731  1.00 39.61  ? 176 ILE A CG1 1 
ATOM   384 C  CG2 . ILE A 1 45  ? -6.995  0.216   -2.662  1.00 39.11  ? 176 ILE A CG2 1 
ATOM   385 C  CD1 . ILE A 1 45  ? -5.503  -1.856  -4.554  1.00 41.20  ? 176 ILE A CD1 1 
ATOM   386 N  N   . GLU A 1 46  ? -10.236 0.613   -1.886  1.00 43.77  ? 177 GLU A N   1 
ATOM   387 C  CA  . GLU A 1 46  ? -11.007 1.831   -1.726  1.00 43.83  ? 177 GLU A CA  1 
ATOM   388 C  C   . GLU A 1 46  ? -10.016 2.833   -1.148  1.00 48.80  ? 177 GLU A C   1 
ATOM   389 O  O   . GLU A 1 46  ? -9.465  2.602   -0.071  1.00 50.24  ? 177 GLU A O   1 
ATOM   390 C  CB  . GLU A 1 46  ? -12.133 1.616   -0.723  1.00 46.46  ? 177 GLU A CB  1 
ATOM   391 C  CG  . GLU A 1 46  ? -13.075 2.808   -0.550  1.00 56.39  ? 177 GLU A CG  1 
ATOM   392 C  CD  . GLU A 1 46  ? -13.850 2.776   0.775   1.00 65.31  ? 177 GLU A CD  1 
ATOM   393 O  OE1 . GLU A 1 46  ? -14.389 1.699   1.128   1.00 67.84  ? 177 GLU A OE1 1 
ATOM   394 O  OE2 . GLU A 1 46  ? -13.921 3.828   1.458   1.00 61.62  ? 177 GLU A OE2 1 
ATOM   395 N  N   . ILE A 1 47  ? -9.773  3.931   -1.867  1.00 48.43  ? 178 ILE A N   1 
ATOM   396 C  CA  . ILE A 1 47  ? -8.851  4.966   -1.403  1.00 46.17  ? 178 ILE A CA  1 
ATOM   397 C  C   . ILE A 1 47  ? -9.586  6.073   -0.658  1.00 49.08  ? 178 ILE A C   1 
ATOM   398 O  O   . ILE A 1 47  ? -10.649 6.520   -1.092  1.00 48.08  ? 178 ILE A O   1 
ATOM   399 C  CB  . ILE A 1 47  ? -8.096  5.612   -2.574  1.00 43.50  ? 178 ILE A CB  1 
ATOM   400 C  CG1 . ILE A 1 47  ? -7.306  4.556   -3.337  1.00 42.33  ? 178 ILE A CG1 1 
ATOM   401 C  CG2 . ILE A 1 47  ? -7.150  6.670   -2.054  1.00 45.07  ? 178 ILE A CG2 1 
ATOM   402 C  CD1 . ILE A 1 47  ? -6.221  3.869   -2.488  1.00 42.62  ? 178 ILE A CD1 1 
ATOM   403 N  N   . GLN A 1 48  ? -9.037  6.493   0.477   1.00 48.72  ? 179 GLN A N   1 
ATOM   404 C  CA  . GLN A 1 48  ? -9.636  7.581   1.233   1.00 49.37  ? 179 GLN A CA  1 
ATOM   405 C  C   . GLN A 1 48  ? -8.612  8.690   1.152   1.00 49.83  ? 179 GLN A C   1 
ATOM   406 O  O   . GLN A 1 48  ? -7.737  8.819   2.011   1.00 50.22  ? 179 GLN A O   1 
ATOM   407 C  CB  . GLN A 1 48  ? -9.856  7.218   2.705   1.00 53.74  ? 179 GLN A CB  1 
ATOM   408 C  CG  . GLN A 1 48  ? -10.909 6.137   2.986   1.00 52.80  ? 179 GLN A CG  1 
ATOM   409 C  CD  . GLN A 1 48  ? -10.362 4.722   2.811   1.00 60.08  ? 179 GLN A CD  1 
ATOM   410 O  OE1 . GLN A 1 48  ? -9.319  4.368   3.382   1.00 60.92  ? 179 GLN A OE1 1 
ATOM   411 N  NE2 . GLN A 1 48  ? -11.065 3.904   2.022   1.00 57.69  ? 179 GLN A NE2 1 
ATOM   412 N  N   . GLN A 1 49  ? -8.687  9.477   0.092   1.00 53.31  ? 180 GLN A N   1 
ATOM   413 C  CA  . GLN A 1 49  ? -7.743  10.568  -0.050  1.00 52.76  ? 180 GLN A CA  1 
ATOM   414 C  C   . GLN A 1 49  ? -8.224  11.696  0.848   1.00 55.61  ? 180 GLN A C   1 
ATOM   415 O  O   . GLN A 1 49  ? -9.270  12.299  0.605   1.00 59.54  ? 180 GLN A O   1 
ATOM   416 C  CB  . GLN A 1 49  ? -7.663  11.044  -1.502  1.00 49.81  ? 180 GLN A CB  1 
ATOM   417 C  CG  . GLN A 1 49  ? -6.496  11.975  -1.727  1.00 52.73  ? 180 GLN A CG  1 
ATOM   418 C  CD  . GLN A 1 49  ? -6.282  12.302  -3.182  1.00 53.27  ? 180 GLN A CD  1 
ATOM   419 O  OE1 . GLN A 1 49  ? -6.605  11.495  -4.057  1.00 56.24  ? 180 GLN A OE1 1 
ATOM   420 N  NE2 . GLN A 1 49  ? -5.718  13.479  -3.457  1.00 52.65  ? 180 GLN A NE2 1 
ATOM   421 N  N   . HIS A 1 50  ? -7.449  11.969  1.889   1.00 56.93  ? 181 HIS A N   1 
ATOM   422 C  CA  . HIS A 1 50  ? -7.778  13.007  2.852   1.00 57.28  ? 181 HIS A CA  1 
ATOM   423 C  C   . HIS A 1 50  ? -7.328  14.392  2.431   1.00 58.97  ? 181 HIS A C   1 
ATOM   424 O  O   . HIS A 1 50  ? -8.019  15.368  2.688   1.00 66.59  ? 181 HIS A O   1 
ATOM   425 C  CB  . HIS A 1 50  ? -7.130  12.687  4.192   1.00 57.93  ? 181 HIS A CB  1 
ATOM   426 C  CG  . HIS A 1 50  ? -7.400  11.299  4.671   1.00 51.09  ? 181 HIS A CG  1 
ATOM   427 N  ND1 . HIS A 1 50  ? -6.464  10.552  5.350   1.00 61.19  ? 181 HIS A ND1 1 
ATOM   428 C  CD2 . HIS A 1 50  ? -8.503  10.523  4.572   1.00 57.61  ? 181 HIS A CD2 1 
ATOM   429 C  CE1 . HIS A 1 50  ? -6.979  9.370   5.647   1.00 61.84  ? 181 HIS A CE1 1 
ATOM   430 N  NE2 . HIS A 1 50  ? -8.216  9.327   5.186   1.00 57.77  ? 181 HIS A NE2 1 
ATOM   431 N  N   . LYS A 1 51  ? -6.170  14.482  1.787   1.00 59.04  ? 182 LYS A N   1 
ATOM   432 C  CA  . LYS A 1 51  ? -5.648  15.780  1.386   1.00 57.84  ? 182 LYS A CA  1 
ATOM   433 C  C   . LYS A 1 51  ? -5.255  15.886  -0.089  1.00 60.88  ? 182 LYS A C   1 
ATOM   434 O  O   . LYS A 1 51  ? -5.062  14.885  -0.775  1.00 57.39  ? 182 LYS A O   1 
ATOM   435 C  CB  . LYS A 1 51  ? -4.465  16.136  2.292   1.00 56.37  ? 182 LYS A CB  1 
ATOM   436 C  CG  . LYS A 1 51  ? -4.722  15.702  3.724   1.00 62.67  ? 182 LYS A CG  1 
ATOM   437 C  CD  . LYS A 1 51  ? -3.921  16.472  4.767   1.00 71.60  ? 182 LYS A CD  1 
ATOM   438 C  CE  . LYS A 1 51  ? -2.437  16.135  4.748   1.00 77.34  ? 182 LYS A CE  1 
ATOM   439 N  NZ  . LYS A 1 51  ? -1.730  16.784  5.894   1.00 80.11  ? 182 LYS A NZ  1 
ATOM   440 N  N   . TYR A 1 52  ? -5.158  17.119  -0.565  1.00 61.94  ? 183 TYR A N   1 
ATOM   441 C  CA  . TYR A 1 52  ? -4.802  17.405  -1.944  1.00 60.28  ? 183 TYR A CA  1 
ATOM   442 C  C   . TYR A 1 52  ? -5.766  16.810  -2.971  1.00 59.82  ? 183 TYR A C   1 
ATOM   443 O  O   . TYR A 1 52  ? -5.363  16.598  -4.118  1.00 60.99  ? 183 TYR A O   1 
ATOM   444 C  CB  . TYR A 1 52  ? -3.389  16.900  -2.268  1.00 62.47  ? 183 TYR A CB  1 
ATOM   445 C  CG  . TYR A 1 52  ? -2.282  17.360  -1.335  1.00 74.37  ? 183 TYR A CG  1 
ATOM   446 C  CD1 . TYR A 1 52  ? -2.078  18.717  -1.051  1.00 74.04  ? 183 TYR A CD1 1 
ATOM   447 C  CD2 . TYR A 1 52  ? -1.428  16.426  -0.735  1.00 76.26  ? 183 TYR A CD2 1 
ATOM   448 C  CE1 . TYR A 1 52  ? -1.050  19.126  -0.186  1.00 78.09  ? 183 TYR A CE1 1 
ATOM   449 C  CE2 . TYR A 1 52  ? -0.402  16.821  0.127   1.00 75.62  ? 183 TYR A CE2 1 
ATOM   450 C  CZ  . TYR A 1 52  ? -0.220  18.168  0.401   1.00 81.28  ? 183 TYR A CZ  1 
ATOM   451 O  OH  . TYR A 1 52  ? 0.768   18.539  1.288   1.00 84.77  ? 183 TYR A OH  1 
ATOM   452 N  N   . GLN A 1 53  ? -7.021  16.539  -2.609  1.00 57.80  ? 184 GLN A N   1 
ATOM   453 C  CA  . GLN A 1 53  ? -7.909  15.981  -3.625  1.00 57.40  ? 184 GLN A CA  1 
ATOM   454 C  C   . GLN A 1 53  ? -8.280  16.965  -4.728  1.00 62.02  ? 184 GLN A C   1 
ATOM   455 O  O   . GLN A 1 53  ? -8.878  16.576  -5.733  1.00 64.05  ? 184 GLN A O   1 
ATOM   456 C  CB  . GLN A 1 53  ? -9.189  15.363  -3.036  1.00 55.39  ? 184 GLN A CB  1 
ATOM   457 C  CG  . GLN A 1 53  ? -9.602  15.746  -1.619  1.00 63.81  ? 184 GLN A CG  1 
ATOM   458 C  CD  . GLN A 1 53  ? -10.764 14.875  -1.097  1.00 65.73  ? 184 GLN A CD  1 
ATOM   459 O  OE1 . GLN A 1 53  ? -11.261 13.992  -1.803  1.00 65.02  ? 184 GLN A OE1 1 
ATOM   460 N  NE2 . GLN A 1 53  ? -11.185 15.119  0.146   1.00 60.94  ? 184 GLN A NE2 1 
ATOM   461 N  N   . ASN A 1 54  ? -7.927  18.236  -4.557  1.00 65.20  ? 185 ASN A N   1 
ATOM   462 C  CA  . ASN A 1 54  ? -8.217  19.223  -5.593  1.00 64.45  ? 185 ASN A CA  1 
ATOM   463 C  C   . ASN A 1 54  ? -7.106  19.145  -6.648  1.00 63.48  ? 185 ASN A C   1 
ATOM   464 O  O   . ASN A 1 54  ? -7.364  19.209  -7.853  1.00 56.55  ? 185 ASN A O   1 
ATOM   465 C  CB  . ASN A 1 54  ? -8.267  20.631  -5.000  1.00 61.66  ? 185 ASN A CB  1 
ATOM   466 C  CG  . ASN A 1 54  ? -9.677  21.051  -4.575  1.00 61.13  ? 185 ASN A CG  1 
ATOM   467 O  OD1 . ASN A 1 54  ? -9.843  21.946  -3.743  1.00 65.63  ? 185 ASN A OD1 1 
ATOM   468 N  ND2 . ASN A 1 54  ? -10.691 20.419  -5.153  1.00 63.43  ? 185 ASN A ND2 1 
ATOM   469 N  N   . GLU A 1 55  ? -5.878  18.953  -6.171  1.00 60.62  ? 186 GLU A N   1 
ATOM   470 C  CA  . GLU A 1 55  ? -4.699  18.893  -7.031  1.00 65.43  ? 186 GLU A CA  1 
ATOM   471 C  C   . GLU A 1 55  ? -4.206  17.524  -7.498  1.00 64.46  ? 186 GLU A C   1 
ATOM   472 O  O   . GLU A 1 55  ? -3.639  17.412  -8.580  1.00 61.37  ? 186 GLU A O   1 
ATOM   473 C  CB  . GLU A 1 55  ? -3.512  19.564  -6.338  1.00 69.95  ? 186 GLU A CB  1 
ATOM   474 C  CG  . GLU A 1 55  ? -3.792  20.891  -5.667  1.00 72.49  ? 186 GLU A CG  1 
ATOM   475 C  CD  . GLU A 1 55  ? -4.272  20.736  -4.229  1.00 73.71  ? 186 GLU A CD  1 
ATOM   476 O  OE1 . GLU A 1 55  ? -5.338  20.119  -3.990  1.00 71.83  ? 186 GLU A OE1 1 
ATOM   477 O  OE2 . GLU A 1 55  ? -3.572  21.237  -3.327  1.00 76.81  ? 186 GLU A OE2 1 
ATOM   478 N  N   . LEU A 1 56  ? -4.432  16.490  -6.692  1.00 63.94  ? 187 LEU A N   1 
ATOM   479 C  CA  . LEU A 1 56  ? -3.909  15.160  -6.990  1.00 58.66  ? 187 LEU A CA  1 
ATOM   480 C  C   . LEU A 1 56  ? -4.853  13.967  -6.894  1.00 56.63  ? 187 LEU A C   1 
ATOM   481 O  O   . LEU A 1 56  ? -5.845  13.995  -6.157  1.00 54.22  ? 187 LEU A O   1 
ATOM   482 C  CB  . LEU A 1 56  ? -2.721  14.940  -6.052  1.00 61.25  ? 187 LEU A CB  1 
ATOM   483 C  CG  . LEU A 1 56  ? -2.203  13.574  -5.649  1.00 59.01  ? 187 LEU A CG  1 
ATOM   484 C  CD1 . LEU A 1 56  ? -1.115  13.212  -6.614  1.00 55.46  ? 187 LEU A CD1 1 
ATOM   485 C  CD2 . LEU A 1 56  ? -1.672  13.613  -4.226  1.00 55.16  ? 187 LEU A CD2 1 
ATOM   486 N  N   . ASP A 1 57  ? -4.562  12.929  -7.675  1.00 56.10  ? 188 ASP A N   1 
ATOM   487 C  CA  . ASP A 1 57  ? -5.344  11.702  -7.575  1.00 53.35  ? 188 ASP A CA  1 
ATOM   488 C  C   . ASP A 1 57  ? -4.343  10.613  -7.246  1.00 49.66  ? 188 ASP A C   1 
ATOM   489 O  O   . ASP A 1 57  ? -3.323  10.458  -7.928  1.00 46.95  ? 188 ASP A O   1 
ATOM   490 C  CB  . ASP A 1 57  ? -6.053  11.298  -8.853  1.00 45.27  ? 188 ASP A CB  1 
ATOM   491 C  CG  . ASP A 1 57  ? -6.871  10.022  -8.653  1.00 52.87  ? 188 ASP A CG  1 
ATOM   492 O  OD1 . ASP A 1 57  ? -7.643  9.994   -7.667  1.00 48.54  ? 188 ASP A OD1 1 
ATOM   493 O  OD2 . ASP A 1 57  ? -6.752  9.055   -9.450  1.00 58.09  ? 188 ASP A OD2 1 
ATOM   494 N  N   . ILE A 1 58  ? -4.636  9.864   -6.191  1.00 48.91  ? 189 ILE A N   1 
ATOM   495 C  CA  . ILE A 1 58  ? -3.766  8.787   -5.744  1.00 46.20  ? 189 ILE A CA  1 
ATOM   496 C  C   . ILE A 1 58  ? -4.434  7.433   -5.885  1.00 46.50  ? 189 ILE A C   1 
ATOM   497 O  O   . ILE A 1 58  ? -5.498  7.200   -5.306  1.00 45.54  ? 189 ILE A O   1 
ATOM   498 C  CB  . ILE A 1 58  ? -3.427  8.915   -4.269  1.00 47.62  ? 189 ILE A CB  1 
ATOM   499 C  CG1 . ILE A 1 58  ? -2.657  10.205  -3.973  1.00 47.76  ? 189 ILE A CG1 1 
ATOM   500 C  CG2 . ILE A 1 58  ? -2.639  7.696   -3.848  1.00 45.32  ? 189 ILE A CG2 1 
ATOM   501 C  CD1 . ILE A 1 58  ? -2.398  10.412  -2.463  1.00 46.60  ? 189 ILE A CD1 1 
ATOM   502 N  N   . LYS A 1 59  ? -3.791  6.537   -6.627  1.00 47.84  ? 190 LYS A N   1 
ATOM   503 C  CA  . LYS A 1 59  ? -4.293  5.174   -6.814  1.00 40.28  ? 190 LYS A CA  1 
ATOM   504 C  C   . LYS A 1 59  ? -3.195  4.197   -6.460  1.00 38.88  ? 190 LYS A C   1 
ATOM   505 O  O   . LYS A 1 59  ? -2.025  4.436   -6.755  1.00 39.73  ? 190 LYS A O   1 
ATOM   506 C  CB  . LYS A 1 59  ? -4.657  4.908   -8.265  1.00 40.38  ? 190 LYS A CB  1 
ATOM   507 C  CG  . LYS A 1 59  ? -5.966  5.517   -8.766  1.00 45.46  ? 190 LYS A CG  1 
ATOM   508 C  CD  . LYS A 1 59  ? -7.180  5.020   -7.991  1.00 46.42  ? 190 LYS A CD  1 
ATOM   509 C  CE  . LYS A 1 59  ? -8.477  5.473   -8.669  1.00 49.48  ? 190 LYS A CE  1 
ATOM   510 N  NZ  . LYS A 1 59  ? -8.578  6.953   -8.859  1.00 53.20  ? 190 LYS A NZ  1 
ATOM   511 N  N   . ILE A 1 60  ? -3.547  3.101   -5.806  1.00 41.06  ? 191 ILE A N   1 
ATOM   512 C  CA  . ILE A 1 60  ? -2.545  2.088   -5.514  1.00 36.18  ? 191 ILE A CA  1 
ATOM   513 C  C   . ILE A 1 60  ? -2.849  1.070   -6.611  1.00 34.05  ? 191 ILE A C   1 
ATOM   514 O  O   . ILE A 1 60  ? -3.913  0.462   -6.620  1.00 36.47  ? 191 ILE A O   1 
ATOM   515 C  CB  . ILE A 1 60  ? -2.774  1.448   -4.150  1.00 35.06  ? 191 ILE A CB  1 
ATOM   516 C  CG1 . ILE A 1 60  ? -2.430  2.461   -3.057  1.00 36.40  ? 191 ILE A CG1 1 
ATOM   517 C  CG2 . ILE A 1 60  ? -1.946  0.171   -4.027  1.00 33.38  ? 191 ILE A CG2 1 
ATOM   518 C  CD1 . ILE A 1 60  ? -2.856  2.030   -1.633  1.00 42.63  ? 191 ILE A CD1 1 
ATOM   519 N  N   . ILE A 1 61  ? -1.947  0.888   -7.560  1.00 32.96  ? 192 ILE A N   1 
ATOM   520 C  CA  . ILE A 1 61  ? -2.232  -0.062  -8.628  1.00 33.99  ? 192 ILE A CA  1 
ATOM   521 C  C   . ILE A 1 61  ? -1.694  -1.477  -8.340  1.00 33.02  ? 192 ILE A C   1 
ATOM   522 O  O   . ILE A 1 61  ? -2.208  -2.459  -8.897  1.00 29.53  ? 192 ILE A O   1 
ATOM   523 C  CB  . ILE A 1 61  ? -1.723  0.490   -10.001 1.00 37.08  ? 192 ILE A CB  1 
ATOM   524 C  CG1 . ILE A 1 61  ? -0.196  0.561   -10.036 1.00 37.40  ? 192 ILE A CG1 1 
ATOM   525 C  CG2 . ILE A 1 61  ? -2.290  1.877   -10.226 1.00 32.88  ? 192 ILE A CG2 1 
ATOM   526 C  CD1 . ILE A 1 61  ? 0.355   1.106   -11.390 1.00 30.88  ? 192 ILE A CD1 1 
ATOM   527 N  N   . ASN A 1 62  ? -0.694  -1.569  -7.452  1.00 37.16  ? 193 ASN A N   1 
ATOM   528 C  CA  . ASN A 1 62  ? -0.098  -2.862  -7.067  1.00 38.33  ? 193 ASN A CA  1 
ATOM   529 C  C   . ASN A 1 62  ? 0.527   -2.847  -5.688  1.00 33.44  ? 193 ASN A C   1 
ATOM   530 O  O   . ASN A 1 62  ? 1.053   -1.830  -5.252  1.00 36.06  ? 193 ASN A O   1 
ATOM   531 C  CB  . ASN A 1 62  ? 1.003   -3.302  -8.032  1.00 34.44  ? 193 ASN A CB  1 
ATOM   532 C  CG  . ASN A 1 62  ? 0.477   -3.617  -9.410  1.00 36.01  ? 193 ASN A CG  1 
ATOM   533 O  OD1 . ASN A 1 62  ? 0.611   -2.811  -10.331 1.00 40.73  ? 193 ASN A OD1 1 
ATOM   534 N  ND2 . ASN A 1 62  ? -0.148  -4.783  -9.559  1.00 33.62  ? 193 ASN A ND2 1 
ATOM   535 N  N   . PHE A 1 63  ? 0.444   -3.974  -4.998  1.00 33.03  ? 194 PHE A N   1 
ATOM   536 C  CA  . PHE A 1 63  ? 1.074   -4.122  -3.701  1.00 37.92  ? 194 PHE A CA  1 
ATOM   537 C  C   . PHE A 1 63  ? 2.197   -5.129  -4.004  1.00 41.40  ? 194 PHE A C   1 
ATOM   538 O  O   . PHE A 1 63  ? 1.964   -6.178  -4.613  1.00 34.57  ? 194 PHE A O   1 
ATOM   539 C  CB  . PHE A 1 63  ? 0.101   -4.712  -2.689  1.00 35.88  ? 194 PHE A CB  1 
ATOM   540 C  CG  . PHE A 1 63  ? -0.860  -3.712  -2.100  1.00 34.79  ? 194 PHE A CG  1 
ATOM   541 C  CD1 . PHE A 1 63  ? -0.433  -2.787  -1.158  1.00 37.20  ? 194 PHE A CD1 1 
ATOM   542 C  CD2 . PHE A 1 63  ? -2.200  -3.703  -2.480  1.00 31.71  ? 194 PHE A CD2 1 
ATOM   543 C  CE1 . PHE A 1 63  ? -1.328  -1.876  -0.606  1.00 38.41  ? 194 PHE A CE1 1 
ATOM   544 C  CE2 . PHE A 1 63  ? -3.089  -2.799  -1.934  1.00 32.05  ? 194 PHE A CE2 1 
ATOM   545 C  CZ  . PHE A 1 63  ? -2.653  -1.884  -1.000  1.00 32.32  ? 194 PHE A CZ  1 
ATOM   546 N  N   . LEU A 1 64  ? 3.415   -4.810  -3.594  1.00 42.04  ? 195 LEU A N   1 
ATOM   547 C  CA  . LEU A 1 64  ? 4.536   -5.701  -3.838  1.00 39.83  ? 195 LEU A CA  1 
ATOM   548 C  C   . LEU A 1 64  ? 5.338   -5.916  -2.574  1.00 41.14  ? 195 LEU A C   1 
ATOM   549 O  O   . LEU A 1 64  ? 5.381   -5.045  -1.711  1.00 43.60  ? 195 LEU A O   1 
ATOM   550 C  CB  . LEU A 1 64  ? 5.442   -5.104  -4.900  1.00 41.49  ? 195 LEU A CB  1 
ATOM   551 C  CG  . LEU A 1 64  ? 4.844   -4.852  -6.284  1.00 43.03  ? 195 LEU A CG  1 
ATOM   552 C  CD1 . LEU A 1 64  ? 5.789   -3.984  -7.115  1.00 45.75  ? 195 LEU A CD1 1 
ATOM   553 C  CD2 . LEU A 1 64  ? 4.563   -6.182  -6.964  1.00 40.72  ? 195 LEU A CD2 1 
ATOM   554 N  N   . TYR A 1 65  ? 5.966   -7.081  -2.461  1.00 44.21  ? 196 TYR A N   1 
ATOM   555 C  CA  . TYR A 1 65  ? 6.801   -7.383  -1.305  1.00 43.51  ? 196 TYR A CA  1 
ATOM   556 C  C   . TYR A 1 65  ? 8.072   -6.589  -1.557  1.00 40.91  ? 196 TYR A C   1 
ATOM   557 O  O   . TYR A 1 65  ? 8.587   -6.559  -2.682  1.00 43.22  ? 196 TYR A O   1 
ATOM   558 C  CB  . TYR A 1 65  ? 7.126   -8.872  -1.249  1.00 44.43  ? 196 TYR A CB  1 
ATOM   559 C  CG  . TYR A 1 65  ? 5.902   -9.737  -1.026  1.00 41.14  ? 196 TYR A CG  1 
ATOM   560 C  CD1 . TYR A 1 65  ? 4.995   -9.451  0.003   1.00 42.32  ? 196 TYR A CD1 1 
ATOM   561 C  CD2 . TYR A 1 65  ? 5.655   -10.860 -1.817  1.00 36.73  ? 196 TYR A CD2 1 
ATOM   562 C  CE1 . TYR A 1 65  ? 3.876   -10.264 0.242   1.00 38.42  ? 196 TYR A CE1 1 
ATOM   563 C  CE2 . TYR A 1 65  ? 4.534   -11.675 -1.580  1.00 35.23  ? 196 TYR A CE2 1 
ATOM   564 C  CZ  . TYR A 1 65  ? 3.660   -11.369 -0.545  1.00 34.46  ? 196 TYR A CZ  1 
ATOM   565 O  OH  . TYR A 1 65  ? 2.599   -12.196 -0.260  1.00 38.89  ? 196 TYR A OH  1 
ATOM   566 N  N   . PRO A 1 66  ? 8.602   -5.929  -0.526  1.00 43.58  ? 197 PRO A N   1 
ATOM   567 C  CA  . PRO A 1 66  ? 9.822   -5.151  -0.744  1.00 46.74  ? 197 PRO A CA  1 
ATOM   568 C  C   . PRO A 1 66  ? 10.945  -5.940  -1.403  1.00 51.59  ? 197 PRO A C   1 
ATOM   569 O  O   . PRO A 1 66  ? 11.606  -5.436  -2.317  1.00 50.31  ? 197 PRO A O   1 
ATOM   570 C  CB  . PRO A 1 66  ? 10.175  -4.677  0.656   1.00 46.19  ? 197 PRO A CB  1 
ATOM   571 C  CG  . PRO A 1 66  ? 8.799   -4.528  1.292   1.00 45.20  ? 197 PRO A CG  1 
ATOM   572 C  CD  . PRO A 1 66  ? 8.152   -5.819  0.869   1.00 43.94  ? 197 PRO A CD  1 
ATOM   573 N  N   . ASP A 1 67  ? 11.155  -7.174  -0.951  1.00 50.64  ? 198 ASP A N   1 
ATOM   574 C  CA  . ASP A 1 67  ? 12.214  -8.003  -1.511  1.00 52.15  ? 198 ASP A CA  1 
ATOM   575 C  C   . ASP A 1 67  ? 11.772  -9.049  -2.509  1.00 55.65  ? 198 ASP A C   1 
ATOM   576 O  O   . ASP A 1 67  ? 12.590  -9.857  -2.940  1.00 55.10  ? 198 ASP A O   1 
ATOM   577 C  CB  . ASP A 1 67  ? 12.975  -8.722  -0.407  1.00 53.11  ? 198 ASP A CB  1 
ATOM   578 C  CG  . ASP A 1 67  ? 13.619  -7.773  0.556   1.00 61.74  ? 198 ASP A CG  1 
ATOM   579 O  OD1 . ASP A 1 67  ? 13.979  -6.654  0.121   1.00 62.75  ? 198 ASP A OD1 1 
ATOM   580 O  OD2 . ASP A 1 67  ? 13.781  -8.150  1.738   1.00 66.00  ? 198 ASP A OD2 1 
ATOM   581 N  N   . GLY A 1 68  ? 10.495  -9.077  -2.865  1.00 53.71  ? 199 GLY A N   1 
ATOM   582 C  CA  . GLY A 1 68  ? 10.065  -10.081 -3.819  1.00 45.56  ? 199 GLY A CA  1 
ATOM   583 C  C   . GLY A 1 68  ? 9.481   -11.354 -3.225  1.00 52.56  ? 199 GLY A C   1 
ATOM   584 O  O   . GLY A 1 68  ? 9.001   -12.204 -3.980  1.00 51.90  ? 199 GLY A O   1 
ATOM   585 N  N   . ASP A 1 69  ? 9.537   -11.530 -1.904  1.00 48.82  ? 200 ASP A N   1 
ATOM   586 C  CA  . ASP A 1 69  ? 8.971   -12.738 -1.317  1.00 52.20  ? 200 ASP A CA  1 
ATOM   587 C  C   . ASP A 1 69  ? 8.297   -12.440 0.024   1.00 49.73  ? 200 ASP A C   1 
ATOM   588 O  O   . ASP A 1 69  ? 8.833   -11.694 0.849   1.00 51.66  ? 200 ASP A O   1 
ATOM   589 C  CB  . ASP A 1 69  ? 10.060  -13.817 -1.155  1.00 55.80  ? 200 ASP A CB  1 
ATOM   590 C  CG  . ASP A 1 69  ? 10.685  -13.846 0.244   1.00 56.92  ? 200 ASP A CG  1 
ATOM   591 O  OD1 . ASP A 1 69  ? 11.454  -12.917 0.595   1.00 56.95  ? 200 ASP A OD1 1 
ATOM   592 O  OD2 . ASP A 1 69  ? 10.406  -14.819 0.988   1.00 55.08  ? 200 ASP A OD2 1 
ATOM   593 N  N   . PHE A 1 70  ? 7.126   -13.038 0.228   1.00 43.90  ? 201 PHE A N   1 
ATOM   594 C  CA  . PHE A 1 70  ? 6.308   -12.852 1.432   1.00 47.58  ? 201 PHE A CA  1 
ATOM   595 C  C   . PHE A 1 70  ? 6.991   -13.001 2.805   1.00 52.57  ? 201 PHE A C   1 
ATOM   596 O  O   . PHE A 1 70  ? 6.767   -12.177 3.694   1.00 48.15  ? 201 PHE A O   1 
ATOM   597 C  CB  . PHE A 1 70  ? 5.104   -13.796 1.380   1.00 50.21  ? 201 PHE A CB  1 
ATOM   598 C  CG  . PHE A 1 70  ? 5.389   -15.186 1.898   1.00 53.94  ? 201 PHE A CG  1 
ATOM   599 C  CD1 . PHE A 1 70  ? 5.938   -16.164 1.072   1.00 56.10  ? 201 PHE A CD1 1 
ATOM   600 C  CD2 . PHE A 1 70  ? 5.082   -15.518 3.217   1.00 51.65  ? 201 PHE A CD2 1 
ATOM   601 C  CE1 . PHE A 1 70  ? 6.167   -17.453 1.553   1.00 58.52  ? 201 PHE A CE1 1 
ATOM   602 C  CE2 . PHE A 1 70  ? 5.307   -16.802 3.707   1.00 54.70  ? 201 PHE A CE2 1 
ATOM   603 C  CZ  . PHE A 1 70  ? 5.851   -17.773 2.876   1.00 58.44  ? 201 PHE A CZ  1 
ATOM   604 N  N   . GLY A 1 71  ? 7.802   -14.041 3.000   1.00 56.85  ? 202 GLY A N   1 
ATOM   605 C  CA  . GLY A 1 71  ? 8.443   -14.209 4.298   1.00 52.03  ? 202 GLY A CA  1 
ATOM   606 C  C   . GLY A 1 71  ? 9.169   -12.961 4.776   1.00 51.88  ? 202 GLY A C   1 
ATOM   607 O  O   . GLY A 1 71  ? 9.044   -12.541 5.929   1.00 49.94  ? 202 GLY A O   1 
ATOM   608 N  N   . SER A 1 72  ? 9.922   -12.360 3.862   1.00 53.53  ? 203 SER A N   1 
ATOM   609 C  CA  . SER A 1 72  ? 10.694  -11.151 4.154   1.00 55.70  ? 203 SER A CA  1 
ATOM   610 C  C   . SER A 1 72  ? 9.774   -9.991  4.539   1.00 54.29  ? 203 SER A C   1 
ATOM   611 O  O   . SER A 1 72  ? 10.054  -9.228  5.466   1.00 58.06  ? 203 SER A O   1 
ATOM   612 C  CB  . SER A 1 72  ? 11.526  -10.767 2.925   1.00 58.16  ? 203 SER A CB  1 
ATOM   613 O  OG  . SER A 1 72  ? 12.419  -9.706  3.215   1.00 69.68  ? 203 SER A OG  1 
ATOM   614 N  N   . ALA A 1 73  ? 8.670   -9.875  3.815   1.00 56.42  ? 204 ALA A N   1 
ATOM   615 C  CA  . ALA A 1 73  ? 7.695   -8.828  4.058   1.00 52.42  ? 204 ALA A CA  1 
ATOM   616 C  C   . ALA A 1 73  ? 6.912   -9.091  5.344   1.00 51.78  ? 204 ALA A C   1 
ATOM   617 O  O   . ALA A 1 73  ? 6.684   -8.175  6.134   1.00 54.42  ? 204 ALA A O   1 
ATOM   618 C  CB  . ALA A 1 73  ? 6.750   -8.728  2.870   1.00 47.94  ? 204 ALA A CB  1 
ATOM   619 N  N   . ASN A 1 74  ? 6.501   -10.337 5.555   1.00 48.05  ? 205 ASN A N   1 
ATOM   620 C  CA  . ASN A 1 74  ? 5.744   -10.675 6.749   1.00 50.04  ? 205 ASN A CA  1 
ATOM   621 C  C   . ASN A 1 74  ? 6.555   -10.453 8.029   1.00 49.98  ? 205 ASN A C   1 
ATOM   622 O  O   . ASN A 1 74  ? 5.992   -10.165 9.078   1.00 48.93  ? 205 ASN A O   1 
ATOM   623 C  CB  . ASN A 1 74  ? 5.242   -12.126 6.670   1.00 50.74  ? 205 ASN A CB  1 
ATOM   624 C  CG  . ASN A 1 74  ? 3.994   -12.264 5.812   1.00 49.11  ? 205 ASN A CG  1 
ATOM   625 O  OD1 . ASN A 1 74  ? 3.469   -11.276 5.290   1.00 47.53  ? 205 ASN A OD1 1 
ATOM   626 N  ND2 . ASN A 1 74  ? 3.506   -13.488 5.674   1.00 49.40  ? 205 ASN A ND2 1 
ATOM   627 N  N   . LYS A 1 75  ? 7.877   -10.578 7.938   1.00 53.79  ? 206 LYS A N   1 
ATOM   628 C  CA  . LYS A 1 75  ? 8.741   -10.370 9.102   1.00 57.32  ? 206 LYS A CA  1 
ATOM   629 C  C   . LYS A 1 75  ? 8.805   -8.898  9.502   1.00 56.74  ? 206 LYS A C   1 
ATOM   630 O  O   . LYS A 1 75  ? 8.797   -8.578  10.691  1.00 58.29  ? 206 LYS A O   1 
ATOM   631 C  CB  . LYS A 1 75  ? 10.159  -10.888 8.830   1.00 56.91  ? 206 LYS A CB  1 
ATOM   632 C  CG  . LYS A 1 75  ? 10.338  -12.390 9.039   1.00 60.08  ? 206 LYS A CG  1 
ATOM   633 C  CD  . LYS A 1 75  ? 11.670  -12.873 8.491   1.00 62.67  ? 206 LYS A CD  1 
ATOM   634 C  CE  . LYS A 1 75  ? 11.610  -14.360 8.169   1.00 68.24  ? 206 LYS A CE  1 
ATOM   635 N  NZ  . LYS A 1 75  ? 12.744  -14.815 7.304   1.00 72.84  ? 206 LYS A NZ  1 
ATOM   636 N  N   . ASN A 1 76  ? 8.858   -8.009  8.509   1.00 59.19  ? 207 ASN A N   1 
ATOM   637 C  CA  . ASN A 1 76  ? 8.929   -6.561  8.748   1.00 54.19  ? 207 ASN A CA  1 
ATOM   638 C  C   . ASN A 1 76  ? 7.561   -5.872  8.686   1.00 55.49  ? 207 ASN A C   1 
ATOM   639 O  O   . ASN A 1 76  ? 7.476   -4.662  8.863   1.00 53.98  ? 207 ASN A O   1 
ATOM   640 C  CB  . ASN A 1 76  ? 9.842   -5.894  7.712   1.00 56.73  ? 207 ASN A CB  1 
ATOM   641 C  CG  . ASN A 1 76  ? 11.208  -6.545  7.621   1.00 63.52  ? 207 ASN A CG  1 
ATOM   642 O  OD1 . ASN A 1 76  ? 11.771  -6.675  6.530   1.00 62.05  ? 207 ASN A OD1 1 
ATOM   643 N  ND2 . ASN A 1 76  ? 11.757  -6.943  8.764   1.00 70.33  ? 207 ASN A ND2 1 
ATOM   644 N  N   . GLY A 1 77  ? 6.498   -6.631  8.434   1.00 51.63  ? 208 GLY A N   1 
ATOM   645 C  CA  . GLY A 1 77  ? 5.179   -6.024  8.345   1.00 52.60  ? 208 GLY A CA  1 
ATOM   646 C  C   . GLY A 1 77  ? 5.239   -4.842  7.389   1.00 52.89  ? 208 GLY A C   1 
ATOM   647 O  O   . GLY A 1 77  ? 4.664   -3.775  7.636   1.00 46.90  ? 208 GLY A O   1 
ATOM   648 N  N   . THR A 1 78  ? 5.927   -5.068  6.274   1.00 48.16  ? 209 THR A N   1 
ATOM   649 C  CA  . THR A 1 78  ? 6.136   -4.063  5.245   1.00 47.36  ? 209 THR A CA  1 
ATOM   650 C  C   . THR A 1 78  ? 5.598   -4.408  3.853   1.00 48.21  ? 209 THR A C   1 
ATOM   651 O  O   . THR A 1 78  ? 5.457   -5.576  3.502   1.00 50.11  ? 209 THR A O   1 
ATOM   652 C  CB  . THR A 1 78  ? 7.624   -3.793  5.130   1.00 47.45  ? 209 THR A CB  1 
ATOM   653 O  OG1 . THR A 1 78  ? 8.139   -3.440  6.420   1.00 52.59  ? 209 THR A OG1 1 
ATOM   654 C  CG2 . THR A 1 78  ? 7.895   -2.681  4.138   1.00 54.25  ? 209 THR A CG2 1 
ATOM   655 N  N   . LEU A 1 79  ? 5.291   -3.376  3.073   1.00 44.86  ? 210 LEU A N   1 
ATOM   656 C  CA  . LEU A 1 79  ? 4.788   -3.548  1.716   1.00 44.53  ? 210 LEU A CA  1 
ATOM   657 C  C   . LEU A 1 79  ? 5.319   -2.409  0.870   1.00 47.00  ? 210 LEU A C   1 
ATOM   658 O  O   . LEU A 1 79  ? 5.663   -1.339  1.382   1.00 48.86  ? 210 LEU A O   1 
ATOM   659 C  CB  . LEU A 1 79  ? 3.258   -3.519  1.677   1.00 44.35  ? 210 LEU A CB  1 
ATOM   660 C  CG  . LEU A 1 79  ? 2.440   -4.764  2.025   1.00 45.56  ? 210 LEU A CG  1 
ATOM   661 C  CD1 . LEU A 1 79  ? 0.997   -4.333  2.253   1.00 43.95  ? 210 LEU A CD1 1 
ATOM   662 C  CD2 . LEU A 1 79  ? 2.521   -5.803  0.921   1.00 41.47  ? 210 LEU A CD2 1 
ATOM   663 N  N   . LYS A 1 80  ? 5.404   -2.647  -0.429  1.00 46.13  ? 211 LYS A N   1 
ATOM   664 C  CA  . LYS A 1 80  ? 5.872   -1.653  -1.371  1.00 45.57  ? 211 LYS A CA  1 
ATOM   665 C  C   . LYS A 1 80  ? 4.613   -1.308  -2.158  1.00 47.86  ? 211 LYS A C   1 
ATOM   666 O  O   . LYS A 1 80  ? 4.051   -2.150  -2.863  1.00 44.49  ? 211 LYS A O   1 
ATOM   667 C  CB  . LYS A 1 80  ? 6.931   -2.289  -2.269  1.00 43.13  ? 211 LYS A CB  1 
ATOM   668 C  CG  . LYS A 1 80  ? 7.641   -1.320  -3.207  1.00 53.54  ? 211 LYS A CG  1 
ATOM   669 C  CD  . LYS A 1 80  ? 8.838   -1.934  -3.979  1.00 57.07  ? 211 LYS A CD  1 
ATOM   670 C  CE  . LYS A 1 80  ? 10.032  -2.167  -3.053  1.00 60.37  ? 211 LYS A CE  1 
ATOM   671 N  NZ  . LYS A 1 80  ? 11.239  -2.700  -3.765  1.00 54.13  ? 211 LYS A NZ  1 
ATOM   672 N  N   . LEU A 1 81  ? 4.144   -0.079  -2.002  1.00 50.67  ? 212 LEU A N   1 
ATOM   673 C  CA  . LEU A 1 81  ? 2.945   0.376   -2.697  1.00 44.61  ? 212 LEU A CA  1 
ATOM   674 C  C   . LEU A 1 81  ? 3.273   1.016   -4.040  1.00 44.28  ? 212 LEU A C   1 
ATOM   675 O  O   . LEU A 1 81  ? 3.954   2.041   -4.113  1.00 44.57  ? 212 LEU A O   1 
ATOM   676 C  CB  . LEU A 1 81  ? 2.193   1.388   -1.843  1.00 44.16  ? 212 LEU A CB  1 
ATOM   677 C  CG  . LEU A 1 81  ? 1.124   0.869   -0.889  1.00 43.54  ? 212 LEU A CG  1 
ATOM   678 C  CD1 . LEU A 1 81  ? 1.764   -0.002  0.166   1.00 43.17  ? 212 LEU A CD1 1 
ATOM   679 C  CD2 . LEU A 1 81  ? 0.385   2.058   -0.254  1.00 42.21  ? 212 LEU A CD2 1 
ATOM   680 N  N   . SER A 1 82  ? 2.788   0.413   -5.112  1.00 42.66  ? 213 SER A N   1 
ATOM   681 C  CA  . SER A 1 82  ? 3.037   0.954   -6.431  1.00 40.52  ? 213 SER A CA  1 
ATOM   682 C  C   . SER A 1 82  ? 1.886   1.933   -6.663  1.00 42.27  ? 213 SER A C   1 
ATOM   683 O  O   . SER A 1 82  ? 0.728   1.522   -6.733  1.00 41.26  ? 213 SER A O   1 
ATOM   684 C  CB  . SER A 1 82  ? 3.022   -0.173  -7.458  1.00 35.52  ? 213 SER A CB  1 
ATOM   685 O  OG  . SER A 1 82  ? 3.377   0.286   -8.745  1.00 35.42  ? 213 SER A OG  1 
ATOM   686 N  N   . LEU A 1 83  ? 2.212   3.221   -6.781  1.00 43.81  ? 214 LEU A N   1 
ATOM   687 C  CA  . LEU A 1 83  ? 1.213   4.267   -6.952  1.00 38.29  ? 214 LEU A CA  1 
ATOM   688 C  C   . LEU A 1 83  ? 1.115   4.917   -8.310  1.00 43.43  ? 214 LEU A C   1 
ATOM   689 O  O   . LEU A 1 83  ? 2.091   4.988   -9.063  1.00 45.40  ? 214 LEU A O   1 
ATOM   690 C  CB  . LEU A 1 83  ? 1.470   5.377   -5.951  1.00 40.44  ? 214 LEU A CB  1 
ATOM   691 C  CG  . LEU A 1 83  ? 1.647   4.986   -4.492  1.00 44.41  ? 214 LEU A CG  1 
ATOM   692 C  CD1 . LEU A 1 83  ? 2.253   6.163   -3.728  1.00 47.19  ? 214 LEU A CD1 1 
ATOM   693 C  CD2 . LEU A 1 83  ? 0.301   4.581   -3.921  1.00 44.25  ? 214 LEU A CD2 1 
HETATM 694 N  N   . MSE A 1 84  ? -0.084  5.389   -8.624  1.00 43.69  ? 215 MSE A N   1 
HETATM 695 C  CA  . MSE A 1 84  ? -0.298  6.115   -9.860  1.00 43.27  ? 215 MSE A CA  1 
HETATM 696 C  C   . MSE A 1 84  ? -0.784  7.471   -9.369  1.00 46.71  ? 215 MSE A C   1 
HETATM 697 O  O   . MSE A 1 84  ? -1.798  7.558   -8.677  1.00 47.29  ? 215 MSE A O   1 
HETATM 698 C  CB  . MSE A 1 84  ? -1.367  5.466   -10.722 1.00 40.37  ? 215 MSE A CB  1 
HETATM 699 C  CG  . MSE A 1 84  ? -1.580  6.191   -12.022 1.00 45.15  ? 215 MSE A CG  1 
HETATM 700 SE SE  . MSE A 1 84  ? -2.783  5.317   -13.236 1.00 64.23  ? 215 MSE A SE  1 
HETATM 701 C  CE  . MSE A 1 84  ? -4.382  5.498   -12.148 1.00 52.18  ? 215 MSE A CE  1 
ATOM   702 N  N   . LEU A 1 85  ? -0.045  8.523   -9.696  1.00 50.11  ? 216 LEU A N   1 
ATOM   703 C  CA  . LEU A 1 85  ? -0.402  9.873   -9.266  1.00 51.39  ? 216 LEU A CA  1 
ATOM   704 C  C   . LEU A 1 85  ? -0.791  10.736  -10.458 1.00 53.86  ? 216 LEU A C   1 
ATOM   705 O  O   . LEU A 1 85  ? 0.018   10.950  -11.368 1.00 56.18  ? 216 LEU A O   1 
ATOM   706 C  CB  . LEU A 1 85  ? 0.782   10.505  -8.525  1.00 46.45  ? 216 LEU A CB  1 
ATOM   707 C  CG  . LEU A 1 85  ? 1.384   9.647   -7.407  1.00 47.60  ? 216 LEU A CG  1 
ATOM   708 C  CD1 . LEU A 1 85  ? 2.663   10.272  -6.891  1.00 48.05  ? 216 LEU A CD1 1 
ATOM   709 C  CD2 . LEU A 1 85  ? 0.376   9.496   -6.291  1.00 47.44  ? 216 LEU A CD2 1 
ATOM   710 N  N   . THR A 1 86  ? -2.029  11.223  -10.464 1.00 51.34  ? 217 THR A N   1 
ATOM   711 C  CA  . THR A 1 86  ? -2.473  12.071  -11.564 1.00 56.11  ? 217 THR A CA  1 
ATOM   712 C  C   . THR A 1 86  ? -2.481  13.541  -11.170 1.00 56.02  ? 217 THR A C   1 
ATOM   713 O  O   . THR A 1 86  ? -3.059  13.927  -10.158 1.00 57.00  ? 217 THR A O   1 
ATOM   714 C  CB  . THR A 1 86  ? -3.872  11.697  -12.042 1.00 54.00  ? 217 THR A CB  1 
ATOM   715 O  OG1 . THR A 1 86  ? -3.891  10.330  -12.462 1.00 51.22  ? 217 THR A OG1 1 
ATOM   716 C  CG2 . THR A 1 86  ? -4.275  12.567  -13.210 1.00 51.16  ? 217 THR A CG2 1 
ATOM   717 N  N   . ASP A 1 87  ? -1.809  14.349  -11.975 1.00 61.52  ? 218 ASP A N   1 
ATOM   718 C  CA  . ASP A 1 87  ? -1.717  15.781  -11.745 1.00 63.63  ? 218 ASP A CA  1 
ATOM   719 C  C   . ASP A 1 87  ? -3.008  16.318  -12.348 1.00 61.74  ? 218 ASP A C   1 
ATOM   720 O  O   . ASP A 1 87  ? -3.174  16.330  -13.569 1.00 62.88  ? 218 ASP A O   1 
ATOM   721 C  CB  . ASP A 1 87  ? -0.509  16.338  -12.505 1.00 70.17  ? 218 ASP A CB  1 
ATOM   722 C  CG  . ASP A 1 87  ? -0.287  17.816  -12.256 1.00 74.46  ? 218 ASP A CG  1 
ATOM   723 O  OD1 . ASP A 1 87  ? -1.285  18.517  -11.973 1.00 69.65  ? 218 ASP A OD1 1 
ATOM   724 O  OD2 . ASP A 1 87  ? 0.883   18.272  -12.360 1.00 73.62  ? 218 ASP A OD2 1 
ATOM   725 N  N   . LYS A 1 88  ? -3.930  16.750  -11.499 1.00 66.08  ? 219 LYS A N   1 
ATOM   726 C  CA  . LYS A 1 88  ? -5.208  17.245  -11.973 1.00 65.80  ? 219 LYS A CA  1 
ATOM   727 C  C   . LYS A 1 88  ? -5.207  18.542  -12.770 1.00 68.06  ? 219 LYS A C   1 
ATOM   728 O  O   . LYS A 1 88  ? -6.217  18.886  -13.380 1.00 70.19  ? 219 LYS A O   1 
ATOM   729 C  CB  . LYS A 1 88  ? -6.181  17.337  -10.794 1.00 60.27  ? 219 LYS A CB  1 
ATOM   730 C  CG  . LYS A 1 88  ? -6.631  15.975  -10.310 1.00 57.96  ? 219 LYS A CG  1 
ATOM   731 C  CD  . LYS A 1 88  ? -7.676  16.063  -9.210  1.00 57.46  ? 219 LYS A CD  1 
ATOM   732 C  CE  . LYS A 1 88  ? -8.267  14.688  -8.901  1.00 54.28  ? 219 LYS A CE  1 
ATOM   733 N  NZ  . LYS A 1 88  ? -9.177  14.741  -7.718  1.00 55.49  ? 219 LYS A NZ  1 
ATOM   734 N  N   . LYS A 1 89  ? -4.093  19.265  -12.776 1.00 68.82  ? 220 LYS A N   1 
ATOM   735 C  CA  . LYS A 1 89  ? -4.038  20.509  -13.545 1.00 72.61  ? 220 LYS A CA  1 
ATOM   736 C  C   . LYS A 1 89  ? -3.825  20.149  -15.015 1.00 73.70  ? 220 LYS A C   1 
ATOM   737 O  O   . LYS A 1 89  ? -4.717  20.324  -15.847 1.00 73.51  ? 220 LYS A O   1 
ATOM   738 C  CB  . LYS A 1 89  ? -2.897  21.410  -13.049 1.00 77.31  ? 220 LYS A CB  1 
ATOM   739 C  CG  . LYS A 1 89  ? -2.715  22.694  -13.853 1.00 83.93  ? 220 LYS A CG  1 
ATOM   740 C  CD  . LYS A 1 89  ? -1.627  23.608  -13.278 1.00 93.23  ? 220 LYS A CD  1 
ATOM   741 C  CE  . LYS A 1 89  ? -1.576  24.943  -14.043 1.00 103.02 ? 220 LYS A CE  1 
ATOM   742 N  NZ  . LYS A 1 89  ? -0.548  25.917  -13.540 1.00 94.69  ? 220 LYS A NZ  1 
ATOM   743 N  N   . ASN A 1 90  ? -2.646  19.602  -15.307 1.00 70.96  ? 221 ASN A N   1 
ATOM   744 C  CA  . ASN A 1 90  ? -2.243  19.190  -16.653 1.00 69.96  ? 221 ASN A CA  1 
ATOM   745 C  C   . ASN A 1 90  ? -2.786  17.836  -17.120 1.00 71.24  ? 221 ASN A C   1 
ATOM   746 O  O   . ASN A 1 90  ? -2.808  17.559  -18.315 1.00 73.14  ? 221 ASN A O   1 
ATOM   747 C  CB  . ASN A 1 90  ? -0.724  19.140  -16.721 1.00 74.92  ? 221 ASN A CB  1 
ATOM   748 C  CG  . ASN A 1 90  ? -0.126  18.368  -15.566 1.00 76.52  ? 221 ASN A CG  1 
ATOM   749 O  OD1 . ASN A 1 90  ? -0.626  17.307  -15.190 1.00 73.28  ? 221 ASN A OD1 1 
ATOM   750 N  ND2 . ASN A 1 90  ? 0.953   18.896  -14.992 1.00 77.01  ? 221 ASN A ND2 1 
ATOM   751 N  N   . ASN A 1 91  ? -3.194  17.002  -16.167 1.00 68.78  ? 222 ASN A N   1 
ATOM   752 C  CA  . ASN A 1 91  ? -3.724  15.651  -16.407 1.00 65.25  ? 222 ASN A CA  1 
ATOM   753 C  C   . ASN A 1 91  ? -2.636  14.620  -16.733 1.00 67.82  ? 222 ASN A C   1 
ATOM   754 O  O   . ASN A 1 91  ? -2.915  13.577  -17.323 1.00 73.38  ? 222 ASN A O   1 
ATOM   755 C  CB  . ASN A 1 91  ? -4.773  15.637  -17.531 1.00 65.96  ? 222 ASN A CB  1 
ATOM   756 C  CG  . ASN A 1 91  ? -5.938  14.688  -17.226 1.00 70.37  ? 222 ASN A CG  1 
ATOM   757 O  OD1 . ASN A 1 91  ? -6.467  14.692  -16.113 1.00 78.79  ? 222 ASN A OD1 1 
ATOM   758 N  ND2 . ASN A 1 91  ? -6.347  13.889  -18.209 1.00 66.05  ? 222 ASN A ND2 1 
ATOM   759 N  N   . GLN A 1 92  ? -1.400  14.897  -16.342 1.00 63.67  ? 223 GLN A N   1 
ATOM   760 C  CA  . GLN A 1 92  ? -0.306  13.968  -16.611 1.00 68.37  ? 223 GLN A CA  1 
ATOM   761 C  C   . GLN A 1 92  ? -0.289  12.925  -15.500 1.00 62.90  ? 223 GLN A C   1 
ATOM   762 O  O   . GLN A 1 92  ? -0.545  13.240  -14.337 1.00 60.35  ? 223 GLN A O   1 
ATOM   763 C  CB  . GLN A 1 92  ? 1.037   14.714  -16.649 1.00 70.52  ? 223 GLN A CB  1 
ATOM   764 C  CG  . GLN A 1 92  ? 1.885   14.480  -17.915 1.00 73.30  ? 223 GLN A CG  1 
ATOM   765 C  CD  . GLN A 1 92  ? 2.932   13.365  -17.769 1.00 79.61  ? 223 GLN A CD  1 
ATOM   766 O  OE1 . GLN A 1 92  ? 2.680   12.205  -18.117 1.00 81.55  ? 223 GLN A OE1 1 
ATOM   767 N  NE2 . GLN A 1 92  ? 4.111   13.718  -17.241 1.00 74.51  ? 223 GLN A NE2 1 
ATOM   768 N  N   . VAL A 1 93  ? 0.014   11.687  -15.869 1.00 61.56  ? 224 VAL A N   1 
ATOM   769 C  CA  . VAL A 1 93  ? 0.068   10.567  -14.929 1.00 60.99  ? 224 VAL A CA  1 
ATOM   770 C  C   . VAL A 1 93  ? 1.510   10.229  -14.513 1.00 58.68  ? 224 VAL A C   1 
ATOM   771 O  O   . VAL A 1 93  ? 2.380   10.035  -15.370 1.00 54.97  ? 224 VAL A O   1 
ATOM   772 C  CB  . VAL A 1 93  ? -0.548  9.312   -15.572 1.00 57.39  ? 224 VAL A CB  1 
ATOM   773 C  CG1 . VAL A 1 93  ? -0.515  8.145   -14.593 1.00 54.14  ? 224 VAL A CG1 1 
ATOM   774 C  CG2 . VAL A 1 93  ? -1.952  9.613   -16.046 1.00 53.58  ? 224 VAL A CG2 1 
ATOM   775 N  N   . TYR A 1 94  ? 1.760   10.144  -13.210 1.00 58.88  ? 225 TYR A N   1 
ATOM   776 C  CA  . TYR A 1 94  ? 3.103   9.814   -12.720 1.00 60.64  ? 225 TYR A CA  1 
ATOM   777 C  C   . TYR A 1 94  ? 3.017   8.583   -11.847 1.00 54.98  ? 225 TYR A C   1 
ATOM   778 O  O   . TYR A 1 94  ? 2.024   8.376   -11.147 1.00 48.27  ? 225 TYR A O   1 
ATOM   779 C  CB  . TYR A 1 94  ? 3.686   10.957  -11.886 1.00 60.27  ? 225 TYR A CB  1 
ATOM   780 C  CG  . TYR A 1 94  ? 3.785   12.276  -12.622 1.00 66.38  ? 225 TYR A CG  1 
ATOM   781 C  CD1 . TYR A 1 94  ? 4.906   12.591  -13.392 1.00 66.80  ? 225 TYR A CD1 1 
ATOM   782 C  CD2 . TYR A 1 94  ? 2.748   13.203  -12.563 1.00 64.66  ? 225 TYR A CD2 1 
ATOM   783 C  CE1 . TYR A 1 94  ? 4.994   13.798  -14.081 1.00 64.89  ? 225 TYR A CE1 1 
ATOM   784 C  CE2 . TYR A 1 94  ? 2.824   14.411  -13.252 1.00 71.51  ? 225 TYR A CE2 1 
ATOM   785 C  CZ  . TYR A 1 94  ? 3.951   14.701  -14.010 1.00 70.36  ? 225 TYR A CZ  1 
ATOM   786 O  OH  . TYR A 1 94  ? 4.017   15.882  -14.717 1.00 77.56  ? 225 TYR A OH  1 
ATOM   787 N  N   . TYR A 1 95  ? 4.062   7.768   -11.888 1.00 57.55  ? 226 TYR A N   1 
ATOM   788 C  CA  . TYR A 1 95  ? 4.099   6.557   -11.085 1.00 52.82  ? 226 TYR A CA  1 
ATOM   789 C  C   . TYR A 1 95  ? 5.131   6.694   -9.974  1.00 56.14  ? 226 TYR A C   1 
ATOM   790 O  O   . TYR A 1 95  ? 6.143   7.362   -10.139 1.00 62.11  ? 226 TYR A O   1 
ATOM   791 C  CB  . TYR A 1 95  ? 4.407   5.360   -11.971 1.00 49.15  ? 226 TYR A CB  1 
ATOM   792 C  CG  . TYR A 1 95  ? 3.292   5.070   -12.947 1.00 47.91  ? 226 TYR A CG  1 
ATOM   793 C  CD1 . TYR A 1 95  ? 3.282   5.627   -14.231 1.00 48.80  ? 226 TYR A CD1 1 
ATOM   794 C  CD2 . TYR A 1 95  ? 2.216   4.280   -12.570 1.00 40.80  ? 226 TYR A CD2 1 
ATOM   795 C  CE1 . TYR A 1 95  ? 2.216   5.399   -15.110 1.00 49.76  ? 226 TYR A CE1 1 
ATOM   796 C  CE2 . TYR A 1 95  ? 1.154   4.050   -13.434 1.00 45.79  ? 226 TYR A CE2 1 
ATOM   797 C  CZ  . TYR A 1 95  ? 1.158   4.609   -14.699 1.00 50.07  ? 226 TYR A CZ  1 
ATOM   798 O  OH  . TYR A 1 95  ? 0.084   4.368   -15.527 1.00 52.44  ? 226 TYR A OH  1 
ATOM   799 N  N   . LYS A 1 96  ? 4.870   6.072   -8.835  1.00 53.15  ? 227 LYS A N   1 
ATOM   800 C  CA  . LYS A 1 96  ? 5.788   6.167   -7.715  1.00 51.10  ? 227 LYS A CA  1 
ATOM   801 C  C   . LYS A 1 96  ? 5.650   4.982   -6.782  1.00 52.55  ? 227 LYS A C   1 
ATOM   802 O  O   . LYS A 1 96  ? 4.542   4.600   -6.404  1.00 50.50  ? 227 LYS A O   1 
ATOM   803 C  CB  . LYS A 1 96  ? 5.532   7.448   -6.923  1.00 51.02  ? 227 LYS A CB  1 
ATOM   804 C  CG  . LYS A 1 96  ? 6.558   7.703   -5.825  1.00 57.69  ? 227 LYS A CG  1 
ATOM   805 C  CD  . LYS A 1 96  ? 6.152   8.861   -4.926  1.00 53.79  ? 227 LYS A CD  1 
ATOM   806 C  CE  . LYS A 1 96  ? 7.371   9.684   -4.506  1.00 70.87  ? 227 LYS A CE  1 
ATOM   807 N  NZ  . LYS A 1 96  ? 8.493   8.857   -3.945  1.00 67.06  ? 227 LYS A NZ  1 
ATOM   808 N  N   . LEU A 1 97  ? 6.785   4.398   -6.418  1.00 53.15  ? 228 LEU A N   1 
ATOM   809 C  CA  . LEU A 1 97  ? 6.796   3.268   -5.501  1.00 55.52  ? 228 LEU A CA  1 
ATOM   810 C  C   . LEU A 1 97  ? 7.045   3.845   -4.108  1.00 53.95  ? 228 LEU A C   1 
ATOM   811 O  O   . LEU A 1 97  ? 7.967   4.627   -3.925  1.00 59.25  ? 228 LEU A O   1 
ATOM   812 C  CB  . LEU A 1 97  ? 7.901   2.287   -5.903  1.00 52.89  ? 228 LEU A CB  1 
ATOM   813 C  CG  . LEU A 1 97  ? 7.732   1.703   -7.313  1.00 57.68  ? 228 LEU A CG  1 
ATOM   814 C  CD1 . LEU A 1 97  ? 9.005   0.971   -7.707  1.00 59.61  ? 228 LEU A CD1 1 
ATOM   815 C  CD2 . LEU A 1 97  ? 6.544   0.754   -7.368  1.00 53.19  ? 228 LEU A CD2 1 
ATOM   816 N  N   . LEU A 1 98  ? 6.217   3.476   -3.138  1.00 49.18  ? 229 LEU A N   1 
ATOM   817 C  CA  . LEU A 1 98  ? 6.355   3.984   -1.774  1.00 53.23  ? 229 LEU A CA  1 
ATOM   818 C  C   . LEU A 1 98  ? 6.382   2.816   -0.796  1.00 55.08  ? 229 LEU A C   1 
ATOM   819 O  O   . LEU A 1 98  ? 5.464   2.001   -0.778  1.00 55.59  ? 229 LEU A O   1 
ATOM   820 C  CB  . LEU A 1 98  ? 5.177   4.906   -1.441  1.00 50.56  ? 229 LEU A CB  1 
ATOM   821 C  CG  . LEU A 1 98  ? 4.926   5.303   0.013   1.00 53.44  ? 229 LEU A CG  1 
ATOM   822 C  CD1 . LEU A 1 98  ? 5.941   6.315   0.461   1.00 58.91  ? 229 LEU A CD1 1 
ATOM   823 C  CD2 . LEU A 1 98  ? 3.544   5.890   0.133   1.00 52.44  ? 229 LEU A CD2 1 
ATOM   824 N  N   . GLU A 1 99  ? 7.417   2.737   0.030   1.00 51.88  ? 230 GLU A N   1 
ATOM   825 C  CA  . GLU A 1 99  ? 7.515   1.639   0.982   1.00 54.52  ? 230 GLU A CA  1 
ATOM   826 C  C   . GLU A 1 99  ? 6.899   1.975   2.335   1.00 55.08  ? 230 GLU A C   1 
ATOM   827 O  O   . GLU A 1 99  ? 7.349   2.904   2.998   1.00 58.48  ? 230 GLU A O   1 
ATOM   828 C  CB  . GLU A 1 99  ? 8.979   1.255   1.165   1.00 58.10  ? 230 GLU A CB  1 
ATOM   829 C  CG  . GLU A 1 99  ? 9.195   0.027   2.018   1.00 59.55  ? 230 GLU A CG  1 
ATOM   830 C  CD  . GLU A 1 99  ? 10.584  -0.545  1.838   1.00 68.24  ? 230 GLU A CD  1 
ATOM   831 O  OE1 . GLU A 1 99  ? 10.964  -0.812  0.673   1.00 63.91  ? 230 GLU A OE1 1 
ATOM   832 O  OE2 . GLU A 1 99  ? 11.287  -0.724  2.856   1.00 67.07  ? 230 GLU A OE2 1 
ATOM   833 N  N   . VAL A 1 100 ? 5.876   1.229   2.757   1.00 48.51  ? 231 VAL A N   1 
ATOM   834 C  CA  . VAL A 1 100 ? 5.257   1.512   4.046   1.00 47.68  ? 231 VAL A CA  1 
ATOM   835 C  C   . VAL A 1 100 ? 5.252   0.314   4.979   1.00 50.84  ? 231 VAL A C   1 
ATOM   836 O  O   . VAL A 1 100 ? 5.116   -0.834  4.551   1.00 48.65  ? 231 VAL A O   1 
ATOM   837 C  CB  . VAL A 1 100 ? 3.821   2.011   3.891   1.00 48.62  ? 231 VAL A CB  1 
ATOM   838 C  CG1 . VAL A 1 100 ? 3.752   2.984   2.742   1.00 47.23  ? 231 VAL A CG1 1 
ATOM   839 C  CG2 . VAL A 1 100 ? 2.886   0.857   3.679   1.00 57.96  ? 231 VAL A CG2 1 
ATOM   840 N  N   . SER A 1 101 ? 5.396   0.599   6.266   1.00 50.00  ? 232 SER A N   1 
ATOM   841 C  CA  . SER A 1 101 ? 5.420   -0.430  7.288   1.00 55.30  ? 232 SER A CA  1 
ATOM   842 C  C   . SER A 1 101 ? 4.247   -0.238  8.237   1.00 51.20  ? 232 SER A C   1 
ATOM   843 O  O   . SER A 1 101 ? 3.403   0.633   8.021   1.00 50.35  ? 232 SER A O   1 
ATOM   844 C  CB  . SER A 1 101 ? 6.726   -0.342  8.060   1.00 46.96  ? 232 SER A CB  1 
ATOM   845 O  OG  . SER A 1 101 ? 6.879   0.967   8.563   1.00 55.58  ? 232 SER A OG  1 
ATOM   846 N  N   . GLY A 1 102 ? 4.186   -1.059  9.282   1.00 49.59  ? 233 GLY A N   1 
ATOM   847 C  CA  . GLY A 1 102 ? 3.103   -0.932  10.237  1.00 51.05  ? 233 GLY A CA  1 
ATOM   848 C  C   . GLY A 1 102 ? 2.017   -1.973  10.045  1.00 53.38  ? 233 GLY A C   1 
ATOM   849 O  O   . GLY A 1 102 ? 0.946   -1.897  10.669  1.00 54.59  ? 233 GLY A O   1 
ATOM   850 N  N   . PHE A 1 103 ? 2.260   -2.919  9.145   1.00 50.65  ? 234 PHE A N   1 
ATOM   851 C  CA  . PHE A 1 103 ? 1.290   -3.972  8.903   1.00 54.32  ? 234 PHE A CA  1 
ATOM   852 C  C   . PHE A 1 103 ? 1.604   -5.094  9.885   1.00 53.55  ? 234 PHE A C   1 
ATOM   853 O  O   . PHE A 1 103 ? 2.683   -5.126  10.484  1.00 52.65  ? 234 PHE A O   1 
ATOM   854 C  CB  . PHE A 1 103 ? 1.415   -4.480  7.472   1.00 51.04  ? 234 PHE A CB  1 
ATOM   855 C  CG  . PHE A 1 103 ? 1.040   -3.464  6.438   1.00 50.31  ? 234 PHE A CG  1 
ATOM   856 C  CD1 . PHE A 1 103 ? -0.297  -3.178  6.174   1.00 48.89  ? 234 PHE A CD1 1 
ATOM   857 C  CD2 . PHE A 1 103 ? 2.026   -2.761  5.749   1.00 51.73  ? 234 PHE A CD2 1 
ATOM   858 C  CE1 . PHE A 1 103 ? -0.645  -2.202  5.241   1.00 47.93  ? 234 PHE A CE1 1 
ATOM   859 C  CE2 . PHE A 1 103 ? 1.681   -1.783  4.813   1.00 49.41  ? 234 PHE A CE2 1 
ATOM   860 C  CZ  . PHE A 1 103 ? 0.346   -1.503  4.561   1.00 49.20  ? 234 PHE A CZ  1 
ATOM   861 N  N   . LYS A 1 104 ? 0.657   -5.999  10.085  1.00 48.62  ? 235 LYS A N   1 
ATOM   862 C  CA  . LYS A 1 104 ? 0.881   -7.114  10.993  1.00 46.72  ? 235 LYS A CA  1 
ATOM   863 C  C   . LYS A 1 104 ? 2.138   -7.883  10.584  1.00 51.49  ? 235 LYS A C   1 
ATOM   864 O  O   . LYS A 1 104 ? 2.505   -7.914  9.407   1.00 52.97  ? 235 LYS A O   1 
ATOM   865 C  CB  . LYS A 1 104 ? -0.319  -8.049  10.973  1.00 47.58  ? 235 LYS A CB  1 
ATOM   866 C  CG  . LYS A 1 104 ? -0.152  -9.242  11.874  1.00 48.62  ? 235 LYS A CG  1 
ATOM   867 C  CD  . LYS A 1 104 ? -1.502  -9.799  12.256  1.00 48.14  ? 235 LYS A CD  1 
ATOM   868 C  CE  . LYS A 1 104 ? -1.362  -11.007 13.154  1.00 45.67  ? 235 LYS A CE  1 
ATOM   869 N  NZ  . LYS A 1 104 ? -2.687  -11.620 13.443  1.00 50.71  ? 235 LYS A NZ  1 
ATOM   870 N  N   . SER A 1 105 ? 2.809   -8.498  11.552  1.00 56.06  ? 236 SER A N   1 
ATOM   871 C  CA  . SER A 1 105 ? 4.024   -9.272  11.268  1.00 54.88  ? 236 SER A CA  1 
ATOM   872 C  C   . SER A 1 105 ? 4.215   -10.396 12.283  1.00 57.56  ? 236 SER A C   1 
ATOM   873 O  O   . SER A 1 105 ? 3.584   -10.405 13.341  1.00 59.06  ? 236 SER A O   1 
ATOM   874 C  CB  . SER A 1 105 ? 5.244   -8.357  11.307  1.00 52.25  ? 236 SER A CB  1 
ATOM   875 O  OG  . SER A 1 105 ? 5.405   -7.817  12.606  1.00 46.90  ? 236 SER A OG  1 
ATOM   876 N  N   . ASN A 1 106 ? 5.063   -11.357 11.933  1.00 60.87  ? 237 ASN A N   1 
ATOM   877 C  CA  . ASN A 1 106 ? 5.381   -12.469 12.812  1.00 63.06  ? 237 ASN A CA  1 
ATOM   878 C  C   . ASN A 1 106 ? 6.858   -12.731 12.538  1.00 64.15  ? 237 ASN A C   1 
ATOM   879 O  O   . ASN A 1 106 ? 7.293   -12.728 11.382  1.00 63.45  ? 237 ASN A O   1 
ATOM   880 C  CB  . ASN A 1 106 ? 4.502   -13.694 12.500  1.00 60.31  ? 237 ASN A CB  1 
ATOM   881 C  CG  . ASN A 1 106 ? 5.132   -14.654 11.509  1.00 63.64  ? 237 ASN A CG  1 
ATOM   882 O  OD1 . ASN A 1 106 ? 5.084   -14.444 10.295  1.00 63.85  ? 237 ASN A OD1 1 
ATOM   883 N  ND2 . ASN A 1 106 ? 5.718   -15.736 12.032  1.00 64.89  ? 237 ASN A ND2 1 
ATOM   884 N  N   . PRO A 1 107 ? 7.646   -12.966 13.595  1.00 68.55  ? 238 PRO A N   1 
ATOM   885 C  CA  . PRO A 1 107 ? 9.092   -13.224 13.537  1.00 67.71  ? 238 PRO A CA  1 
ATOM   886 C  C   . PRO A 1 107 ? 9.657   -14.197 12.493  1.00 67.31  ? 238 PRO A C   1 
ATOM   887 O  O   . PRO A 1 107 ? 10.805  -14.046 12.095  1.00 69.89  ? 238 PRO A O   1 
ATOM   888 C  CB  . PRO A 1 107 ? 9.411   -13.645 14.966  1.00 63.98  ? 238 PRO A CB  1 
ATOM   889 C  CG  . PRO A 1 107 ? 8.184   -14.420 15.332  1.00 70.12  ? 238 PRO A CG  1 
ATOM   890 C  CD  . PRO A 1 107 ? 7.076   -13.524 14.834  1.00 68.99  ? 238 PRO A CD  1 
ATOM   891 N  N   . TYR A 1 108 ? 8.872   -15.164 12.031  1.00 67.33  ? 239 TYR A N   1 
ATOM   892 C  CA  . TYR A 1 108 ? 9.379   -16.101 11.034  1.00 66.81  ? 239 TYR A CA  1 
ATOM   893 C  C   . TYR A 1 108 ? 8.841   -15.865 9.623   1.00 66.81  ? 239 TYR A C   1 
ATOM   894 O  O   . TYR A 1 108 ? 9.285   -16.503 8.662   1.00 67.21  ? 239 TYR A O   1 
ATOM   895 C  CB  . TYR A 1 108 ? 9.067   -17.542 11.450  1.00 74.37  ? 239 TYR A CB  1 
ATOM   896 C  CG  . TYR A 1 108 ? 9.464   -17.867 12.862  1.00 76.31  ? 239 TYR A CG  1 
ATOM   897 C  CD1 . TYR A 1 108 ? 10.681  -17.428 13.369  1.00 78.43  ? 239 TYR A CD1 1 
ATOM   898 C  CD2 . TYR A 1 108 ? 8.636   -18.628 13.686  1.00 78.00  ? 239 TYR A CD2 1 
ATOM   899 C  CE1 . TYR A 1 108 ? 11.072  -17.735 14.659  1.00 80.74  ? 239 TYR A CE1 1 
ATOM   900 C  CE2 . TYR A 1 108 ? 9.018   -18.944 14.983  1.00 82.66  ? 239 TYR A CE2 1 
ATOM   901 C  CZ  . TYR A 1 108 ? 10.239  -18.496 15.462  1.00 86.04  ? 239 TYR A CZ  1 
ATOM   902 O  OH  . TYR A 1 108 ? 10.633  -18.830 16.737  1.00 97.10  ? 239 TYR A OH  1 
ATOM   903 N  N   . GLY A 1 109 ? 7.857   -14.981 9.505   1.00 58.71  ? 240 GLY A N   1 
ATOM   904 C  CA  . GLY A 1 109 ? 7.296   -14.678 8.204   1.00 58.08  ? 240 GLY A CA  1 
ATOM   905 C  C   . GLY A 1 109 ? 6.241   -15.650 7.713   1.00 54.76  ? 240 GLY A C   1 
ATOM   906 O  O   . GLY A 1 109 ? 5.828   -15.592 6.562   1.00 55.14  ? 240 GLY A O   1 
ATOM   907 N  N   . VAL A 1 110 ? 5.810   -16.562 8.571   1.00 56.41  ? 241 VAL A N   1 
ATOM   908 C  CA  . VAL A 1 110 ? 4.793   -17.529 8.170   1.00 56.37  ? 241 VAL A CA  1 
ATOM   909 C  C   . VAL A 1 110 ? 3.528   -16.758 7.781   1.00 54.97  ? 241 VAL A C   1 
ATOM   910 O  O   . VAL A 1 110 ? 3.222   -15.751 8.405   1.00 53.65  ? 241 VAL A O   1 
ATOM   911 C  CB  . VAL A 1 110 ? 4.503   -18.521 9.334   1.00 55.87  ? 241 VAL A CB  1 
ATOM   912 C  CG1 . VAL A 1 110 ? 4.298   -17.748 10.620  1.00 62.14  ? 241 VAL A CG1 1 
ATOM   913 C  CG2 . VAL A 1 110 ? 3.282   -19.375 9.022   1.00 56.94  ? 241 VAL A CG2 1 
ATOM   914 N  N   . ASP A 1 111 ? 2.802   -17.209 6.756   1.00 53.60  ? 242 ASP A N   1 
ATOM   915 C  CA  . ASP A 1 111 ? 1.592   -16.502 6.325   1.00 53.51  ? 242 ASP A CA  1 
ATOM   916 C  C   . ASP A 1 111 ? 0.297   -16.986 6.981   1.00 51.15  ? 242 ASP A C   1 
ATOM   917 O  O   . ASP A 1 111 ? 0.299   -17.950 7.748   1.00 53.63  ? 242 ASP A O   1 
ATOM   918 C  CB  . ASP A 1 111 ? 1.442   -16.553 4.794   1.00 50.46  ? 242 ASP A CB  1 
ATOM   919 C  CG  . ASP A 1 111 ? 1.120   -17.949 4.277   1.00 57.19  ? 242 ASP A CG  1 
ATOM   920 O  OD1 . ASP A 1 111 ? 0.893   -18.864 5.101   1.00 57.38  ? 242 ASP A OD1 1 
ATOM   921 O  OD2 . ASP A 1 111 ? 1.084   -18.130 3.034   1.00 57.66  ? 242 ASP A OD2 1 
ATOM   922 N  N   . GLU A 1 112 ? -0.800  -16.306 6.646   1.00 49.89  ? 243 GLU A N   1 
ATOM   923 C  CA  . GLU A 1 112 ? -2.127  -16.592 7.191   1.00 54.04  ? 243 GLU A CA  1 
ATOM   924 C  C   . GLU A 1 112 ? -2.606  -18.035 7.010   1.00 57.53  ? 243 GLU A C   1 
ATOM   925 O  O   . GLU A 1 112 ? -3.592  -18.448 7.621   1.00 53.78  ? 243 GLU A O   1 
ATOM   926 C  CB  . GLU A 1 112 ? -3.164  -15.647 6.572   1.00 49.50  ? 243 GLU A CB  1 
ATOM   927 C  CG  . GLU A 1 112 ? -3.427  -15.931 5.102   1.00 48.34  ? 243 GLU A CG  1 
ATOM   928 C  CD  . GLU A 1 112 ? -2.459  -15.206 4.187   1.00 49.75  ? 243 GLU A CD  1 
ATOM   929 O  OE1 . GLU A 1 112 ? -1.314  -14.940 4.612   1.00 49.73  ? 243 GLU A OE1 1 
ATOM   930 O  OE2 . GLU A 1 112 ? -2.838  -14.906 3.035   1.00 52.42  ? 243 GLU A OE2 1 
ATOM   931 N  N   . ASN A 1 113 ? -1.933  -18.791 6.152   1.00 56.42  ? 244 ASN A N   1 
ATOM   932 C  CA  . ASN A 1 113 ? -2.319  -20.172 5.912   1.00 55.84  ? 244 ASN A CA  1 
ATOM   933 C  C   . ASN A 1 113 ? -1.246  -21.123 6.431   1.00 60.03  ? 244 ASN A C   1 
ATOM   934 O  O   . ASN A 1 113 ? -1.116  -22.250 5.962   1.00 67.10  ? 244 ASN A O   1 
ATOM   935 C  CB  . ASN A 1 113 ? -2.597  -20.378 4.412   1.00 57.67  ? 244 ASN A CB  1 
ATOM   936 C  CG  . ASN A 1 113 ? -3.971  -19.862 4.008   1.00 59.87  ? 244 ASN A CG  1 
ATOM   937 O  OD1 . ASN A 1 113 ? -4.151  -19.271 2.940   1.00 60.46  ? 244 ASN A OD1 1 
ATOM   938 N  ND2 . ASN A 1 113 ? -4.957  -20.099 4.873   1.00 61.50  ? 244 ASN A ND2 1 
ATOM   939 N  N   . GLY A 1 114 ? -0.470  -20.645 7.399   1.00 57.67  ? 245 GLY A N   1 
ATOM   940 C  CA  . GLY A 1 114 ? 0.577   -21.457 7.996   1.00 56.61  ? 245 GLY A CA  1 
ATOM   941 C  C   . GLY A 1 114 ? 1.848   -21.746 7.220   1.00 58.87  ? 245 GLY A C   1 
ATOM   942 O  O   . GLY A 1 114 ? 2.740   -22.401 7.740   1.00 62.39  ? 245 GLY A O   1 
ATOM   943 N  N   . THR A 1 115 ? 1.947   -21.286 5.981   1.00 58.43  ? 246 THR A N   1 
ATOM   944 C  CA  . THR A 1 115 ? 3.151   -21.546 5.189   1.00 56.48  ? 246 THR A CA  1 
ATOM   945 C  C   . THR A 1 115 ? 4.413   -20.925 5.800   1.00 58.48  ? 246 THR A C   1 
ATOM   946 O  O   . THR A 1 115 ? 4.376   -19.797 6.273   1.00 59.11  ? 246 THR A O   1 
ATOM   947 C  CB  . THR A 1 115 ? 2.990   -21.017 3.762   1.00 54.41  ? 246 THR A CB  1 
ATOM   948 O  OG1 . THR A 1 115 ? 1.872   -21.660 3.147   1.00 58.96  ? 246 THR A OG1 1 
ATOM   949 C  CG2 . THR A 1 115 ? 4.243   -21.285 2.936   1.00 55.98  ? 246 THR A CG2 1 
ATOM   950 N  N   . ILE A 1 116 ? 5.519   -21.675 5.812   1.00 58.84  ? 247 ILE A N   1 
ATOM   951 C  CA  . ILE A 1 116 ? 6.794   -21.183 6.346   1.00 56.62  ? 247 ILE A CA  1 
ATOM   952 C  C   . ILE A 1 116 ? 7.716   -20.775 5.197   1.00 59.47  ? 247 ILE A C   1 
ATOM   953 O  O   . ILE A 1 116 ? 7.857   -21.505 4.207   1.00 62.13  ? 247 ILE A O   1 
ATOM   954 C  CB  . ILE A 1 116 ? 7.560   -22.255 7.142   1.00 58.84  ? 247 ILE A CB  1 
ATOM   955 C  CG1 . ILE A 1 116 ? 6.748   -22.716 8.343   1.00 62.92  ? 247 ILE A CG1 1 
ATOM   956 C  CG2 . ILE A 1 116 ? 8.890   -21.696 7.604   1.00 57.57  ? 247 ILE A CG2 1 
ATOM   957 C  CD1 . ILE A 1 116 ? 5.926   -23.953 8.078   1.00 63.90  ? 247 ILE A CD1 1 
ATOM   958 N  N   . PRO A 1 117 ? 8.369   -19.608 5.314   1.00 60.19  ? 248 PRO A N   1 
ATOM   959 C  CA  . PRO A 1 117 ? 9.279   -19.136 4.262   1.00 60.98  ? 248 PRO A CA  1 
ATOM   960 C  C   . PRO A 1 117 ? 10.392  -20.142 3.904   1.00 70.91  ? 248 PRO A C   1 
ATOM   961 O  O   . PRO A 1 117 ? 11.241  -20.465 4.743   1.00 67.11  ? 248 PRO A O   1 
ATOM   962 C  CB  . PRO A 1 117 ? 9.858   -17.864 4.866   1.00 52.68  ? 248 PRO A CB  1 
ATOM   963 C  CG  . PRO A 1 117 ? 8.745   -17.350 5.692   1.00 55.64  ? 248 PRO A CG  1 
ATOM   964 C  CD  . PRO A 1 117 ? 8.242   -18.598 6.381   1.00 58.05  ? 248 PRO A CD  1 
ATOM   965 N  N   . GLY A 1 118 ? 10.387  -20.641 2.671   1.00 71.35  ? 249 GLY A N   1 
ATOM   966 C  CA  . GLY A 1 118 ? 11.431  -21.565 2.257   1.00 70.27  ? 249 GLY A CA  1 
ATOM   967 C  C   . GLY A 1 118 ? 11.306  -23.046 2.549   1.00 72.12  ? 249 GLY A C   1 
ATOM   968 O  O   . GLY A 1 118 ? 12.186  -23.813 2.171   1.00 72.02  ? 249 GLY A O   1 
ATOM   969 N  N   . LEU A 1 119 ? 10.227  -23.433 3.230   1.00 69.11  ? 250 LEU A N   1 
ATOM   970 C  CA  . LEU A 1 119 ? 10.032  -24.844 3.527   1.00 70.10  ? 250 LEU A CA  1 
ATOM   971 C  C   . LEU A 1 119 ? 8.903   -25.479 2.767   1.00 78.07  ? 250 LEU A C   1 
ATOM   972 O  O   . LEU A 1 119 ? 7.739   -25.062 2.766   1.00 80.37  ? 250 LEU A O   1 
ATOM   973 C  CB  . LEU A 1 119 ? 9.804   -25.064 5.034   1.00 68.85  ? 250 LEU A CB  1 
ATOM   974 C  CG  . LEU A 1 119 ? 11.076  -25.145 5.883   1.00 68.08  ? 250 LEU A CG  1 
ATOM   975 C  CD1 . LEU A 1 119 ? 10.692  -25.095 7.347   1.00 70.74  ? 250 LEU A CD1 1 
ATOM   976 C  CD2 . LEU A 1 119 ? 11.828  -26.417 5.578   1.00 64.46  ? 250 LEU A CD2 1 
ATOM   977 N  N   . GLU A 1 120 ? 9.333   -26.529 2.082   1.00 77.56  ? 251 GLU A N   1 
ATOM   978 C  CA  . GLU A 1 120 ? 8.571   -27.421 1.234   1.00 84.75  ? 251 GLU A CA  1 
ATOM   979 C  C   . GLU A 1 120 ? 8.459   -26.975 -0.216  1.00 89.36  ? 251 GLU A C   1 
ATOM   980 O  O   . GLU A 1 120 ? 9.166   -27.624 -0.990  1.00 80.97  ? 251 GLU A O   1 
ATOM   981 C  CB  . GLU A 1 120 ? 7.189   -27.727 1.806   1.00 81.97  ? 251 GLU A CB  1 
ATOM   982 C  CG  . GLU A 1 120 ? 7.253   -28.465 3.153   1.00 75.89  ? 251 GLU A CG  1 
ATOM   983 C  CD  . GLU A 1 120 ? 5.844   -28.851 3.644   1.00 96.22  ? 251 GLU A CD  1 
ATOM   984 O  OE1 . GLU A 1 120 ? 4.838   -28.384 2.989   1.00 102.76 ? 251 GLU A OE1 1 
ATOM   985 O  OE2 . GLU A 1 120 ? 5.734   -29.606 4.679   1.00 92.25  ? 251 GLU A OE2 1 
HETATM 986 O  O   . HOH B 2 .   ? -4.781  -9.963  -4.797  1.00 35.52  ? 301 HOH A O   1 
HETATM 987 O  O   . HOH B 2 .   ? 3.301   -1.375  -10.956 1.00 40.68  ? 302 HOH A O   1 
HETATM 988 O  O   . HOH B 2 .   ? 3.804   13.430  5.401   1.00 68.96  ? 303 HOH A O   1 
HETATM 989 O  O   . HOH B 2 .   ? 1.709   -7.008  -6.861  1.00 42.45  ? 305 HOH A O   1 
HETATM 990 O  O   . HOH B 2 .   ? -9.884  -6.294  -1.918  1.00 42.11  ? 306 HOH A O   1 
HETATM 991 O  O   . HOH B 2 .   ? -8.061  17.325  0.266   1.00 59.84  ? 307 HOH A O   1 
HETATM 992 O  O   . HOH B 2 .   ? -5.833  2.040   -5.443  1.00 37.69  ? 308 HOH A O   1 
HETATM 993 O  O   . HOH B 2 .   ? -9.093  -14.516 -2.092  1.00 45.36  ? 310 HOH A O   1 
HETATM 994 O  O   . HOH B 2 .   ? -10.904 24.724  -4.335  1.00 46.63  ? 311 HOH A O   1 
HETATM 995 O  O   . HOH B 2 .   ? -4.031  8.483   -10.391 1.00 47.15  ? 312 HOH A O   1 
HETATM 996 O  O   . HOH B 2 .   ? 1.236   -16.363 10.385  1.00 52.45  ? 313 HOH A O   1 
HETATM 997 O  O   . HOH B 2 .   ? -12.020 -9.068  -8.206  1.00 40.59  ? 314 HOH A O   1 
HETATM 998 O  O   . HOH B 2 .   ? 9.972   -8.737  1.291   1.00 54.24  ? 315 HOH A O   1 
HETATM 999 O  O   . HOH B 2 .   ? 7.540   4.460   -14.686 1.00 64.28  ? 316 HOH A O   1 
# 
